data_9FGG
#
_entry.id   9FGG
#
_cell.length_a   1.00
_cell.length_b   1.00
_cell.length_c   1.00
_cell.angle_alpha   90.00
_cell.angle_beta   90.00
_cell.angle_gamma   90.00
#
_symmetry.space_group_name_H-M   'P 1'
#
loop_
_entity.id
_entity.type
_entity.pdbx_description
1 polymer 'Gamma-aminobutyric acid receptor subunit alpha-1'
2 polymer 'Gamma-aminobutyric acid receptor subunit beta-3'
3 polymer 'Gamma-aminobutyric acid receptor subunit gamma-2'
4 polymer Megabody-38
5 branched alpha-D-mannopyranose-(1-2)-alpha-D-mannopyranose-(1-2)-alpha-D-mannopyranose-(1-3)-[alpha-D-mannopyranose-(1-3)-[alpha-D-mannopyranose-(1-6)]alpha-D-mannopyranose-(1-6)]beta-D-mannopyranose-(1-4)-2-acetamido-2-deoxy-beta-D-glucopyranose-(1-4)-2-acetamido-2-deoxy-beta-D-glucopyranose
6 branched 2-acetamido-2-deoxy-beta-D-glucopyranose-(1-4)-2-acetamido-2-deoxy-beta-D-glucopyranose
7 branched alpha-D-mannopyranose-(1-3)-alpha-D-mannopyranose-(1-6)-[alpha-D-mannopyranose-(1-3)]beta-D-mannopyranose-(1-4)-2-acetamido-2-deoxy-beta-D-glucopyranose-(1-4)-2-acetamido-2-deoxy-beta-D-glucopyranose
8 branched alpha-D-mannopyranose-(1-3)-[alpha-D-mannopyranose-(1-6)]beta-D-mannopyranose-(1-4)-2-acetamido-2-deoxy-beta-D-glucopyranose-(1-4)-2-acetamido-2-deoxy-beta-D-glucopyranose
9 non-polymer '[(2R)-2-octanoyloxy-3-[oxidanyl-[(1R,2R,3S,4R,5R,6S)-2,3,6-tris(oxidanyl)-4,5-diphosphonooxy-cyclohexyl]oxy-phosphoryl]oxy-propyl] octanoate'
10 non-polymer DECANE
11 non-polymer 'CHLORIDE ION'
12 non-polymer 'GAMMA-AMINO-BUTANOIC ACID'
13 non-polymer Etomidate
14 non-polymer 2-acetamido-2-deoxy-beta-D-glucopyranose
15 non-polymer HEXADECANE
#
loop_
_entity_poly.entity_id
_entity_poly.type
_entity_poly.pdbx_seq_one_letter_code
_entity_poly.pdbx_strand_id
1 'polypeptide(L)'
;MKKSPGLSDYLWAWTLFLSTLTGRSYGDYKDDDDKQPSLQDELKDNTTVFTRILDRLLDGYDNRLRPGLGERVTEVKTDI
FVTSFGPVSDHDMEYTIDVFFRQSWKDERLKFKGPMTVLRLNNLMASKIWTPDTFFHNGKKSVAHNMTMPNKLLRITEDG
TLLYTMRLTVRAECPMHLEDFPMDAHACPLKFGSYAYTRAEVVYEWTREPARSVVVAEDGSRLNQYDLLGQTVDSGIVQS
STGEYVVMTTHFHLKRKIGYFVIQTYLPCIMTVILSQVSFWLNRESVPARTVFGVTTVLTMTTLSISARNSLPKVAYATA
MDWFIAVCYAFVFSALIEFATVNYFTKRGYAWDGKSVVPEKPKKVKDPLIKKNNTYAPTATSYTPNLARGDPGLATIAKS
ATIEPKEVKPETKPPEPKKTFNSVSKIDRLSRIAFPLLFGIFNLVYWATYLNREPQLKAPTPHQ
;
A,D
2 'polypeptide(L)'
;MCSGLLELLLPIWLSWTLGTRGSEPRSVNDPGNMSFVKETVDKLLKGYDIRLRPDFGGPPVCVGMNIDIASIDMVSEVNM
DYTLTMYFQQYWRDKRLAYSGIPLNLTLDNRVADQLWVPDTYFLNDKKSFVHGVTVKNRMIRLHPDGTVLYGLRITTTAA
CMMDLRRYPLDEQNCTLEIESYGYTTDDIEFYWRGGDKAVTGVERIELPQFSIVEHRLVSRNVVFATGAYPRLSLSFRLK
RNIGYFILQTYMPSILITILSWVSFWINYDASAARVALGITTVLTMTTINTHLRETLPKIPYVKAIDMYLMGCFVFVFLA
LLEYAFVNYIFFGRGPQRQKKLAEKTAKAKNDRSKSESNRVDAHGNILLTSLEVHNEMNEVSGGIGDTRNSAISFDNSGI
QYRKQSMPREGHGRFLGDRSLPHKKTHLRRRSSQLKIKIPDLTDVNAIDRWSRIVFPFTFSLFNLVYWLYYVN
;
B,E
3 'polypeptide(L)'
;MSSPNIWSTGSSVYSTPVFSQKMTVWILLLLSLYPGFTSQKSDDDYEDYASNKTWVLTPKVPEGDVTVILNNLLEGYDNK
LRPDIGVKPTLIHTDMYVNSIGPVNAINMEYTIDIFFAQTWYDRRLKFNSTIKVLRLNSNMVGKIWIPDTFFRNSKKADA
HWITTPNRMLRIWNDGRVLYTLRLTIDAECQLQLHNFPMDEHSCPLEFSSYGYPREEIVYQWKRSSVEVGDTRSWRLYQF
SFVGLRNTTEVVKTTSGDYVVMSVYFDLSRRMGYFTIQTYIPCTLIVVLSWVSFWINKDAVPARTSLGITTVLTMTTLST
IARKSLPKVSYVTAMDLFVSVCFIFVFSALVEYGTLHYFVSNRKPSKDKDKKKKNPLLRMFSFKAPTIDIRPRSATIQMN
NATHLQERDEEYGYECLDGKDCASFFCCFEDCRTGAWRHGRIHIRIAKMDSYARIFFPTAFCLFNLVYWVSYLYLGGSGG
SGGSGKTETSQVAPA
;
C
4 'polypeptide(L)'
;QVQLQESGGGLVQKYGSLRVSCAASGRTFTTYIMAWFRQAPGKEREFLAAMDQGRIQYYGDSVRGRFTISRDYAKNSVDL
QLDGLRPEDTAVYYCAAGAGFWGLRTASSYHYWGQGTQVTVSSHHHHHHEPEA
;
G
#
# COMPACT_ATOMS: atom_id res chain seq x y z
N THR A 47 -19.94 -48.51 -5.70
CA THR A 47 -19.97 -47.07 -5.41
C THR A 47 -21.13 -46.38 -6.11
N THR A 48 -21.81 -47.09 -7.00
CA THR A 48 -22.93 -46.50 -7.71
C THR A 48 -24.14 -46.29 -6.82
N VAL A 49 -24.18 -46.92 -5.64
CA VAL A 49 -25.28 -46.69 -4.71
C VAL A 49 -25.30 -45.24 -4.27
N PHE A 50 -24.12 -44.69 -3.93
CA PHE A 50 -24.06 -43.31 -3.48
C PHE A 50 -24.24 -42.33 -4.63
N THR A 51 -23.85 -42.72 -5.84
CA THR A 51 -24.13 -41.89 -7.01
C THR A 51 -25.63 -41.77 -7.25
N ARG A 52 -26.36 -42.89 -7.10
CA ARG A 52 -27.81 -42.84 -7.30
C ARG A 52 -28.51 -42.03 -6.23
N ILE A 53 -27.99 -42.04 -5.00
CA ILE A 53 -28.58 -41.22 -3.94
C ILE A 53 -28.41 -39.74 -4.26
N LEU A 54 -27.22 -39.35 -4.73
CA LEU A 54 -26.98 -37.96 -5.07
C LEU A 54 -27.86 -37.51 -6.23
N ASP A 55 -28.04 -38.37 -7.23
CA ASP A 55 -28.87 -38.01 -8.38
C ASP A 55 -30.32 -37.80 -7.96
N ARG A 56 -30.82 -38.64 -7.06
CA ARG A 56 -32.19 -38.47 -6.57
C ARG A 56 -32.35 -37.18 -5.79
N LEU A 57 -31.36 -36.83 -4.98
CA LEU A 57 -31.44 -35.58 -4.21
C LEU A 57 -31.52 -34.37 -5.13
N LEU A 58 -30.75 -34.37 -6.21
CA LEU A 58 -30.68 -33.23 -7.12
C LEU A 58 -31.73 -33.27 -8.22
N ASP A 59 -32.53 -34.32 -8.30
CA ASP A 59 -33.56 -34.40 -9.32
C ASP A 59 -34.76 -33.56 -8.91
N GLY A 60 -35.10 -32.58 -9.75
CA GLY A 60 -36.20 -31.70 -9.42
C GLY A 60 -35.92 -30.76 -8.26
N TYR A 61 -34.66 -30.51 -7.96
CA TYR A 61 -34.26 -29.63 -6.87
C TYR A 61 -33.98 -28.24 -7.41
N ASP A 62 -34.52 -27.23 -6.75
CA ASP A 62 -34.33 -25.84 -7.14
C ASP A 62 -33.49 -25.15 -6.08
N ASN A 63 -32.26 -24.78 -6.44
CA ASN A 63 -31.39 -24.08 -5.52
C ASN A 63 -31.66 -22.58 -5.47
N ARG A 64 -32.62 -22.10 -6.27
CA ARG A 64 -33.05 -20.72 -6.20
C ARG A 64 -34.02 -20.45 -5.05
N LEU A 65 -34.59 -21.50 -4.46
CA LEU A 65 -35.59 -21.37 -3.42
C LEU A 65 -34.99 -21.80 -2.10
N ARG A 66 -35.11 -20.95 -1.08
CA ARG A 66 -34.69 -21.31 0.25
C ARG A 66 -35.57 -22.44 0.79
N PRO A 67 -35.03 -23.32 1.63
CA PRO A 67 -35.85 -24.40 2.18
C PRO A 67 -36.96 -23.86 3.07
N GLY A 68 -38.16 -24.37 2.86
CA GLY A 68 -39.31 -23.87 3.57
C GLY A 68 -39.85 -22.55 3.05
N LEU A 69 -39.54 -22.20 1.81
CA LEU A 69 -40.02 -20.94 1.24
C LEU A 69 -41.54 -20.92 1.21
N GLY A 70 -42.11 -19.84 1.74
CA GLY A 70 -43.55 -19.68 1.82
C GLY A 70 -44.23 -20.52 2.87
N GLU A 71 -43.49 -21.30 3.65
CA GLU A 71 -44.06 -22.18 4.66
C GLU A 71 -43.55 -21.85 6.07
N ARG A 72 -42.24 -21.71 6.24
CA ARG A 72 -41.66 -21.45 7.54
C ARG A 72 -40.44 -20.55 7.36
N VAL A 73 -39.79 -20.22 8.46
CA VAL A 73 -38.59 -19.40 8.46
C VAL A 73 -37.38 -20.32 8.50
N THR A 74 -36.46 -20.13 7.56
CA THR A 74 -35.24 -20.92 7.56
C THR A 74 -34.35 -20.52 8.72
N GLU A 75 -34.06 -21.47 9.60
CA GLU A 75 -33.23 -21.24 10.77
C GLU A 75 -31.82 -21.72 10.47
N VAL A 76 -30.85 -20.82 10.57
CA VAL A 76 -29.45 -21.10 10.29
C VAL A 76 -28.67 -20.97 11.59
N LYS A 77 -27.98 -22.04 11.99
CA LYS A 77 -27.15 -22.04 13.17
C LYS A 77 -25.71 -21.83 12.78
N THR A 78 -25.03 -20.92 13.45
CA THR A 78 -23.69 -20.49 13.07
C THR A 78 -22.75 -20.56 14.26
N ASP A 79 -21.51 -20.95 13.99
CA ASP A 79 -20.42 -20.79 14.94
C ASP A 79 -19.16 -20.44 14.16
N ILE A 80 -18.22 -19.81 14.85
CA ILE A 80 -17.00 -19.30 14.26
C ILE A 80 -15.82 -19.84 15.04
N PHE A 81 -14.85 -20.44 14.34
CA PHE A 81 -13.57 -20.79 14.93
C PHE A 81 -12.53 -19.85 14.36
N VAL A 82 -11.94 -19.03 15.24
CA VAL A 82 -10.95 -18.05 14.84
C VAL A 82 -9.58 -18.74 14.85
N THR A 83 -9.07 -19.07 13.65
CA THR A 83 -7.74 -19.65 13.58
C THR A 83 -6.66 -18.61 13.87
N SER A 84 -6.88 -17.37 13.48
CA SER A 84 -5.92 -16.32 13.76
C SER A 84 -6.62 -14.98 13.78
N PHE A 85 -6.38 -14.21 14.84
CA PHE A 85 -6.87 -12.83 14.90
C PHE A 85 -5.73 -11.95 14.39
N GLY A 86 -5.86 -11.48 13.16
CA GLY A 86 -4.76 -10.91 12.44
C GLY A 86 -4.38 -9.54 12.97
N PRO A 87 -3.48 -8.86 12.28
CA PRO A 87 -3.02 -7.56 12.75
C PRO A 87 -4.13 -6.52 12.68
N VAL A 88 -4.01 -5.52 13.54
CA VAL A 88 -4.91 -4.38 13.55
C VAL A 88 -4.19 -3.21 12.91
N SER A 89 -4.84 -2.56 11.96
CA SER A 89 -4.30 -1.39 11.29
C SER A 89 -5.01 -0.15 11.84
N ASP A 90 -4.28 0.64 12.62
CA ASP A 90 -4.85 1.87 13.16
C ASP A 90 -5.10 2.90 12.07
N HIS A 91 -4.21 2.97 11.08
CA HIS A 91 -4.35 3.98 10.04
C HIS A 91 -5.62 3.78 9.22
N ASP A 92 -5.94 2.53 8.91
CA ASP A 92 -7.17 2.24 8.18
C ASP A 92 -8.35 1.94 9.10
N MET A 93 -8.12 1.91 10.41
CA MET A 93 -9.16 1.57 11.39
C MET A 93 -9.82 0.24 11.01
N GLU A 94 -8.99 -0.75 10.70
CA GLU A 94 -9.44 -2.05 10.27
C GLU A 94 -8.61 -3.12 10.94
N TYR A 95 -9.18 -4.33 11.01
CA TYR A 95 -8.46 -5.48 11.52
C TYR A 95 -8.73 -6.66 10.60
N THR A 96 -7.87 -7.66 10.69
CA THR A 96 -7.98 -8.88 9.90
C THR A 96 -8.25 -10.05 10.83
N ILE A 97 -9.10 -10.97 10.39
CA ILE A 97 -9.41 -12.18 11.15
C ILE A 97 -9.54 -13.34 10.16
N ASP A 98 -8.99 -14.49 10.54
CA ASP A 98 -9.11 -15.72 9.76
C ASP A 98 -9.96 -16.70 10.53
N VAL A 99 -11.04 -17.18 9.91
CA VAL A 99 -12.03 -17.97 10.62
C VAL A 99 -12.38 -19.23 9.83
N PHE A 100 -12.88 -20.22 10.55
CA PHE A 100 -13.70 -21.28 9.99
C PHE A 100 -15.14 -20.87 10.27
N PHE A 101 -15.86 -20.50 9.23
CA PHE A 101 -17.22 -19.99 9.35
C PHE A 101 -18.19 -21.14 9.08
N ARG A 102 -18.84 -21.61 10.14
CA ARG A 102 -19.68 -22.80 10.07
C ARG A 102 -21.16 -22.41 10.11
N GLN A 103 -21.93 -22.94 9.17
CA GLN A 103 -23.35 -22.70 9.09
C GLN A 103 -24.09 -24.02 8.97
N SER A 104 -25.21 -24.14 9.65
CA SER A 104 -26.01 -25.35 9.63
C SER A 104 -27.48 -25.01 9.52
N TRP A 105 -28.21 -25.77 8.72
CA TRP A 105 -29.64 -25.57 8.56
C TRP A 105 -30.25 -26.87 8.05
N LYS A 106 -31.57 -26.96 8.12
CA LYS A 106 -32.29 -28.14 7.69
C LYS A 106 -32.98 -27.88 6.36
N ASP A 107 -32.80 -28.81 5.41
CA ASP A 107 -33.47 -28.78 4.12
C ASP A 107 -34.13 -30.14 3.92
N GLU A 108 -35.46 -30.18 4.02
CA GLU A 108 -36.18 -31.44 3.93
C GLU A 108 -36.09 -32.09 2.56
N ARG A 109 -35.70 -31.33 1.54
CA ARG A 109 -35.51 -31.87 0.20
C ARG A 109 -34.26 -32.72 0.09
N LEU A 110 -33.42 -32.75 1.13
CA LEU A 110 -32.16 -33.48 1.09
C LEU A 110 -32.16 -34.69 2.01
N LYS A 111 -33.33 -35.21 2.36
CA LYS A 111 -33.41 -36.44 3.14
C LYS A 111 -33.09 -37.64 2.25
N PHE A 112 -32.42 -38.63 2.83
CA PHE A 112 -32.02 -39.81 2.07
C PHE A 112 -31.91 -40.99 3.02
N LYS A 113 -31.80 -42.19 2.43
CA LYS A 113 -31.54 -43.41 3.16
C LYS A 113 -30.41 -44.16 2.48
N GLY A 114 -29.42 -44.59 3.27
CA GLY A 114 -28.27 -45.27 2.72
C GLY A 114 -27.41 -45.94 3.76
N PRO A 115 -26.33 -46.59 3.31
CA PRO A 115 -25.42 -47.24 4.26
C PRO A 115 -24.80 -46.29 5.26
N MET A 116 -24.56 -45.05 4.88
CA MET A 116 -24.01 -44.04 5.76
C MET A 116 -25.12 -43.09 6.21
N THR A 117 -24.95 -42.53 7.40
CA THR A 117 -25.87 -41.53 7.90
C THR A 117 -25.43 -40.09 7.59
N VAL A 118 -24.18 -39.90 7.18
CA VAL A 118 -23.65 -38.59 6.81
C VAL A 118 -22.90 -38.74 5.49
N LEU A 119 -23.13 -37.80 4.58
CA LEU A 119 -22.42 -37.74 3.30
C LEU A 119 -21.42 -36.60 3.36
N ARG A 120 -20.14 -36.92 3.51
CA ARG A 120 -19.08 -35.92 3.53
C ARG A 120 -18.63 -35.71 2.09
N LEU A 121 -19.24 -34.72 1.44
CA LEU A 121 -19.19 -34.58 0.00
C LEU A 121 -18.11 -33.61 -0.45
N ASN A 122 -17.75 -33.71 -1.73
CA ASN A 122 -16.93 -32.71 -2.37
C ASN A 122 -17.67 -31.38 -2.35
N ASN A 123 -16.93 -30.28 -2.12
CA ASN A 123 -17.59 -29.00 -1.92
C ASN A 123 -18.24 -28.45 -3.18
N LEU A 124 -17.99 -29.04 -4.36
CA LEU A 124 -18.71 -28.62 -5.55
C LEU A 124 -20.21 -28.92 -5.43
N MET A 125 -20.59 -29.86 -4.57
CA MET A 125 -21.99 -30.13 -4.30
C MET A 125 -22.70 -28.94 -3.65
N ALA A 126 -21.95 -28.03 -3.02
CA ALA A 126 -22.56 -26.89 -2.37
C ALA A 126 -23.23 -25.96 -3.37
N SER A 127 -22.61 -25.76 -4.54
CA SER A 127 -23.15 -24.83 -5.52
C SER A 127 -24.44 -25.34 -6.17
N LYS A 128 -24.72 -26.63 -6.09
CA LYS A 128 -25.93 -27.19 -6.68
C LYS A 128 -27.12 -27.17 -5.74
N ILE A 129 -26.93 -26.79 -4.47
CA ILE A 129 -28.01 -26.70 -3.51
C ILE A 129 -28.08 -25.28 -2.99
N TRP A 130 -29.15 -24.99 -2.26
CA TRP A 130 -29.32 -23.68 -1.65
C TRP A 130 -28.42 -23.54 -0.44
N THR A 131 -27.72 -22.42 -0.34
CA THR A 131 -26.90 -22.08 0.80
C THR A 131 -27.28 -20.69 1.28
N PRO A 132 -27.05 -20.37 2.55
CA PRO A 132 -27.31 -19.01 3.03
C PRO A 132 -26.42 -17.99 2.34
N ASP A 133 -26.99 -16.81 2.10
CA ASP A 133 -26.24 -15.70 1.49
C ASP A 133 -25.68 -14.77 2.58
N THR A 134 -24.91 -15.36 3.47
CA THR A 134 -24.34 -14.61 4.59
C THR A 134 -23.27 -13.64 4.10
N PHE A 135 -23.28 -12.43 4.65
CA PHE A 135 -22.26 -11.43 4.35
C PHE A 135 -21.93 -10.68 5.64
N PHE A 136 -20.75 -10.08 5.66
CA PHE A 136 -20.30 -9.33 6.83
C PHE A 136 -20.62 -7.85 6.63
N HIS A 137 -21.40 -7.30 7.57
CA HIS A 137 -21.87 -5.93 7.42
C HIS A 137 -20.74 -4.91 7.45
N ASN A 138 -19.75 -5.13 8.32
CA ASN A 138 -18.61 -4.23 8.41
C ASN A 138 -17.39 -4.77 7.68
N GLY A 139 -17.56 -5.76 6.81
CA GLY A 139 -16.44 -6.28 6.05
C GLY A 139 -16.04 -5.33 4.94
N LYS A 140 -14.72 -5.19 4.75
CA LYS A 140 -14.18 -4.27 3.76
C LYS A 140 -13.78 -4.99 2.47
N LYS A 141 -12.90 -5.99 2.57
CA LYS A 141 -12.45 -6.74 1.40
C LYS A 141 -11.99 -8.10 1.90
N SER A 142 -12.85 -9.10 1.75
CA SER A 142 -12.62 -10.42 2.32
C SER A 142 -12.25 -11.43 1.24
N VAL A 143 -11.63 -12.51 1.67
CA VAL A 143 -11.19 -13.59 0.79
C VAL A 143 -11.80 -14.89 1.26
N ALA A 144 -12.43 -15.62 0.35
CA ALA A 144 -12.81 -17.00 0.56
C ALA A 144 -11.73 -17.86 -0.07
N HIS A 145 -10.87 -18.44 0.77
CA HIS A 145 -9.69 -19.14 0.29
C HIS A 145 -10.06 -20.34 -0.58
N ASN A 146 -9.32 -20.54 -1.66
CA ASN A 146 -9.58 -21.65 -2.56
C ASN A 146 -8.29 -22.28 -3.07
N MET A 147 -7.25 -22.30 -2.24
CA MET A 147 -6.01 -23.00 -2.55
C MET A 147 -5.88 -24.20 -1.63
N THR A 148 -5.70 -25.38 -2.20
CA THR A 148 -5.58 -25.68 -3.62
C THR A 148 -6.93 -25.89 -4.29
N MET A 149 -7.96 -26.04 -3.45
CA MET A 149 -9.35 -26.19 -3.84
C MET A 149 -10.16 -25.25 -2.96
N PRO A 150 -11.41 -24.93 -3.34
CA PRO A 150 -12.26 -24.15 -2.45
C PRO A 150 -12.27 -24.69 -1.04
N ASN A 151 -11.86 -23.87 -0.07
CA ASN A 151 -11.76 -24.31 1.32
C ASN A 151 -13.15 -24.38 1.96
N LYS A 152 -13.96 -25.29 1.44
CA LYS A 152 -15.32 -25.50 1.89
C LYS A 152 -15.59 -26.98 2.11
N LEU A 153 -16.43 -27.28 3.08
CA LEU A 153 -16.89 -28.65 3.30
C LEU A 153 -18.40 -28.64 3.32
N LEU A 154 -19.00 -29.74 2.87
CA LEU A 154 -20.44 -29.90 2.89
C LEU A 154 -20.76 -31.32 3.36
N ARG A 155 -21.56 -31.43 4.42
CA ARG A 155 -21.97 -32.71 4.95
C ARG A 155 -23.48 -32.74 5.07
N ILE A 156 -24.10 -33.78 4.54
CA ILE A 156 -25.54 -33.95 4.57
C ILE A 156 -25.85 -35.15 5.45
N THR A 157 -26.62 -34.92 6.51
CA THR A 157 -27.13 -36.00 7.32
C THR A 157 -28.43 -36.52 6.73
N GLU A 158 -28.75 -37.77 7.02
CA GLU A 158 -29.91 -38.42 6.41
C GLU A 158 -31.21 -37.69 6.75
N ASP A 159 -31.29 -37.05 7.91
CA ASP A 159 -32.49 -36.31 8.27
C ASP A 159 -32.66 -35.02 7.47
N GLY A 160 -31.65 -34.62 6.71
CA GLY A 160 -31.71 -33.41 5.91
C GLY A 160 -30.98 -32.23 6.49
N THR A 161 -30.27 -32.40 7.59
CA THR A 161 -29.47 -31.33 8.16
C THR A 161 -28.19 -31.17 7.36
N LEU A 162 -27.85 -29.92 7.05
CA LEU A 162 -26.63 -29.59 6.31
C LEU A 162 -25.63 -28.94 7.25
N LEU A 163 -24.36 -29.29 7.08
CA LEU A 163 -23.25 -28.59 7.69
C LEU A 163 -22.39 -28.01 6.56
N TYR A 164 -22.15 -26.71 6.61
CA TYR A 164 -21.49 -26.00 5.53
C TYR A 164 -20.51 -25.01 6.15
N THR A 165 -19.24 -25.35 6.12
CA THR A 165 -18.20 -24.48 6.67
C THR A 165 -17.26 -24.05 5.56
N MET A 166 -16.70 -22.86 5.71
CA MET A 166 -15.76 -22.30 4.76
C MET A 166 -14.67 -21.57 5.53
N ARG A 167 -13.48 -21.51 4.93
CA ARG A 167 -12.35 -20.80 5.50
C ARG A 167 -12.28 -19.41 4.87
N LEU A 168 -12.33 -18.38 5.71
CA LEU A 168 -12.41 -17.00 5.26
C LEU A 168 -11.31 -16.16 5.90
N THR A 169 -10.87 -15.15 5.17
CA THR A 169 -10.09 -14.05 5.72
C THR A 169 -10.92 -12.79 5.55
N VAL A 170 -11.34 -12.21 6.66
CA VAL A 170 -12.22 -11.03 6.66
C VAL A 170 -11.42 -9.83 7.13
N ARG A 171 -11.48 -8.75 6.36
CA ARG A 171 -11.02 -7.44 6.79
C ARG A 171 -12.25 -6.63 7.18
N ALA A 172 -12.29 -6.17 8.42
CA ALA A 172 -13.48 -5.55 8.98
C ALA A 172 -13.17 -4.18 9.55
N GLU A 173 -14.15 -3.29 9.44
CA GLU A 173 -14.02 -1.94 9.98
C GLU A 173 -14.11 -1.97 11.50
N CYS A 174 -13.18 -1.27 12.15
CA CYS A 174 -13.19 -1.08 13.60
C CYS A 174 -13.01 0.40 13.89
N PRO A 175 -14.10 1.15 14.00
CA PRO A 175 -13.98 2.59 14.29
C PRO A 175 -13.38 2.83 15.66
N MET A 176 -12.19 3.44 15.67
CA MET A 176 -11.43 3.65 16.89
C MET A 176 -11.61 5.08 17.40
N HIS A 177 -11.64 5.23 18.71
CA HIS A 177 -11.59 6.52 19.38
C HIS A 177 -10.20 6.66 20.00
N LEU A 178 -9.39 7.55 19.44
CA LEU A 178 -7.97 7.60 19.75
C LEU A 178 -7.62 8.70 20.76
N GLU A 179 -8.60 9.15 21.55
CA GLU A 179 -8.33 10.23 22.50
C GLU A 179 -7.30 9.80 23.54
N ASP A 180 -7.38 8.55 24.02
CA ASP A 180 -6.46 8.05 25.03
C ASP A 180 -5.25 7.35 24.44
N PHE A 181 -5.07 7.39 23.14
CA PHE A 181 -3.92 6.75 22.50
C PHE A 181 -2.62 7.31 23.10
N PRO A 182 -1.60 6.48 23.33
CA PRO A 182 -1.50 5.04 23.05
C PRO A 182 -1.94 4.14 24.20
N MET A 183 -2.77 4.64 25.10
CA MET A 183 -3.28 3.87 26.23
C MET A 183 -4.76 3.59 26.05
N ASP A 184 -5.16 3.28 24.83
CA ASP A 184 -6.56 3.11 24.46
C ASP A 184 -6.95 1.64 24.36
N ALA A 185 -8.25 1.40 24.41
CA ALA A 185 -8.84 0.08 24.27
C ALA A 185 -9.99 0.14 23.29
N HIS A 186 -10.13 -0.89 22.47
CA HIS A 186 -11.14 -0.90 21.42
C HIS A 186 -11.94 -2.20 21.45
N ALA A 187 -13.20 -2.09 21.04
CA ALA A 187 -14.10 -3.23 20.89
C ALA A 187 -14.40 -3.35 19.40
N CYS A 188 -13.60 -4.15 18.71
CA CYS A 188 -13.73 -4.28 17.27
C CYS A 188 -14.84 -5.25 16.91
N PRO A 189 -15.88 -4.83 16.19
CA PRO A 189 -17.02 -5.71 15.94
C PRO A 189 -16.85 -6.56 14.69
N LEU A 190 -17.59 -7.67 14.67
CA LEU A 190 -17.69 -8.54 13.51
C LEU A 190 -19.17 -8.88 13.36
N LYS A 191 -19.85 -8.20 12.44
CA LYS A 191 -21.27 -8.36 12.22
C LYS A 191 -21.50 -9.13 10.92
N PHE A 192 -22.42 -10.08 10.95
CA PHE A 192 -22.78 -10.80 9.73
C PHE A 192 -24.27 -11.14 9.75
N GLY A 193 -24.78 -11.43 8.57
CA GLY A 193 -26.18 -11.73 8.41
C GLY A 193 -26.49 -11.99 6.95
N SER A 194 -27.77 -12.16 6.66
CA SER A 194 -28.20 -12.44 5.30
C SER A 194 -28.26 -11.16 4.48
N TYR A 195 -27.81 -11.25 3.23
CA TYR A 195 -27.87 -10.07 2.36
C TYR A 195 -29.29 -9.83 1.86
N ALA A 196 -30.01 -10.88 1.49
CA ALA A 196 -31.26 -10.73 0.76
C ALA A 196 -32.50 -11.14 1.55
N TYR A 197 -32.37 -12.05 2.51
CA TYR A 197 -33.51 -12.62 3.19
C TYR A 197 -33.76 -11.88 4.50
N THR A 198 -34.95 -11.32 4.65
CA THR A 198 -35.33 -10.64 5.87
C THR A 198 -35.59 -11.65 6.98
N ARG A 199 -35.81 -11.15 8.19
CA ARG A 199 -35.95 -12.05 9.33
C ARG A 199 -37.25 -12.84 9.29
N ALA A 200 -38.23 -12.42 8.49
CA ALA A 200 -39.40 -13.25 8.23
C ALA A 200 -39.08 -14.43 7.32
N GLU A 201 -37.91 -14.45 6.70
CA GLU A 201 -37.49 -15.50 5.80
C GLU A 201 -36.34 -16.33 6.35
N VAL A 202 -35.26 -15.69 6.80
CA VAL A 202 -34.10 -16.39 7.33
C VAL A 202 -33.72 -15.75 8.66
N VAL A 203 -33.56 -16.57 9.69
CA VAL A 203 -33.07 -16.14 10.99
C VAL A 203 -31.77 -16.88 11.28
N TYR A 204 -30.83 -16.19 11.90
CA TYR A 204 -29.58 -16.78 12.34
C TYR A 204 -29.60 -16.99 13.84
N GLU A 205 -28.95 -18.07 14.28
CA GLU A 205 -28.79 -18.36 15.70
C GLU A 205 -27.39 -18.91 15.91
N TRP A 206 -26.89 -18.76 17.13
CA TRP A 206 -25.63 -19.38 17.49
C TRP A 206 -25.86 -20.86 17.79
N THR A 207 -24.92 -21.70 17.37
CA THR A 207 -25.09 -23.14 17.45
C THR A 207 -25.24 -23.61 18.89
N ARG A 208 -24.19 -23.45 19.68
CA ARG A 208 -24.23 -23.69 21.12
C ARG A 208 -24.51 -22.35 21.81
N GLU A 209 -24.22 -22.27 23.11
CA GLU A 209 -24.37 -21.01 23.81
C GLU A 209 -23.55 -19.92 23.12
N PRO A 210 -24.05 -18.67 23.07
CA PRO A 210 -23.33 -17.63 22.33
C PRO A 210 -21.89 -17.44 22.77
N ALA A 211 -21.63 -17.49 24.08
CA ALA A 211 -20.25 -17.34 24.56
C ALA A 211 -19.37 -18.48 24.08
N ARG A 212 -19.95 -19.64 23.77
CA ARG A 212 -19.20 -20.79 23.30
C ARG A 212 -19.24 -20.97 21.79
N SER A 213 -20.03 -20.16 21.08
CA SER A 213 -20.14 -20.30 19.63
C SER A 213 -19.06 -19.58 18.86
N VAL A 214 -18.24 -18.77 19.53
CA VAL A 214 -17.07 -18.15 18.92
C VAL A 214 -15.85 -18.57 19.73
N VAL A 215 -14.93 -19.28 19.10
CA VAL A 215 -13.77 -19.84 19.75
C VAL A 215 -12.52 -19.35 19.03
N VAL A 216 -11.54 -18.89 19.79
CA VAL A 216 -10.27 -18.44 19.26
C VAL A 216 -9.22 -19.50 19.56
N ALA A 217 -8.36 -19.78 18.58
CA ALA A 217 -7.29 -20.74 18.77
C ALA A 217 -6.33 -20.27 19.85
N GLU A 218 -5.70 -21.23 20.52
CA GLU A 218 -4.86 -20.91 21.67
C GLU A 218 -3.67 -20.05 21.29
N ASP A 219 -2.98 -20.41 20.21
CA ASP A 219 -1.74 -19.74 19.82
C ASP A 219 -1.85 -19.16 18.41
N GLY A 220 -3.02 -18.62 18.07
CA GLY A 220 -3.26 -18.05 16.77
C GLY A 220 -3.15 -16.54 16.68
N SER A 221 -2.61 -15.87 17.70
CA SER A 221 -2.57 -14.43 17.70
C SER A 221 -1.52 -13.93 16.70
N ARG A 222 -1.98 -13.15 15.72
CA ARG A 222 -1.09 -12.40 14.84
C ARG A 222 -0.99 -10.94 15.25
N LEU A 223 -1.48 -10.60 16.43
CA LEU A 223 -1.39 -9.23 16.92
C LEU A 223 0.05 -8.87 17.29
N ASN A 224 0.44 -7.64 16.95
CA ASN A 224 1.76 -7.14 17.28
C ASN A 224 1.73 -6.15 18.44
N GLN A 225 0.84 -5.16 18.37
CA GLN A 225 0.79 -4.11 19.38
C GLN A 225 -0.56 -4.06 20.10
N TYR A 226 -1.32 -5.14 20.07
CA TYR A 226 -2.57 -5.25 20.80
C TYR A 226 -2.60 -6.57 21.56
N ASP A 227 -3.43 -6.60 22.59
CA ASP A 227 -3.70 -7.80 23.36
C ASP A 227 -5.20 -8.10 23.27
N LEU A 228 -5.54 -9.30 22.83
CA LEU A 228 -6.95 -9.70 22.75
C LEU A 228 -7.40 -10.12 24.14
N LEU A 229 -8.14 -9.24 24.82
CA LEU A 229 -8.57 -9.50 26.17
C LEU A 229 -9.70 -10.53 26.22
N GLY A 230 -10.52 -10.58 25.18
CA GLY A 230 -11.66 -11.47 25.14
C GLY A 230 -12.62 -11.01 24.08
N GLN A 231 -13.77 -11.66 24.05
CA GLN A 231 -14.80 -11.28 23.08
C GLN A 231 -16.18 -11.48 23.67
N THR A 232 -17.11 -10.65 23.23
CA THR A 232 -18.51 -10.76 23.61
C THR A 232 -19.33 -11.09 22.36
N VAL A 233 -20.27 -12.01 22.51
CA VAL A 233 -21.07 -12.52 21.41
C VAL A 233 -22.51 -12.09 21.62
N ASP A 234 -23.12 -11.54 20.57
CA ASP A 234 -24.45 -10.99 20.67
C ASP A 234 -25.19 -11.21 19.36
N SER A 235 -26.44 -10.76 19.31
CA SER A 235 -27.24 -10.78 18.10
C SER A 235 -28.25 -9.66 18.17
N GLY A 236 -28.46 -8.98 17.04
CA GLY A 236 -29.36 -7.85 17.01
C GLY A 236 -30.23 -7.81 15.76
N ILE A 237 -30.74 -6.63 15.45
CA ILE A 237 -31.65 -6.43 14.33
C ILE A 237 -31.26 -5.13 13.63
N VAL A 238 -31.19 -5.15 12.31
CA VAL A 238 -30.96 -3.94 11.53
C VAL A 238 -32.14 -3.72 10.59
N GLN A 239 -32.59 -2.47 10.51
CA GLN A 239 -33.68 -2.08 9.62
C GLN A 239 -33.09 -1.24 8.50
N SER A 240 -33.27 -1.68 7.27
CA SER A 240 -32.76 -0.97 6.11
C SER A 240 -33.89 -0.67 5.15
N SER A 241 -33.54 -0.07 4.01
CA SER A 241 -34.55 0.26 3.01
C SER A 241 -35.20 -0.96 2.39
N THR A 242 -34.58 -2.14 2.52
CA THR A 242 -35.12 -3.36 1.94
C THR A 242 -35.88 -4.23 2.92
N GLY A 243 -35.73 -4.01 4.22
CA GLY A 243 -36.49 -4.76 5.19
C GLY A 243 -35.74 -4.83 6.51
N GLU A 244 -36.16 -5.78 7.34
CA GLU A 244 -35.59 -6.00 8.67
C GLU A 244 -34.80 -7.29 8.68
N TYR A 245 -33.56 -7.23 9.16
CA TYR A 245 -32.61 -8.32 9.02
C TYR A 245 -31.99 -8.67 10.36
N VAL A 246 -31.77 -9.97 10.57
CA VAL A 246 -31.06 -10.45 11.75
C VAL A 246 -29.56 -10.20 11.55
N VAL A 247 -28.91 -9.66 12.58
CA VAL A 247 -27.47 -9.42 12.54
C VAL A 247 -26.84 -10.14 13.73
N MET A 248 -25.84 -10.97 13.45
CA MET A 248 -25.08 -11.63 14.49
C MET A 248 -23.77 -10.88 14.69
N THR A 249 -23.49 -10.48 15.93
CA THR A 249 -22.34 -9.65 16.22
C THR A 249 -21.38 -10.39 17.16
N THR A 250 -20.11 -10.08 17.00
CA THR A 250 -19.08 -10.45 17.96
C THR A 250 -18.15 -9.26 18.11
N HIS A 251 -17.92 -8.83 19.34
CA HIS A 251 -17.01 -7.73 19.61
C HIS A 251 -15.74 -8.28 20.22
N PHE A 252 -14.61 -8.00 19.59
CA PHE A 252 -13.30 -8.40 20.09
C PHE A 252 -12.70 -7.21 20.82
N HIS A 253 -12.38 -7.40 22.09
CA HIS A 253 -11.97 -6.33 22.98
C HIS A 253 -10.45 -6.30 23.03
N LEU A 254 -9.87 -5.25 22.44
CA LEU A 254 -8.43 -5.14 22.26
C LEU A 254 -7.87 -4.02 23.11
N LYS A 255 -6.76 -4.28 23.78
CA LYS A 255 -6.05 -3.29 24.57
C LYS A 255 -4.68 -3.09 23.95
N ARG A 256 -4.36 -1.84 23.58
CA ARG A 256 -3.06 -1.57 22.98
C ARG A 256 -1.95 -1.77 24.00
N LYS A 257 -0.84 -2.32 23.53
CA LYS A 257 0.36 -2.43 24.35
C LYS A 257 1.16 -1.13 24.23
N ILE A 258 1.63 -0.62 25.38
CA ILE A 258 2.29 0.67 25.40
C ILE A 258 3.80 0.57 25.21
N GLY A 259 4.34 -0.65 25.12
CA GLY A 259 5.78 -0.81 25.15
C GLY A 259 6.49 -0.10 24.00
N TYR A 260 5.94 -0.19 22.79
CA TYR A 260 6.59 0.44 21.64
C TYR A 260 6.67 1.96 21.82
N PHE A 261 5.61 2.58 22.31
CA PHE A 261 5.58 4.04 22.40
C PHE A 261 6.41 4.57 23.56
N VAL A 262 6.57 3.77 24.62
CA VAL A 262 7.53 4.14 25.66
C VAL A 262 8.94 4.19 25.08
N ILE A 263 9.31 3.18 24.31
CA ILE A 263 10.66 3.05 23.80
C ILE A 263 10.97 4.14 22.77
N GLN A 264 10.03 4.38 21.86
CA GLN A 264 10.32 5.21 20.70
C GLN A 264 9.82 6.64 20.81
N THR A 265 8.85 6.92 21.68
CA THR A 265 8.35 8.28 21.83
C THR A 265 8.54 8.84 23.23
N TYR A 266 8.06 8.14 24.25
CA TYR A 266 8.10 8.69 25.61
C TYR A 266 9.52 8.78 26.14
N LEU A 267 10.32 7.73 25.93
CA LEU A 267 11.71 7.79 26.39
C LEU A 267 12.53 8.84 25.67
N PRO A 268 12.48 8.97 24.33
CA PRO A 268 13.20 10.10 23.70
C PRO A 268 12.73 11.47 24.18
N CYS A 269 11.43 11.66 24.39
CA CYS A 269 10.94 12.95 24.86
C CYS A 269 11.50 13.29 26.24
N ILE A 270 11.49 12.31 27.15
CA ILE A 270 11.98 12.56 28.50
C ILE A 270 13.47 12.87 28.48
N MET A 271 14.24 12.15 27.66
CA MET A 271 15.66 12.40 27.58
C MET A 271 15.98 13.76 26.97
N THR A 272 15.11 14.26 26.10
CA THR A 272 15.31 15.60 25.54
C THR A 272 15.04 16.67 26.60
N VAL A 273 14.04 16.45 27.44
CA VAL A 273 13.77 17.39 28.53
C VAL A 273 14.92 17.38 29.55
N ILE A 274 15.43 16.20 29.88
CA ILE A 274 16.55 16.11 30.82
C ILE A 274 17.78 16.79 30.25
N LEU A 275 18.01 16.62 28.95
CA LEU A 275 19.14 17.26 28.30
C LEU A 275 19.01 18.78 28.32
N SER A 276 17.80 19.29 28.10
CA SER A 276 17.59 20.73 28.06
C SER A 276 17.87 21.37 29.42
N GLN A 277 17.69 20.63 30.50
CA GLN A 277 17.93 21.14 31.84
C GLN A 277 19.37 20.96 32.30
N VAL A 278 20.20 20.25 31.53
CA VAL A 278 21.63 20.22 31.83
C VAL A 278 22.24 21.60 31.63
N SER A 279 21.64 22.40 30.74
CA SER A 279 22.16 23.75 30.50
C SER A 279 22.16 24.59 31.76
N PHE A 280 21.22 24.36 32.68
CA PHE A 280 21.14 25.16 33.90
C PHE A 280 22.37 25.04 34.77
N TRP A 281 23.16 23.98 34.60
CA TRP A 281 24.32 23.73 35.44
C TRP A 281 25.62 24.27 34.84
N LEU A 282 25.56 24.89 33.66
CA LEU A 282 26.73 25.49 33.05
C LEU A 282 26.81 26.96 33.45
N ASN A 283 28.04 27.50 33.43
CA ASN A 283 28.23 28.89 33.82
C ASN A 283 27.55 29.82 32.81
N ARG A 284 27.09 30.96 33.32
CA ARG A 284 26.33 31.89 32.49
C ARG A 284 27.17 32.53 31.40
N GLU A 285 28.49 32.50 31.52
CA GLU A 285 29.39 33.07 30.52
C GLU A 285 29.67 32.09 29.38
N SER A 286 28.83 31.08 29.22
CA SER A 286 29.01 30.06 28.19
C SER A 286 27.88 30.25 27.19
N VAL A 287 27.69 31.49 26.76
CA VAL A 287 26.56 31.83 25.89
C VAL A 287 26.48 30.92 24.66
N PRO A 288 27.56 30.69 23.90
CA PRO A 288 27.43 29.76 22.77
C PRO A 288 27.04 28.35 23.18
N ALA A 289 27.57 27.86 24.31
CA ALA A 289 27.30 26.49 24.73
C ALA A 289 25.86 26.32 25.19
N ARG A 290 25.35 27.28 25.95
CA ARG A 290 23.98 27.19 26.45
C ARG A 290 22.94 27.51 25.38
N THR A 291 23.34 28.23 24.32
CA THR A 291 22.43 28.43 23.20
C THR A 291 22.32 27.16 22.36
N VAL A 292 23.42 26.42 22.21
CA VAL A 292 23.39 25.15 21.50
C VAL A 292 22.47 24.16 22.21
N PHE A 293 22.55 24.10 23.54
CA PHE A 293 21.63 23.27 24.30
C PHE A 293 20.18 23.64 24.01
N GLY A 294 19.88 24.93 24.00
CA GLY A 294 18.51 25.36 23.79
C GLY A 294 17.99 25.06 22.40
N VAL A 295 18.79 25.34 21.37
CA VAL A 295 18.27 25.24 20.01
C VAL A 295 18.26 23.80 19.51
N THR A 296 19.18 22.96 19.98
CA THR A 296 19.19 21.58 19.52
C THR A 296 18.05 20.78 20.13
N THR A 297 17.76 21.02 21.41
CA THR A 297 16.66 20.31 22.05
C THR A 297 15.32 20.75 21.48
N VAL A 298 15.19 22.03 21.14
CA VAL A 298 13.96 22.51 20.50
C VAL A 298 13.78 21.87 19.13
N LEU A 299 14.87 21.78 18.35
CA LEU A 299 14.80 21.10 17.07
C LEU A 299 14.48 19.61 17.25
N THR A 300 15.04 18.99 18.28
CA THR A 300 14.75 17.59 18.56
C THR A 300 13.28 17.38 18.89
N MET A 301 12.71 18.25 19.72
CA MET A 301 11.31 18.12 20.10
C MET A 301 10.39 18.36 18.90
N THR A 302 10.79 19.26 18.00
CA THR A 302 10.04 19.46 16.77
C THR A 302 10.07 18.21 15.89
N THR A 303 11.24 17.57 15.79
CA THR A 303 11.35 16.33 15.03
C THR A 303 10.47 15.24 15.64
N LEU A 304 10.48 15.11 16.97
CA LEU A 304 9.63 14.13 17.63
C LEU A 304 8.16 14.45 17.43
N SER A 305 7.79 15.72 17.46
CA SER A 305 6.38 16.09 17.42
C SER A 305 5.75 15.76 16.07
N ILE A 306 6.40 16.15 14.97
CA ILE A 306 5.80 15.95 13.66
C ILE A 306 5.85 14.51 13.18
N SER A 307 6.60 13.66 13.86
CA SER A 307 6.78 12.27 13.45
C SER A 307 6.03 11.27 14.31
N ALA A 308 5.38 11.72 15.38
CA ALA A 308 4.74 10.81 16.30
C ALA A 308 3.35 10.36 15.86
N ARG A 309 2.75 11.03 14.88
CA ARG A 309 1.43 10.67 14.39
C ARG A 309 1.47 10.08 12.99
N ASN A 310 2.62 9.49 12.61
CA ASN A 310 2.75 9.00 11.24
C ASN A 310 1.91 7.77 10.98
N SER A 311 1.71 6.92 11.98
CA SER A 311 0.93 5.70 11.81
C SER A 311 -0.52 5.85 12.22
N LEU A 312 -0.96 7.06 12.56
CA LEU A 312 -2.33 7.27 13.01
C LEU A 312 -3.16 7.96 11.93
N PRO A 313 -4.47 7.75 11.92
CA PRO A 313 -5.34 8.58 11.08
C PRO A 313 -5.31 10.02 11.56
N LYS A 314 -5.39 10.94 10.61
CA LYS A 314 -5.21 12.36 10.90
C LYS A 314 -6.48 12.89 11.57
N VAL A 315 -6.60 12.59 12.85
CA VAL A 315 -7.78 13.01 13.63
C VAL A 315 -7.61 14.48 14.02
N ALA A 316 -8.75 15.16 14.17
CA ALA A 316 -8.74 16.57 14.53
C ALA A 316 -8.44 16.78 16.02
N TYR A 317 -8.91 15.88 16.87
CA TYR A 317 -8.67 16.00 18.30
C TYR A 317 -7.26 15.56 18.64
N ALA A 318 -6.84 15.86 19.86
CA ALA A 318 -5.49 15.59 20.33
C ALA A 318 -5.49 14.35 21.20
N THR A 319 -4.51 13.47 20.97
CA THR A 319 -4.38 12.24 21.72
C THR A 319 -3.61 12.49 23.02
N ALA A 320 -3.55 11.45 23.85
CA ALA A 320 -2.79 11.56 25.10
C ALA A 320 -1.31 11.77 24.82
N MET A 321 -0.79 11.11 23.78
CA MET A 321 0.61 11.28 23.43
C MET A 321 0.89 12.69 22.93
N ASP A 322 -0.08 13.34 22.30
CA ASP A 322 0.10 14.73 21.87
C ASP A 322 0.31 15.65 23.07
N TRP A 323 -0.44 15.44 24.14
CA TRP A 323 -0.29 16.27 25.33
C TRP A 323 1.08 16.11 25.95
N PHE A 324 1.58 14.87 26.05
CA PHE A 324 2.89 14.64 26.63
C PHE A 324 3.98 15.33 25.82
N ILE A 325 3.90 15.24 24.49
CA ILE A 325 4.89 15.87 23.63
C ILE A 325 4.76 17.39 23.69
N ALA A 326 3.53 17.89 23.76
CA ALA A 326 3.33 19.33 23.87
C ALA A 326 3.89 19.87 25.18
N VAL A 327 3.70 19.13 26.27
CA VAL A 327 4.23 19.57 27.56
C VAL A 327 5.75 19.45 27.58
N CYS A 328 6.30 18.36 27.03
CA CYS A 328 7.74 18.24 26.90
C CYS A 328 8.31 19.35 26.04
N TYR A 329 7.55 19.79 25.03
CA TYR A 329 7.97 20.94 24.23
C TYR A 329 8.00 22.21 25.07
N ALA A 330 7.01 22.41 25.94
CA ALA A 330 6.98 23.60 26.78
C ALA A 330 8.17 23.65 27.71
N PHE A 331 8.52 22.53 28.32
CA PHE A 331 9.69 22.49 29.20
C PHE A 331 10.97 22.80 28.44
N VAL A 332 11.11 22.26 27.24
CA VAL A 332 12.31 22.51 26.44
C VAL A 332 12.34 23.95 25.95
N PHE A 333 11.20 24.48 25.54
CA PHE A 333 11.11 25.88 25.12
C PHE A 333 11.42 26.82 26.29
N SER A 334 10.90 26.50 27.48
CA SER A 334 11.12 27.35 28.65
C SER A 334 12.56 27.30 29.14
N ALA A 335 13.30 26.23 28.84
CA ALA A 335 14.69 26.17 29.26
C ALA A 335 15.57 27.09 28.42
N LEU A 336 15.16 27.39 27.19
CA LEU A 336 15.89 28.35 26.37
C LEU A 336 15.46 29.79 26.65
N ILE A 337 14.18 29.99 26.98
CA ILE A 337 13.73 31.30 27.45
C ILE A 337 14.39 31.63 28.78
N GLU A 338 14.59 30.61 29.63
CA GLU A 338 15.24 30.82 30.91
C GLU A 338 16.67 31.33 30.73
N PHE A 339 17.40 30.75 29.77
CA PHE A 339 18.77 31.20 29.54
C PHE A 339 18.81 32.61 28.98
N ALA A 340 17.84 32.96 28.14
CA ALA A 340 17.78 34.33 27.62
C ALA A 340 17.63 35.34 28.75
N THR A 341 16.81 35.01 29.75
CA THR A 341 16.67 35.88 30.92
C THR A 341 17.97 35.90 31.73
N VAL A 342 18.63 34.76 31.89
CA VAL A 342 19.89 34.72 32.61
C VAL A 342 20.95 35.54 31.87
N ASN A 343 21.03 35.36 30.55
CA ASN A 343 22.04 36.07 29.77
C ASN A 343 21.77 37.57 29.74
N TYR A 344 20.51 37.97 29.82
CA TYR A 344 20.17 39.39 29.81
C TYR A 344 20.65 40.11 31.05
N PHE A 345 20.82 39.40 32.17
CA PHE A 345 21.33 39.99 33.40
C PHE A 345 22.79 39.66 33.65
N THR A 346 23.46 39.02 32.70
CA THR A 346 24.91 38.84 32.78
C THR A 346 25.60 40.16 32.45
N LYS A 347 26.54 40.57 33.29
CA LYS A 347 27.20 41.85 33.09
C LYS A 347 28.50 41.70 32.30
N ARG A 348 29.39 40.82 32.75
CA ARG A 348 30.72 40.70 32.18
C ARG A 348 30.78 39.56 31.17
N GLY A 349 31.53 39.76 30.11
CA GLY A 349 31.71 38.77 29.07
C GLY A 349 32.78 37.74 29.33
N TYR A 350 33.45 37.78 30.49
CA TYR A 350 34.48 36.83 30.83
C TYR A 350 34.05 35.98 32.01
N ALA A 351 34.41 34.70 31.97
CA ALA A 351 34.08 33.79 33.04
C ALA A 351 35.11 33.87 34.16
N TRP A 352 34.77 33.27 35.30
CA TRP A 352 35.68 33.27 36.44
C TRP A 352 36.96 32.49 36.12
N ASP A 353 38.09 33.06 36.47
CA ASP A 353 39.38 32.41 36.25
C ASP A 353 39.64 31.35 37.31
N LYS A 419 40.17 42.02 39.61
CA LYS A 419 38.91 42.53 39.07
C LYS A 419 37.72 41.82 39.69
N THR A 420 36.53 42.07 39.14
CA THR A 420 35.30 41.48 39.64
C THR A 420 34.72 40.53 38.61
N PHE A 421 33.94 39.55 39.09
CA PHE A 421 33.37 38.52 38.25
C PHE A 421 31.86 38.45 38.47
N ASN A 422 31.17 37.85 37.51
CA ASN A 422 29.74 37.65 37.64
C ASN A 422 29.44 36.66 38.76
N SER A 423 28.20 36.70 39.24
CA SER A 423 27.74 35.76 40.23
C SER A 423 26.85 34.71 39.59
N VAL A 424 26.71 33.57 40.26
CA VAL A 424 25.82 32.53 39.79
C VAL A 424 24.39 33.03 39.81
N SER A 425 23.69 32.87 38.71
CA SER A 425 22.36 33.44 38.56
C SER A 425 21.38 32.82 39.54
N LYS A 426 20.58 33.67 40.18
CA LYS A 426 19.49 33.16 41.02
C LYS A 426 18.45 32.43 40.19
N ILE A 427 18.24 32.86 38.94
CA ILE A 427 17.36 32.14 38.04
C ILE A 427 17.89 30.74 37.80
N ASP A 428 19.20 30.62 37.59
CA ASP A 428 19.80 29.30 37.39
C ASP A 428 19.69 28.43 38.64
N ARG A 429 19.89 29.03 39.82
CA ARG A 429 19.81 28.26 41.04
C ARG A 429 18.41 27.70 41.27
N LEU A 430 17.39 28.50 41.01
CA LEU A 430 16.03 28.00 41.17
C LEU A 430 15.61 27.10 40.01
N SER A 431 16.14 27.32 38.81
CA SER A 431 15.79 26.48 37.67
C SER A 431 16.34 25.07 37.82
N ARG A 432 17.49 24.91 38.50
CA ARG A 432 18.03 23.59 38.75
C ARG A 432 17.10 22.75 39.62
N ILE A 433 16.18 23.37 40.33
CA ILE A 433 15.23 22.69 41.19
C ILE A 433 13.84 22.67 40.58
N ALA A 434 13.34 23.83 40.15
CA ALA A 434 11.96 23.94 39.69
C ALA A 434 11.71 23.10 38.44
N PHE A 435 12.62 23.17 37.47
CA PHE A 435 12.42 22.43 36.23
C PHE A 435 12.37 20.92 36.44
N PRO A 436 13.34 20.28 37.11
CA PRO A 436 13.20 18.84 37.36
C PRO A 436 12.00 18.49 38.20
N LEU A 437 11.68 19.33 39.20
CA LEU A 437 10.56 19.02 40.09
C LEU A 437 9.24 19.11 39.36
N LEU A 438 9.04 20.15 38.56
CA LEU A 438 7.77 20.31 37.87
C LEU A 438 7.60 19.29 36.76
N PHE A 439 8.69 18.79 36.18
CA PHE A 439 8.56 17.75 35.17
C PHE A 439 8.24 16.40 35.82
N GLY A 440 8.75 16.17 37.03
CA GLY A 440 8.35 14.98 37.77
C GLY A 440 6.90 15.03 38.20
N ILE A 441 6.41 16.21 38.58
CA ILE A 441 5.01 16.35 38.96
C ILE A 441 4.10 16.08 37.77
N PHE A 442 4.47 16.60 36.60
CA PHE A 442 3.67 16.35 35.40
C PHE A 442 3.61 14.86 35.09
N ASN A 443 4.74 14.16 35.18
CA ASN A 443 4.75 12.73 34.88
C ASN A 443 3.88 11.97 35.87
N LEU A 444 3.89 12.36 37.14
CA LEU A 444 3.01 11.72 38.11
C LEU A 444 1.54 11.93 37.76
N VAL A 445 1.17 13.15 37.40
CA VAL A 445 -0.22 13.42 37.06
C VAL A 445 -0.59 12.78 35.73
N TYR A 446 0.32 12.84 34.75
CA TYR A 446 0.02 12.32 33.41
C TYR A 446 -0.22 10.81 33.44
N TRP A 447 0.69 10.06 34.05
CA TRP A 447 0.58 8.61 34.01
C TRP A 447 -0.56 8.11 34.89
N ALA A 448 -0.80 8.78 36.03
CA ALA A 448 -1.95 8.39 36.86
C ALA A 448 -3.27 8.68 36.15
N THR A 449 -3.33 9.77 35.39
CA THR A 449 -4.57 10.12 34.69
C THR A 449 -4.95 9.06 33.65
N TYR A 450 -3.96 8.53 32.94
CA TYR A 450 -4.24 7.64 31.82
C TYR A 450 -4.05 6.17 32.12
N LEU A 451 -3.16 5.81 33.03
CA LEU A 451 -3.02 4.39 33.40
C LEU A 451 -4.09 3.98 34.40
N SER B 35 -5.71 -43.47 -31.44
CA SER B 35 -7.11 -43.81 -31.68
C SER B 35 -7.65 -44.68 -30.54
N PHE B 36 -6.84 -45.66 -30.13
CA PHE B 36 -7.22 -46.50 -29.00
C PHE B 36 -7.08 -45.77 -27.67
N VAL B 37 -6.12 -44.85 -27.59
CA VAL B 37 -5.93 -44.09 -26.35
C VAL B 37 -7.13 -43.19 -26.09
N LYS B 38 -7.72 -42.64 -27.15
CA LYS B 38 -8.88 -41.76 -26.96
C LYS B 38 -10.06 -42.53 -26.40
N GLU B 39 -10.31 -43.74 -26.88
CA GLU B 39 -11.43 -44.54 -26.38
C GLU B 39 -11.21 -44.94 -24.93
N THR B 40 -9.96 -45.21 -24.55
CA THR B 40 -9.65 -45.57 -23.17
C THR B 40 -9.92 -44.40 -22.23
N VAL B 41 -9.45 -43.21 -22.59
CA VAL B 41 -9.67 -42.03 -21.76
C VAL B 41 -11.15 -41.66 -21.73
N ASP B 42 -11.84 -41.84 -22.86
CA ASP B 42 -13.28 -41.60 -22.90
C ASP B 42 -14.01 -42.55 -21.96
N LYS B 43 -13.56 -43.81 -21.88
CA LYS B 43 -14.21 -44.78 -21.02
C LYS B 43 -13.99 -44.46 -19.54
N LEU B 44 -12.79 -43.99 -19.20
CA LEU B 44 -12.49 -43.69 -17.79
C LEU B 44 -13.40 -42.61 -17.25
N LEU B 45 -13.67 -41.58 -18.05
CA LEU B 45 -14.47 -40.44 -17.61
C LEU B 45 -15.97 -40.67 -17.73
N LYS B 46 -16.39 -41.80 -18.28
CA LYS B 46 -17.82 -42.09 -18.43
C LYS B 46 -18.33 -42.74 -17.14
N GLY B 47 -19.35 -42.14 -16.54
CA GLY B 47 -19.88 -42.61 -15.29
C GLY B 47 -19.06 -42.22 -14.08
N TYR B 48 -17.98 -41.49 -14.26
CA TYR B 48 -17.16 -41.04 -13.15
C TYR B 48 -17.93 -40.02 -12.33
N ASP B 49 -17.90 -40.18 -11.02
CA ASP B 49 -18.56 -39.25 -10.10
C ASP B 49 -17.46 -38.48 -9.37
N ILE B 50 -17.25 -37.23 -9.78
CA ILE B 50 -16.24 -36.39 -9.16
C ILE B 50 -16.64 -35.98 -7.75
N ARG B 51 -17.93 -36.06 -7.42
CA ARG B 51 -18.39 -35.70 -6.08
C ARG B 51 -17.98 -36.74 -5.03
N LEU B 52 -17.61 -37.94 -5.44
CA LEU B 52 -17.24 -39.01 -4.52
C LEU B 52 -15.73 -39.22 -4.56
N ARG B 53 -15.13 -39.36 -3.39
CA ARG B 53 -13.72 -39.68 -3.29
C ARG B 53 -13.48 -41.15 -3.67
N PRO B 54 -12.25 -41.53 -4.00
CA PRO B 54 -11.95 -42.95 -4.17
C PRO B 54 -12.24 -43.72 -2.90
N ASP B 55 -12.86 -44.88 -3.05
CA ASP B 55 -13.31 -45.70 -1.93
C ASP B 55 -14.19 -44.90 -0.98
N PHE B 56 -15.24 -44.29 -1.56
CA PHE B 56 -16.05 -43.32 -0.82
C PHE B 56 -16.64 -43.91 0.45
N GLY B 57 -17.29 -45.05 0.34
CA GLY B 57 -17.85 -45.67 1.53
C GLY B 57 -16.90 -46.55 2.30
N GLY B 58 -15.64 -46.64 1.88
CA GLY B 58 -14.72 -47.58 2.46
C GLY B 58 -13.59 -46.94 3.25
N PRO B 59 -12.39 -47.50 3.13
CA PRO B 59 -11.25 -47.02 3.89
C PRO B 59 -10.78 -45.67 3.39
N PRO B 60 -10.00 -44.94 4.19
CA PRO B 60 -9.46 -43.65 3.72
C PRO B 60 -8.50 -43.83 2.56
N VAL B 61 -8.46 -42.82 1.70
CA VAL B 61 -7.53 -42.78 0.58
C VAL B 61 -6.23 -42.14 1.05
N CYS B 62 -5.11 -42.81 0.78
CA CYS B 62 -3.80 -42.32 1.18
C CYS B 62 -3.27 -41.41 0.10
N VAL B 63 -2.92 -40.18 0.48
CA VAL B 63 -2.39 -39.18 -0.44
C VAL B 63 -0.95 -38.89 -0.01
N GLY B 64 -0.01 -39.14 -0.90
CA GLY B 64 1.40 -38.86 -0.65
C GLY B 64 1.80 -37.53 -1.25
N MET B 65 2.58 -36.77 -0.50
CA MET B 65 2.96 -35.43 -0.90
C MET B 65 4.48 -35.29 -0.91
N ASN B 66 4.98 -34.62 -1.93
CA ASN B 66 6.36 -34.16 -1.95
C ASN B 66 6.37 -32.75 -2.52
N ILE B 67 7.34 -31.97 -2.08
CA ILE B 67 7.41 -30.55 -2.44
C ILE B 67 8.80 -30.26 -2.98
N ASP B 68 8.85 -29.62 -4.14
CA ASP B 68 10.10 -29.12 -4.72
C ASP B 68 10.10 -27.61 -4.58
N ILE B 69 10.95 -27.09 -3.70
CA ILE B 69 10.96 -25.66 -3.40
C ILE B 69 11.74 -24.92 -4.47
N ALA B 70 11.09 -24.00 -5.16
CA ALA B 70 11.73 -23.18 -6.18
C ALA B 70 12.43 -21.97 -5.57
N SER B 71 11.80 -21.30 -4.61
CA SER B 71 12.39 -20.10 -4.02
C SER B 71 11.63 -19.73 -2.75
N ILE B 72 12.38 -19.20 -1.79
CA ILE B 72 11.81 -18.48 -0.64
C ILE B 72 12.25 -17.03 -0.76
N ASP B 73 11.30 -16.11 -0.63
CA ASP B 73 11.64 -14.70 -0.76
C ASP B 73 10.70 -13.87 0.08
N MET B 74 11.13 -12.63 0.36
CA MET B 74 10.34 -11.67 1.12
C MET B 74 9.98 -12.19 2.50
N VAL B 75 11.01 -12.62 3.25
CA VAL B 75 10.81 -12.95 4.65
C VAL B 75 10.66 -11.63 5.39
N SER B 76 9.42 -11.27 5.69
CA SER B 76 9.09 -9.92 6.13
C SER B 76 8.85 -9.90 7.63
N GLU B 77 9.68 -9.14 8.35
CA GLU B 77 9.39 -8.87 9.75
C GLU B 77 8.21 -7.91 9.88
N VAL B 78 8.06 -6.98 8.95
CA VAL B 78 6.98 -6.01 9.01
C VAL B 78 5.63 -6.69 8.84
N ASN B 79 5.50 -7.53 7.84
CA ASN B 79 4.25 -8.23 7.58
C ASN B 79 4.14 -9.57 8.29
N MET B 80 5.21 -10.03 8.94
CA MET B 80 5.23 -11.29 9.67
C MET B 80 4.80 -12.45 8.77
N ASP B 81 5.52 -12.61 7.67
CA ASP B 81 5.20 -13.66 6.71
C ASP B 81 6.41 -13.92 5.83
N TYR B 82 6.29 -14.94 4.99
CA TYR B 82 7.28 -15.24 3.98
C TYR B 82 6.57 -15.79 2.76
N THR B 83 7.21 -15.66 1.61
CA THR B 83 6.65 -16.09 0.33
C THR B 83 7.41 -17.32 -0.15
N LEU B 84 6.67 -18.32 -0.61
CA LEU B 84 7.23 -19.60 -1.03
C LEU B 84 6.70 -19.95 -2.42
N THR B 85 7.60 -20.31 -3.32
CA THR B 85 7.24 -20.86 -4.63
C THR B 85 7.68 -22.31 -4.67
N MET B 86 6.76 -23.21 -4.97
CA MET B 86 7.06 -24.62 -4.85
C MET B 86 6.32 -25.41 -5.92
N TYR B 87 6.83 -26.60 -6.20
CA TYR B 87 6.13 -27.59 -7.02
C TYR B 87 5.49 -28.58 -6.06
N PHE B 88 4.17 -28.54 -5.96
CA PHE B 88 3.42 -29.30 -4.98
C PHE B 88 2.79 -30.50 -5.67
N GLN B 89 3.28 -31.70 -5.34
CA GLN B 89 2.84 -32.93 -5.99
C GLN B 89 2.07 -33.80 -5.01
N GLN B 90 0.91 -34.28 -5.45
CA GLN B 90 0.07 -35.18 -4.67
C GLN B 90 -0.09 -36.50 -5.40
N TYR B 91 -0.03 -37.59 -4.64
CA TYR B 91 -0.07 -38.94 -5.17
CA TYR B 91 -0.05 -38.95 -5.16
C TYR B 91 -1.18 -39.72 -4.49
N TRP B 92 -2.03 -40.33 -5.29
CA TRP B 92 -3.07 -41.19 -4.73
C TRP B 92 -3.55 -42.14 -5.81
N ARG B 93 -4.18 -43.22 -5.38
CA ARG B 93 -4.72 -44.22 -6.28
C ARG B 93 -6.24 -44.07 -6.35
N ASP B 94 -6.76 -44.02 -7.56
CA ASP B 94 -8.20 -44.03 -7.82
C ASP B 94 -8.46 -45.18 -8.77
N LYS B 95 -9.02 -46.27 -8.25
CA LYS B 95 -9.24 -47.47 -9.05
C LYS B 95 -10.26 -47.26 -10.16
N ARG B 96 -11.07 -46.21 -10.07
CA ARG B 96 -11.96 -45.86 -11.18
C ARG B 96 -11.18 -45.41 -12.40
N LEU B 97 -9.92 -45.02 -12.23
CA LEU B 97 -9.09 -44.54 -13.33
C LEU B 97 -8.08 -45.58 -13.79
N ALA B 98 -8.22 -46.83 -13.35
CA ALA B 98 -7.36 -47.89 -13.85
C ALA B 98 -7.70 -48.20 -15.30
N TYR B 99 -6.65 -48.40 -16.11
CA TYR B 99 -6.83 -48.74 -17.51
C TYR B 99 -5.83 -49.82 -17.87
N SER B 100 -6.15 -50.59 -18.90
CA SER B 100 -5.31 -51.69 -19.35
C SER B 100 -5.13 -51.60 -20.86
N GLY B 101 -4.08 -52.27 -21.34
CA GLY B 101 -3.76 -52.30 -22.75
C GLY B 101 -2.74 -51.27 -23.19
N ILE B 102 -2.54 -50.23 -22.40
CA ILE B 102 -1.62 -49.14 -22.72
C ILE B 102 -0.45 -49.23 -21.73
N PRO B 103 0.76 -49.55 -22.19
CA PRO B 103 1.90 -49.62 -21.28
C PRO B 103 2.48 -48.25 -20.95
N LEU B 104 1.71 -47.20 -21.19
CA LEU B 104 2.17 -45.83 -20.97
C LEU B 104 1.57 -45.25 -19.70
N ASN B 105 2.28 -44.29 -19.13
CA ASN B 105 1.73 -43.40 -18.11
C ASN B 105 1.15 -42.18 -18.83
N LEU B 106 -0.16 -42.09 -18.88
CA LEU B 106 -0.84 -41.10 -19.72
C LEU B 106 -0.78 -39.73 -19.05
N THR B 107 0.04 -38.84 -19.59
CA THR B 107 0.01 -37.43 -19.22
C THR B 107 -1.06 -36.74 -20.05
N LEU B 108 -2.03 -36.15 -19.38
CA LEU B 108 -3.15 -35.52 -20.06
C LEU B 108 -3.07 -34.01 -19.91
N ASP B 109 -3.83 -33.31 -20.76
CA ASP B 109 -3.92 -31.86 -20.65
C ASP B 109 -4.46 -31.50 -19.27
N ASN B 110 -3.93 -30.41 -18.70
CA ASN B 110 -4.22 -30.09 -17.31
C ASN B 110 -5.71 -29.84 -17.07
N ARG B 111 -6.48 -29.54 -18.11
CA ARG B 111 -7.90 -29.29 -17.93
C ARG B 111 -8.67 -30.54 -17.52
N VAL B 112 -8.08 -31.73 -17.68
CA VAL B 112 -8.73 -32.95 -17.24
C VAL B 112 -8.80 -33.01 -15.71
N ALA B 113 -8.02 -32.20 -15.01
CA ALA B 113 -8.10 -32.18 -13.54
C ALA B 113 -9.45 -31.68 -13.06
N ASP B 114 -10.15 -30.88 -13.88
CA ASP B 114 -11.47 -30.40 -13.50
C ASP B 114 -12.53 -31.47 -13.59
N GLN B 115 -12.24 -32.61 -14.22
CA GLN B 115 -13.18 -33.72 -14.33
C GLN B 115 -12.89 -34.83 -13.35
N LEU B 116 -11.73 -34.83 -12.71
CA LEU B 116 -11.32 -35.87 -11.78
C LEU B 116 -11.35 -35.35 -10.35
N TRP B 117 -11.55 -36.27 -9.41
CA TRP B 117 -11.45 -35.94 -8.00
C TRP B 117 -9.99 -35.67 -7.63
N VAL B 118 -9.75 -34.58 -6.91
CA VAL B 118 -8.43 -34.30 -6.35
C VAL B 118 -8.60 -34.00 -4.87
N PRO B 119 -7.58 -34.21 -4.05
CA PRO B 119 -7.72 -33.91 -2.61
C PRO B 119 -7.96 -32.43 -2.36
N ASP B 120 -8.74 -32.14 -1.33
CA ASP B 120 -9.05 -30.76 -0.93
C ASP B 120 -7.98 -30.20 0.00
N THR B 121 -6.73 -30.27 -0.44
CA THR B 121 -5.60 -29.84 0.38
C THR B 121 -5.55 -28.33 0.45
N TYR B 122 -5.30 -27.80 1.66
CA TYR B 122 -5.15 -26.36 1.85
C TYR B 122 -4.00 -26.12 2.83
N PHE B 123 -3.58 -24.87 2.91
CA PHE B 123 -2.50 -24.46 3.81
C PHE B 123 -3.08 -23.53 4.87
N LEU B 124 -3.00 -23.96 6.13
CA LEU B 124 -3.71 -23.25 7.19
C LEU B 124 -3.16 -21.85 7.41
N ASN B 125 -1.84 -21.71 7.47
CA ASN B 125 -1.20 -20.41 7.68
C ASN B 125 -0.98 -19.65 6.39
N ASP B 126 -1.71 -19.98 5.33
CA ASP B 126 -1.58 -19.32 4.05
C ASP B 126 -2.42 -18.06 4.02
N LYS B 127 -1.79 -16.91 3.76
CA LYS B 127 -2.49 -15.64 3.67
C LYS B 127 -2.93 -15.34 2.25
N LYS B 128 -2.06 -15.56 1.27
CA LYS B 128 -2.34 -15.27 -0.11
C LYS B 128 -1.57 -16.26 -0.98
N SER B 129 -2.26 -16.91 -1.90
CA SER B 129 -1.59 -17.87 -2.77
C SER B 129 -2.31 -17.93 -4.10
N PHE B 130 -1.58 -18.39 -5.11
CA PHE B 130 -2.14 -18.56 -6.44
C PHE B 130 -1.41 -19.69 -7.14
N VAL B 131 -2.10 -20.34 -8.07
CA VAL B 131 -1.48 -21.24 -9.03
C VAL B 131 -1.09 -20.42 -10.25
N HIS B 132 0.15 -20.56 -10.69
CA HIS B 132 0.61 -19.81 -11.85
C HIS B 132 -0.15 -20.26 -13.10
N GLY B 133 -0.36 -19.32 -14.01
CA GLY B 133 -1.21 -19.59 -15.16
C GLY B 133 -0.68 -19.14 -16.50
N VAL B 134 0.64 -19.05 -16.66
CA VAL B 134 1.26 -18.71 -17.93
C VAL B 134 2.23 -19.82 -18.30
N THR B 135 2.12 -20.33 -19.52
CA THR B 135 1.19 -19.90 -20.57
C THR B 135 -0.18 -20.53 -20.35
N VAL B 136 -0.20 -21.63 -19.63
CA VAL B 136 -1.43 -22.27 -19.18
C VAL B 136 -1.32 -22.44 -17.66
N LYS B 137 -2.41 -22.87 -17.04
CA LYS B 137 -2.37 -23.14 -15.62
C LYS B 137 -1.29 -24.17 -15.33
N ASN B 138 -0.40 -23.85 -14.38
CA ASN B 138 0.78 -24.66 -14.09
C ASN B 138 0.36 -25.89 -13.30
N ARG B 139 -0.30 -26.81 -13.99
CA ARG B 139 -0.94 -27.97 -13.39
C ARG B 139 -0.59 -29.20 -14.21
N MET B 140 -0.43 -30.33 -13.53
CA MET B 140 -0.09 -31.58 -14.17
C MET B 140 -1.02 -32.69 -13.68
N ILE B 141 -1.51 -33.49 -14.63
CA ILE B 141 -2.24 -34.71 -14.32
C ILE B 141 -1.59 -35.83 -15.11
N ARG B 142 -1.01 -36.79 -14.41
CA ARG B 142 -0.44 -37.98 -15.04
C ARG B 142 -1.14 -39.20 -14.46
N LEU B 143 -1.70 -40.02 -15.33
CA LEU B 143 -2.36 -41.25 -14.92
C LEU B 143 -1.43 -42.43 -15.10
N HIS B 144 -1.64 -43.47 -14.31
CA HIS B 144 -0.88 -44.70 -14.38
C HIS B 144 -1.84 -45.86 -14.55
N PRO B 145 -1.40 -46.96 -15.19
CA PRO B 145 -2.34 -48.06 -15.46
C PRO B 145 -2.99 -48.68 -14.23
N ASP B 146 -2.31 -48.69 -13.10
CA ASP B 146 -2.90 -49.24 -11.88
C ASP B 146 -3.93 -48.31 -11.25
N GLY B 147 -4.13 -47.12 -11.80
CA GLY B 147 -5.07 -46.17 -11.25
C GLY B 147 -4.46 -45.06 -10.44
N THR B 148 -3.13 -44.98 -10.39
CA THR B 148 -2.46 -43.93 -9.64
C THR B 148 -2.52 -42.61 -10.40
N VAL B 149 -2.80 -41.53 -9.66
CA VAL B 149 -2.84 -40.18 -10.21
C VAL B 149 -1.69 -39.39 -9.59
N LEU B 150 -0.88 -38.79 -10.43
CA LEU B 150 0.11 -37.81 -9.99
C LEU B 150 -0.41 -36.43 -10.36
N TYR B 151 -0.58 -35.59 -9.36
CA TYR B 151 -1.18 -34.27 -9.49
C TYR B 151 -0.17 -33.23 -9.04
N GLY B 152 0.34 -32.44 -9.97
CA GLY B 152 1.33 -31.42 -9.68
C GLY B 152 0.75 -30.03 -9.84
N LEU B 153 1.15 -29.12 -8.94
CA LEU B 153 0.75 -27.73 -9.00
C LEU B 153 1.98 -26.86 -8.71
N ARG B 154 2.11 -25.76 -9.44
CA ARG B 154 3.12 -24.77 -9.16
C ARG B 154 2.45 -23.63 -8.40
N ILE B 155 2.81 -23.48 -7.12
CA ILE B 155 2.11 -22.62 -6.19
C ILE B 155 3.08 -21.58 -5.65
N THR B 156 2.65 -20.33 -5.62
CA THR B 156 3.28 -19.29 -4.83
C THR B 156 2.35 -18.95 -3.67
N THR B 157 2.84 -19.07 -2.45
CA THR B 157 2.04 -18.80 -1.27
C THR B 157 2.79 -17.85 -0.34
N THR B 158 2.06 -16.89 0.21
CA THR B 158 2.54 -16.06 1.31
C THR B 158 1.99 -16.64 2.60
N ALA B 159 2.85 -17.27 3.37
CA ALA B 159 2.46 -17.96 4.60
C ALA B 159 2.85 -17.14 5.82
N ALA B 160 1.98 -17.12 6.81
CA ALA B 160 2.23 -16.36 8.03
C ALA B 160 3.36 -16.97 8.85
N CYS B 161 4.19 -16.10 9.42
CA CYS B 161 5.30 -16.54 10.27
C CYS B 161 5.49 -15.47 11.34
N MET B 162 4.86 -15.69 12.50
CA MET B 162 5.03 -14.79 13.62
C MET B 162 6.44 -14.94 14.17
N MET B 163 7.21 -13.85 14.15
CA MET B 163 8.62 -13.89 14.52
C MET B 163 8.80 -13.28 15.90
N ASP B 164 9.66 -13.92 16.70
CA ASP B 164 10.08 -13.38 17.98
C ASP B 164 11.36 -12.58 17.77
N LEU B 165 11.27 -11.26 17.96
CA LEU B 165 12.37 -10.36 17.64
C LEU B 165 13.14 -9.91 18.88
N ARG B 166 13.02 -10.64 19.99
CA ARG B 166 13.70 -10.23 21.22
C ARG B 166 15.21 -10.29 21.09
N ARG B 167 15.73 -11.17 20.23
CA ARG B 167 17.16 -11.29 19.99
C ARG B 167 17.57 -10.70 18.65
N TYR B 168 16.67 -10.00 17.98
CA TYR B 168 16.98 -9.37 16.71
C TYR B 168 18.12 -8.36 16.89
N PRO B 169 19.08 -8.30 15.97
CA PRO B 169 19.19 -9.06 14.71
C PRO B 169 19.95 -10.37 14.84
N LEU B 170 20.21 -10.83 16.07
CA LEU B 170 20.92 -12.09 16.29
C LEU B 170 19.94 -13.23 16.57
N ASP B 171 18.79 -13.21 15.93
CA ASP B 171 17.71 -14.13 16.20
C ASP B 171 17.69 -15.28 15.19
N GLU B 172 16.98 -16.34 15.57
CA GLU B 172 16.65 -17.44 14.68
C GLU B 172 15.15 -17.57 14.61
N GLN B 173 14.63 -17.78 13.41
CA GLN B 173 13.20 -17.88 13.20
C GLN B 173 12.87 -19.28 12.68
N ASN B 174 11.67 -19.74 13.02
CA ASN B 174 11.15 -21.02 12.58
C ASN B 174 9.83 -20.74 11.86
N CYS B 175 9.89 -20.68 10.53
CA CYS B 175 8.72 -20.50 9.69
C CYS B 175 8.25 -21.85 9.18
N THR B 176 6.96 -22.11 9.31
CA THR B 176 6.39 -23.40 8.98
C THR B 176 5.35 -23.27 7.86
N LEU B 177 5.06 -24.39 7.22
CA LEU B 177 3.96 -24.50 6.27
C LEU B 177 3.06 -25.63 6.74
N GLU B 178 1.80 -25.32 6.97
CA GLU B 178 0.84 -26.29 7.50
C GLU B 178 -0.04 -26.79 6.36
N ILE B 179 0.01 -28.09 6.11
CA ILE B 179 -0.70 -28.73 5.01
C ILE B 179 -1.78 -29.61 5.62
N GLU B 180 -3.04 -29.40 5.21
CA GLU B 180 -4.14 -30.11 5.81
C GLU B 180 -5.24 -30.32 4.78
N SER B 181 -6.07 -31.34 5.01
CA SER B 181 -7.30 -31.53 4.27
C SER B 181 -8.42 -30.71 4.90
N TYR B 182 -9.24 -30.08 4.06
CA TYR B 182 -10.27 -29.23 4.62
C TYR B 182 -11.53 -30.01 4.98
N GLY B 183 -12.09 -30.78 4.06
CA GLY B 183 -13.35 -31.41 4.32
C GLY B 183 -13.31 -32.86 4.77
N TYR B 184 -12.17 -33.51 4.57
CA TYR B 184 -12.07 -34.95 4.78
C TYR B 184 -11.33 -35.22 6.09
N THR B 185 -12.00 -35.94 6.99
CA THR B 185 -11.38 -36.32 8.25
C THR B 185 -10.46 -37.52 8.03
N THR B 186 -9.80 -37.95 9.11
CA THR B 186 -8.88 -39.07 9.02
C THR B 186 -9.58 -40.37 8.69
N ASP B 187 -10.91 -40.41 8.79
CA ASP B 187 -11.69 -41.56 8.32
C ASP B 187 -11.86 -41.58 6.81
N ASP B 188 -11.49 -40.50 6.11
CA ASP B 188 -11.64 -40.39 4.68
C ASP B 188 -10.32 -40.25 3.93
N ILE B 189 -9.31 -39.65 4.54
CA ILE B 189 -8.07 -39.34 3.84
C ILE B 189 -6.92 -39.46 4.82
N GLU B 190 -5.75 -39.85 4.30
CA GLU B 190 -4.52 -39.90 5.06
C GLU B 190 -3.42 -39.20 4.27
N PHE B 191 -2.61 -38.42 4.98
CA PHE B 191 -1.48 -37.73 4.39
C PHE B 191 -0.19 -38.41 4.83
N TYR B 192 0.80 -38.42 3.95
CA TYR B 192 2.14 -38.83 4.32
C TYR B 192 3.12 -38.13 3.39
N TRP B 193 4.35 -37.98 3.86
CA TRP B 193 5.41 -37.44 3.01
C TRP B 193 5.93 -38.57 2.13
N ARG B 194 5.72 -38.45 0.82
CA ARG B 194 6.13 -39.47 -0.11
C ARG B 194 7.63 -39.37 -0.33
N GLY B 195 8.38 -40.30 0.25
CA GLY B 195 9.82 -40.27 0.23
C GLY B 195 10.46 -40.04 1.59
N GLY B 196 9.67 -39.96 2.65
CA GLY B 196 10.20 -39.76 3.99
C GLY B 196 10.88 -38.43 4.16
N ASP B 197 12.17 -38.45 4.54
CA ASP B 197 12.94 -37.24 4.72
C ASP B 197 13.40 -36.64 3.39
N LYS B 198 13.18 -37.31 2.27
CA LYS B 198 13.53 -36.79 0.96
C LYS B 198 12.33 -36.21 0.23
N ALA B 199 11.19 -36.07 0.91
CA ALA B 199 9.99 -35.58 0.25
C ALA B 199 10.15 -34.14 -0.20
N VAL B 200 10.83 -33.32 0.59
CA VAL B 200 11.04 -31.92 0.25
C VAL B 200 12.46 -31.75 -0.28
N THR B 201 12.56 -31.25 -1.50
CA THR B 201 13.84 -31.00 -2.15
C THR B 201 13.96 -29.51 -2.46
N GLY B 202 15.19 -29.11 -2.82
CA GLY B 202 15.47 -27.74 -3.20
C GLY B 202 15.78 -26.79 -2.07
N VAL B 203 15.84 -27.28 -0.83
CA VAL B 203 16.14 -26.41 0.30
C VAL B 203 17.58 -25.93 0.26
N GLU B 204 18.52 -26.81 -0.10
CA GLU B 204 19.93 -26.44 -0.12
C GLU B 204 20.25 -25.42 -1.20
N ARG B 205 19.41 -25.31 -2.23
CA ARG B 205 19.63 -24.34 -3.30
C ARG B 205 19.06 -22.97 -2.99
N ILE B 206 18.25 -22.84 -1.94
CA ILE B 206 17.66 -21.55 -1.60
C ILE B 206 18.75 -20.61 -1.08
N GLU B 207 18.69 -19.36 -1.53
CA GLU B 207 19.61 -18.32 -1.08
C GLU B 207 18.79 -17.10 -0.68
N LEU B 208 18.73 -16.83 0.61
CA LEU B 208 18.10 -15.64 1.17
C LEU B 208 19.17 -14.62 1.52
N PRO B 209 18.99 -13.35 1.13
CA PRO B 209 20.01 -12.34 1.46
C PRO B 209 20.22 -12.15 2.94
N GLN B 210 19.17 -12.22 3.75
CA GLN B 210 19.25 -11.93 5.17
C GLN B 210 19.27 -13.15 6.06
N PHE B 211 19.02 -14.33 5.53
CA PHE B 211 18.89 -15.54 6.33
C PHE B 211 19.70 -16.67 5.74
N SER B 212 20.06 -17.61 6.60
CA SER B 212 20.60 -18.89 6.20
C SER B 212 19.66 -19.97 6.73
N ILE B 213 19.27 -20.90 5.87
CA ILE B 213 18.38 -21.99 6.27
C ILE B 213 19.21 -23.06 6.96
N VAL B 214 19.09 -23.14 8.28
CA VAL B 214 19.90 -24.07 9.05
C VAL B 214 19.44 -25.50 8.81
N GLU B 215 18.13 -25.74 8.89
CA GLU B 215 17.59 -27.08 8.65
C GLU B 215 16.10 -26.96 8.35
N HIS B 216 15.54 -28.05 7.85
CA HIS B 216 14.10 -28.17 7.67
C HIS B 216 13.64 -29.51 8.21
N ARG B 217 12.40 -29.56 8.68
CA ARG B 217 11.82 -30.75 9.26
C ARG B 217 10.49 -31.06 8.60
N LEU B 218 10.16 -32.34 8.58
CA LEU B 218 8.88 -32.83 8.08
C LEU B 218 8.14 -33.51 9.22
N VAL B 219 6.90 -33.11 9.42
CA VAL B 219 6.09 -33.60 10.53
C VAL B 219 4.75 -34.07 9.97
N SER B 220 4.29 -35.22 10.44
CA SER B 220 2.97 -35.74 10.14
C SER B 220 2.22 -35.96 11.44
N ARG B 221 0.99 -35.46 11.52
CA ARG B 221 0.18 -35.61 12.72
C ARG B 221 -1.28 -35.37 12.36
N ASN B 222 -2.14 -35.44 13.37
CA ASN B 222 -3.58 -35.23 13.22
C ASN B 222 -4.00 -34.07 14.12
N VAL B 223 -4.81 -33.17 13.57
CA VAL B 223 -5.35 -32.03 14.31
C VAL B 223 -6.84 -32.24 14.48
N VAL B 224 -7.35 -31.93 15.68
CA VAL B 224 -8.76 -32.09 16.00
C VAL B 224 -9.42 -30.72 16.04
N PHE B 225 -10.48 -30.56 15.28
CA PHE B 225 -11.37 -29.42 15.38
C PHE B 225 -12.75 -29.91 15.82
N ALA B 226 -13.70 -28.99 15.92
CA ALA B 226 -15.04 -29.36 16.33
C ALA B 226 -15.74 -30.23 15.30
N THR B 227 -15.30 -30.20 14.04
CA THR B 227 -15.92 -30.95 12.97
C THR B 227 -15.25 -32.28 12.70
N GLY B 228 -14.20 -32.62 13.42
CA GLY B 228 -13.56 -33.91 13.27
C GLY B 228 -12.07 -33.80 13.46
N ALA B 229 -11.38 -34.89 13.14
CA ALA B 229 -9.93 -34.95 13.21
C ALA B 229 -9.39 -35.00 11.78
N TYR B 230 -8.37 -34.20 11.50
CA TYR B 230 -7.90 -34.06 10.13
C TYR B 230 -6.40 -34.32 10.07
N PRO B 231 -5.93 -34.97 9.01
CA PRO B 231 -4.49 -35.16 8.84
C PRO B 231 -3.79 -33.84 8.58
N ARG B 232 -2.55 -33.75 9.03
CA ARG B 232 -1.76 -32.54 8.82
C ARG B 232 -0.31 -32.90 8.56
N LEU B 233 0.27 -32.29 7.54
CA LEU B 233 1.70 -32.33 7.28
C LEU B 233 2.29 -30.96 7.55
N SER B 234 3.46 -30.91 8.17
CA SER B 234 4.11 -29.66 8.52
C SER B 234 5.52 -29.63 7.92
N LEU B 235 5.80 -28.60 7.14
CA LEU B 235 7.14 -28.30 6.67
C LEU B 235 7.62 -27.04 7.38
N SER B 236 8.71 -27.16 8.12
CA SER B 236 9.25 -26.06 8.90
C SER B 236 10.72 -25.85 8.56
N PHE B 237 11.11 -24.59 8.41
CA PHE B 237 12.49 -24.21 8.21
C PHE B 237 13.00 -23.44 9.42
N ARG B 238 14.28 -23.60 9.72
CA ARG B 238 14.93 -22.82 10.77
C ARG B 238 15.84 -21.81 10.09
N LEU B 239 15.52 -20.54 10.24
CA LEU B 239 16.27 -19.46 9.60
C LEU B 239 17.16 -18.79 10.64
N LYS B 240 18.43 -18.60 10.30
CA LYS B 240 19.37 -17.86 11.13
C LYS B 240 19.72 -16.57 10.38
N ARG B 241 19.50 -15.44 11.03
CA ARG B 241 19.70 -14.16 10.38
C ARG B 241 21.18 -13.82 10.30
N ASN B 242 21.60 -13.31 9.15
CA ASN B 242 22.98 -12.90 8.95
C ASN B 242 23.25 -11.58 9.66
N ILE B 243 24.36 -11.52 10.41
CA ILE B 243 24.70 -10.34 11.18
C ILE B 243 25.50 -9.32 10.38
N GLY B 244 26.05 -9.71 9.23
CA GLY B 244 27.00 -8.86 8.54
C GLY B 244 26.41 -7.55 8.07
N TYR B 245 25.14 -7.57 7.66
CA TYR B 245 24.50 -6.34 7.21
C TYR B 245 24.38 -5.32 8.35
N PHE B 246 24.05 -5.78 9.55
CA PHE B 246 23.78 -4.88 10.65
C PHE B 246 25.04 -4.34 11.31
N ILE B 247 26.19 -4.98 11.07
CA ILE B 247 27.44 -4.46 11.61
C ILE B 247 27.81 -3.15 10.91
N LEU B 248 27.76 -3.15 9.58
CA LEU B 248 28.07 -1.94 8.84
C LEU B 248 26.96 -0.92 8.92
N GLN B 249 25.72 -1.36 9.15
CA GLN B 249 24.58 -0.46 9.07
C GLN B 249 24.35 0.28 10.38
N THR B 250 24.39 -0.43 11.50
CA THR B 250 24.07 0.20 12.77
C THR B 250 25.13 0.04 13.83
N TYR B 251 25.79 -1.12 13.91
CA TYR B 251 26.73 -1.36 15.00
C TYR B 251 27.99 -0.51 14.85
N MET B 252 28.57 -0.48 13.65
CA MET B 252 29.79 0.31 13.45
C MET B 252 29.56 1.80 13.65
N PRO B 253 28.55 2.45 13.04
CA PRO B 253 28.35 3.88 13.34
C PRO B 253 28.06 4.15 14.81
N SER B 254 27.40 3.24 15.52
CA SER B 254 27.21 3.42 16.95
C SER B 254 28.53 3.37 17.69
N ILE B 255 29.41 2.44 17.34
CA ILE B 255 30.70 2.30 18.02
C ILE B 255 31.58 3.52 17.74
N LEU B 256 31.63 3.96 16.48
CA LEU B 256 32.48 5.08 16.12
C LEU B 256 31.95 6.40 16.69
N ILE B 257 30.62 6.52 16.81
CA ILE B 257 30.05 7.70 17.45
C ILE B 257 30.38 7.72 18.93
N THR B 258 30.33 6.56 19.60
CA THR B 258 30.68 6.50 21.02
C THR B 258 32.15 6.82 21.24
N ILE B 259 33.02 6.32 20.37
CA ILE B 259 34.45 6.58 20.51
C ILE B 259 34.74 8.07 20.33
N LEU B 260 34.10 8.71 19.36
CA LEU B 260 34.32 10.14 19.13
C LEU B 260 33.79 11.00 20.26
N SER B 261 32.83 10.50 21.05
CA SER B 261 32.37 11.26 22.20
C SER B 261 33.42 11.34 23.30
N TRP B 262 34.45 10.49 23.25
CA TRP B 262 35.53 10.55 24.22
C TRP B 262 36.61 11.56 23.85
N VAL B 263 36.53 12.16 22.66
CA VAL B 263 37.48 13.20 22.30
C VAL B 263 37.33 14.40 23.22
N SER B 264 36.11 14.65 23.72
CA SER B 264 35.87 15.79 24.59
C SER B 264 36.70 15.71 25.87
N PHE B 265 36.99 14.50 26.35
CA PHE B 265 37.79 14.36 27.57
C PHE B 265 39.21 14.87 27.40
N TRP B 266 39.67 15.04 26.16
CA TRP B 266 41.01 15.55 25.88
C TRP B 266 41.01 17.03 25.52
N ILE B 267 39.85 17.64 25.43
CA ILE B 267 39.72 19.07 25.15
C ILE B 267 39.78 19.83 26.47
N ASN B 268 40.42 20.99 26.46
CA ASN B 268 40.54 21.80 27.65
C ASN B 268 39.17 22.19 28.19
N TYR B 269 39.05 22.22 29.51
CA TYR B 269 37.76 22.50 30.14
C TYR B 269 37.25 23.90 29.84
N ASP B 270 38.12 24.80 29.39
CA ASP B 270 37.69 26.15 29.02
C ASP B 270 36.74 26.10 27.83
N ALA B 271 36.96 25.17 26.90
CA ALA B 271 36.23 25.12 25.64
C ALA B 271 34.85 24.52 25.89
N SER B 272 33.96 25.34 26.45
CA SER B 272 32.59 24.89 26.66
C SER B 272 31.86 24.70 25.35
N ALA B 273 32.06 25.62 24.40
CA ALA B 273 31.35 25.53 23.12
C ALA B 273 31.83 24.35 22.30
N ALA B 274 33.12 23.99 22.40
CA ALA B 274 33.63 22.83 21.67
C ALA B 274 33.09 21.53 22.26
N ARG B 275 33.14 21.40 23.59
CA ARG B 275 32.76 20.14 24.21
C ARG B 275 31.25 19.95 24.24
N VAL B 276 30.47 21.03 24.32
CA VAL B 276 29.03 20.90 24.26
C VAL B 276 28.60 20.52 22.84
N ALA B 277 29.17 21.18 21.83
CA ALA B 277 28.83 20.86 20.45
C ALA B 277 29.21 19.43 20.10
N LEU B 278 30.36 18.98 20.61
CA LEU B 278 30.76 17.59 20.39
C LEU B 278 29.81 16.63 21.08
N GLY B 279 29.45 16.92 22.33
CA GLY B 279 28.58 16.03 23.08
C GLY B 279 27.16 15.99 22.55
N ILE B 280 26.61 17.15 22.20
CA ILE B 280 25.24 17.19 21.71
C ILE B 280 25.12 16.55 20.34
N THR B 281 26.14 16.72 19.48
CA THR B 281 26.08 16.14 18.15
C THR B 281 26.17 14.62 18.19
N THR B 282 26.99 14.07 19.10
CA THR B 282 27.02 12.62 19.27
C THR B 282 25.69 12.09 19.79
N VAL B 283 25.01 12.84 20.66
CA VAL B 283 23.69 12.45 21.12
C VAL B 283 22.71 12.40 19.94
N LEU B 284 22.77 13.38 19.06
CA LEU B 284 21.86 13.42 17.93
C LEU B 284 22.18 12.35 16.89
N THR B 285 23.46 11.97 16.75
CA THR B 285 23.79 10.91 15.82
C THR B 285 23.17 9.59 16.22
N MET B 286 23.19 9.26 17.52
CA MET B 286 22.55 8.04 17.98
C MET B 286 21.06 8.06 17.72
N THR B 287 20.45 9.25 17.75
CA THR B 287 19.03 9.35 17.44
C THR B 287 18.75 9.06 15.97
N THR B 288 19.59 9.57 15.06
CA THR B 288 19.40 9.30 13.65
C THR B 288 19.63 7.83 13.34
N ILE B 289 20.60 7.20 13.99
CA ILE B 289 20.87 5.78 13.78
C ILE B 289 19.66 4.95 14.16
N ASN B 290 19.06 5.25 15.32
CA ASN B 290 17.87 4.51 15.75
C ASN B 290 16.67 4.81 14.87
N THR B 291 16.54 6.06 14.42
CA THR B 291 15.41 6.42 13.56
C THR B 291 15.47 5.69 12.23
N HIS B 292 16.66 5.60 11.63
CA HIS B 292 16.80 4.87 10.38
C HIS B 292 16.48 3.40 10.58
N LEU B 293 16.89 2.85 11.73
CA LEU B 293 16.66 1.43 12.00
C LEU B 293 15.17 1.13 12.16
N ARG B 294 14.47 1.90 13.00
CA ARG B 294 13.10 1.54 13.35
C ARG B 294 12.13 1.78 12.21
N GLU B 295 12.49 2.57 11.20
CA GLU B 295 11.62 2.76 10.05
C GLU B 295 11.46 1.49 9.23
N THR B 296 12.38 0.53 9.36
CA THR B 296 12.36 -0.69 8.57
C THR B 296 11.80 -1.88 9.34
N LEU B 297 11.21 -1.66 10.50
CA LEU B 297 10.81 -2.71 11.40
C LEU B 297 9.34 -2.53 11.79
N PRO B 298 8.69 -3.60 12.24
CA PRO B 298 7.33 -3.46 12.76
C PRO B 298 7.33 -2.76 14.11
N LYS B 299 6.13 -2.46 14.59
CA LYS B 299 5.96 -1.83 15.89
C LYS B 299 5.75 -2.93 16.93
N ILE B 300 6.85 -3.42 17.49
CA ILE B 300 6.77 -4.44 18.52
C ILE B 300 6.92 -3.77 19.88
N PRO B 301 6.23 -4.25 20.91
CA PRO B 301 6.21 -3.57 22.21
C PRO B 301 7.33 -3.96 23.16
N TYR B 302 8.37 -4.63 22.72
CA TYR B 302 9.45 -5.04 23.59
C TYR B 302 10.79 -4.56 23.05
N VAL B 303 11.81 -4.70 23.88
CA VAL B 303 13.16 -4.27 23.54
C VAL B 303 13.86 -5.39 22.80
N LYS B 304 14.44 -5.08 21.65
CA LYS B 304 15.24 -6.02 20.90
C LYS B 304 16.70 -5.97 21.36
N ALA B 305 17.50 -6.89 20.85
CA ALA B 305 18.92 -6.86 21.16
C ALA B 305 19.58 -5.61 20.59
N ILE B 306 19.18 -5.21 19.38
CA ILE B 306 19.73 -4.01 18.77
C ILE B 306 19.30 -2.76 19.54
N ASP B 307 18.07 -2.75 20.08
CA ASP B 307 17.65 -1.66 20.96
C ASP B 307 18.51 -1.61 22.21
N MET B 308 18.81 -2.78 22.79
CA MET B 308 19.65 -2.84 23.97
C MET B 308 21.02 -2.24 23.70
N TYR B 309 21.55 -2.46 22.49
CA TYR B 309 22.85 -1.91 22.15
C TYR B 309 22.77 -0.40 21.93
N LEU B 310 21.75 0.06 21.20
CA LEU B 310 21.61 1.49 20.94
C LEU B 310 21.34 2.27 22.22
N MET B 311 20.53 1.71 23.12
CA MET B 311 20.31 2.34 24.41
C MET B 311 21.61 2.42 25.21
N GLY B 312 22.41 1.36 25.16
CA GLY B 312 23.68 1.40 25.87
C GLY B 312 24.63 2.44 25.31
N CYS B 313 24.74 2.51 23.99
CA CYS B 313 25.60 3.52 23.37
C CYS B 313 25.09 4.92 23.64
N PHE B 314 23.77 5.10 23.68
CA PHE B 314 23.23 6.42 24.02
C PHE B 314 23.60 6.82 25.43
N VAL B 315 23.53 5.88 26.37
CA VAL B 315 23.87 6.19 27.77
C VAL B 315 25.33 6.61 27.88
N PHE B 316 26.22 5.90 27.19
CA PHE B 316 27.63 6.29 27.20
C PHE B 316 27.83 7.68 26.60
N VAL B 317 27.16 7.95 25.48
CA VAL B 317 27.28 9.25 24.85
C VAL B 317 26.61 10.33 25.69
N PHE B 318 25.48 10.01 26.31
CA PHE B 318 24.82 10.95 27.20
C PHE B 318 25.66 11.22 28.45
N LEU B 319 26.30 10.21 29.00
CA LEU B 319 27.10 10.41 30.20
C LEU B 319 28.38 11.19 29.92
N ALA B 320 28.93 11.07 28.71
CA ALA B 320 30.10 11.87 28.36
C ALA B 320 29.76 13.34 28.32
N LEU B 321 28.57 13.69 27.83
CA LEU B 321 28.12 15.07 27.88
C LEU B 321 27.83 15.53 29.30
N LEU B 322 27.23 14.66 30.12
CA LEU B 322 27.03 15.00 31.52
C LEU B 322 28.34 15.17 32.26
N GLU B 323 29.39 14.47 31.82
CA GLU B 323 30.68 14.57 32.49
C GLU B 323 31.27 15.96 32.35
N TYR B 324 31.06 16.62 31.20
CA TYR B 324 31.55 17.98 31.07
C TYR B 324 30.74 18.95 31.92
N ALA B 325 29.42 18.79 31.94
CA ALA B 325 28.58 19.63 32.78
C ALA B 325 29.00 19.52 34.24
N PHE B 326 29.38 18.32 34.67
CA PHE B 326 29.94 18.14 36.00
C PHE B 326 31.29 18.84 36.12
N VAL B 327 32.13 18.73 35.10
CA VAL B 327 33.42 19.43 35.11
C VAL B 327 33.21 20.94 35.09
N ASN B 328 32.28 21.41 34.26
CA ASN B 328 31.98 22.83 34.22
C ASN B 328 31.40 23.33 35.53
N TYR B 329 30.48 22.55 36.13
CA TYR B 329 29.86 22.98 37.38
C TYR B 329 30.88 23.04 38.51
N ILE B 330 31.77 22.05 38.58
CA ILE B 330 32.73 22.02 39.68
C ILE B 330 33.68 23.20 39.60
N PHE B 331 34.15 23.53 38.39
CA PHE B 331 35.12 24.63 38.26
C PHE B 331 34.46 25.98 38.53
N PHE B 332 33.31 26.24 37.91
CA PHE B 332 32.70 27.55 38.01
C PHE B 332 31.68 27.67 39.15
N GLY B 333 30.92 26.61 39.41
CA GLY B 333 29.95 26.65 40.49
C GLY B 333 30.48 26.33 41.86
N ARG B 334 31.72 25.84 41.96
CA ARG B 334 32.32 25.53 43.24
C ARG B 334 33.76 26.00 43.38
N GLY B 335 34.38 26.50 42.32
CA GLY B 335 35.73 27.02 42.39
C GLY B 335 35.86 28.21 43.32
N PRO B 336 34.96 29.19 43.20
CA PRO B 336 34.91 30.24 44.22
C PRO B 336 34.35 29.76 45.55
N ASP B 444 39.05 18.77 42.10
CA ASP B 444 40.06 18.57 41.07
C ASP B 444 39.40 18.48 39.70
N VAL B 445 39.41 19.59 38.97
CA VAL B 445 38.73 19.64 37.68
C VAL B 445 39.45 18.77 36.65
N ASN B 446 40.78 18.79 36.68
CA ASN B 446 41.54 18.02 35.68
C ASN B 446 41.50 16.52 35.98
N ALA B 447 41.34 16.14 37.25
CA ALA B 447 41.32 14.72 37.59
C ALA B 447 40.09 14.01 37.03
N ILE B 448 38.97 14.72 36.92
CA ILE B 448 37.76 14.11 36.36
C ILE B 448 37.99 13.71 34.91
N ASP B 449 38.63 14.59 34.13
CA ASP B 449 38.92 14.27 32.74
C ASP B 449 39.86 13.07 32.63
N ARG B 450 40.90 13.03 33.47
CA ARG B 450 41.82 11.89 33.44
C ARG B 450 41.11 10.60 33.85
N TRP B 451 40.22 10.67 34.85
CA TRP B 451 39.43 9.51 35.22
C TRP B 451 38.52 9.09 34.07
N SER B 452 37.92 10.06 33.38
CA SER B 452 37.01 9.73 32.29
C SER B 452 37.74 9.18 31.08
N ARG B 453 39.00 9.56 30.86
CA ARG B 453 39.75 9.06 29.72
C ARG B 453 39.98 7.56 29.81
N ILE B 454 39.94 6.98 31.00
CA ILE B 454 40.17 5.56 31.20
C ILE B 454 38.87 4.80 31.39
N VAL B 455 37.99 5.32 32.24
CA VAL B 455 36.79 4.59 32.63
C VAL B 455 35.84 4.42 31.45
N PHE B 456 35.64 5.46 30.65
CA PHE B 456 34.71 5.36 29.53
C PHE B 456 35.15 4.32 28.49
N PRO B 457 36.40 4.32 28.00
CA PRO B 457 36.81 3.24 27.10
C PRO B 457 36.78 1.87 27.73
N PHE B 458 37.07 1.78 29.03
CA PHE B 458 37.07 0.48 29.70
C PHE B 458 35.65 -0.04 29.91
N THR B 459 34.72 0.85 30.30
CA THR B 459 33.36 0.40 30.54
C THR B 459 32.65 0.06 29.24
N PHE B 460 32.90 0.81 28.17
CA PHE B 460 32.27 0.52 26.89
C PHE B 460 32.78 -0.79 26.31
N SER B 461 34.09 -1.03 26.37
CA SER B 461 34.62 -2.30 25.92
C SER B 461 34.13 -3.46 26.77
N LEU B 462 33.87 -3.21 28.05
CA LEU B 462 33.26 -4.23 28.90
C LEU B 462 31.78 -4.41 28.57
N PHE B 463 31.10 -3.33 28.22
CA PHE B 463 29.70 -3.43 27.81
C PHE B 463 29.58 -4.26 26.55
N ASN B 464 30.47 -4.05 25.58
CA ASN B 464 30.45 -4.86 24.36
C ASN B 464 30.77 -6.31 24.65
N LEU B 465 31.68 -6.57 25.59
CA LEU B 465 32.05 -7.93 25.93
C LEU B 465 30.84 -8.70 26.47
N VAL B 466 30.11 -8.11 27.41
CA VAL B 466 28.95 -8.78 27.97
C VAL B 466 27.83 -8.89 26.94
N TYR B 467 27.67 -7.87 26.11
CA TYR B 467 26.59 -7.88 25.12
C TYR B 467 26.78 -8.98 24.09
N TRP B 468 28.00 -9.11 23.55
CA TRP B 468 28.21 -10.07 22.49
C TRP B 468 28.30 -11.49 23.03
N LEU B 469 28.89 -11.67 24.21
CA LEU B 469 28.92 -13.01 24.80
C LEU B 469 27.53 -13.50 25.17
N TYR B 470 26.62 -12.58 25.51
CA TYR B 470 25.26 -12.98 25.83
C TYR B 470 24.47 -13.35 24.58
N TYR B 471 24.65 -12.60 23.50
CA TYR B 471 23.85 -12.79 22.30
C TYR B 471 24.51 -13.65 21.24
N VAL B 472 25.84 -13.72 21.21
CA VAL B 472 26.52 -14.56 20.22
C VAL B 472 27.07 -15.81 20.88
N VAL C 66 -14.82 -22.58 -45.11
CA VAL C 66 -13.86 -22.57 -44.01
C VAL C 66 -14.55 -23.03 -42.74
N THR C 67 -15.85 -22.73 -42.63
CA THR C 67 -16.63 -23.29 -41.52
C THR C 67 -16.67 -24.81 -41.60
N VAL C 68 -16.83 -25.35 -42.82
CA VAL C 68 -16.82 -26.79 -43.01
C VAL C 68 -15.48 -27.38 -42.61
N ILE C 69 -14.38 -26.72 -43.00
CA ILE C 69 -13.05 -27.22 -42.66
C ILE C 69 -12.85 -27.23 -41.16
N LEU C 70 -13.23 -26.15 -40.49
CA LEU C 70 -13.03 -26.06 -39.04
C LEU C 70 -13.88 -27.10 -38.31
N ASN C 71 -15.13 -27.28 -38.72
CA ASN C 71 -16.00 -28.25 -38.07
C ASN C 71 -15.46 -29.66 -38.22
N ASN C 72 -14.96 -30.00 -39.40
CA ASN C 72 -14.45 -31.35 -39.62
C ASN C 72 -13.12 -31.60 -38.89
N LEU C 73 -12.30 -30.55 -38.72
CA LEU C 73 -11.06 -30.72 -37.97
C LEU C 73 -11.33 -31.06 -36.52
N LEU C 74 -12.35 -30.42 -35.92
CA LEU C 74 -12.68 -30.66 -34.53
C LEU C 74 -13.60 -31.86 -34.32
N GLU C 75 -14.19 -32.40 -35.39
CA GLU C 75 -15.03 -33.57 -35.25
C GLU C 75 -14.17 -34.78 -34.93
N GLY C 76 -14.40 -35.39 -33.77
CA GLY C 76 -13.57 -36.49 -33.31
C GLY C 76 -12.26 -36.07 -32.71
N TYR C 77 -12.03 -34.77 -32.54
CA TYR C 77 -10.78 -34.27 -31.98
C TYR C 77 -10.82 -34.33 -30.46
N ASP C 78 -9.67 -34.66 -29.86
CA ASP C 78 -9.54 -34.74 -28.41
C ASP C 78 -8.36 -33.88 -27.97
N ASN C 79 -8.65 -32.73 -27.37
CA ASN C 79 -7.60 -31.80 -27.01
C ASN C 79 -6.85 -32.18 -25.75
N LYS C 80 -7.27 -33.24 -25.06
CA LYS C 80 -6.55 -33.72 -23.88
C LYS C 80 -5.33 -34.55 -24.23
N LEU C 81 -5.16 -34.93 -25.49
CA LEU C 81 -4.07 -35.79 -25.93
C LEU C 81 -3.15 -35.02 -26.86
N ARG C 82 -1.86 -35.04 -26.58
CA ARG C 82 -0.90 -34.40 -27.46
C ARG C 82 -0.81 -35.17 -28.78
N PRO C 83 -0.48 -34.49 -29.87
CA PRO C 83 -0.35 -35.20 -31.15
C PRO C 83 0.77 -36.22 -31.10
N ASP C 84 0.54 -37.35 -31.76
CA ASP C 84 1.49 -38.46 -31.79
C ASP C 84 1.82 -38.96 -30.39
N ILE C 85 0.80 -39.06 -29.54
CA ILE C 85 0.99 -39.59 -28.19
C ILE C 85 1.20 -41.10 -28.27
N GLY C 86 2.23 -41.59 -27.60
CA GLY C 86 2.59 -42.98 -27.71
C GLY C 86 3.31 -43.35 -28.98
N VAL C 87 3.78 -42.37 -29.75
CA VAL C 87 4.45 -42.63 -31.01
C VAL C 87 5.86 -42.02 -30.98
N LYS C 88 5.92 -40.71 -30.80
CA LYS C 88 7.20 -40.00 -30.77
C LYS C 88 6.99 -38.70 -30.00
N PRO C 89 8.06 -38.09 -29.49
CA PRO C 89 7.92 -36.80 -28.81
C PRO C 89 7.38 -35.73 -29.76
N THR C 90 6.56 -34.84 -29.20
CA THR C 90 6.04 -33.71 -29.95
C THR C 90 7.10 -32.62 -29.98
N LEU C 91 7.60 -32.32 -31.18
CA LEU C 91 8.68 -31.36 -31.35
C LEU C 91 8.09 -29.95 -31.51
N ILE C 92 8.52 -29.04 -30.65
CA ILE C 92 7.99 -27.68 -30.60
C ILE C 92 9.13 -26.72 -30.89
N HIS C 93 8.92 -25.84 -31.86
CA HIS C 93 9.88 -24.82 -32.23
C HIS C 93 9.43 -23.49 -31.65
N THR C 94 10.25 -22.92 -30.78
CA THR C 94 9.89 -21.71 -30.06
C THR C 94 10.63 -20.51 -30.63
N ASP C 95 10.00 -19.36 -30.47
CA ASP C 95 10.46 -18.10 -31.04
C ASP C 95 10.00 -16.99 -30.11
N MET C 96 10.88 -16.02 -29.86
CA MET C 96 10.61 -14.98 -28.88
C MET C 96 10.99 -13.62 -29.43
N TYR C 97 10.04 -12.70 -29.45
CA TYR C 97 10.29 -11.30 -29.76
C TYR C 97 10.18 -10.50 -28.47
N VAL C 98 11.31 -10.02 -27.97
CA VAL C 98 11.38 -9.27 -26.72
C VAL C 98 10.90 -7.85 -27.02
N ASN C 99 9.66 -7.54 -26.64
CA ASN C 99 9.13 -6.20 -26.85
C ASN C 99 9.84 -5.17 -25.97
N SER C 100 10.11 -5.52 -24.71
CA SER C 100 10.86 -4.66 -23.83
C SER C 100 11.36 -5.47 -22.65
N ILE C 101 12.53 -5.09 -22.15
CA ILE C 101 13.06 -5.61 -20.89
C ILE C 101 12.85 -4.51 -19.86
N GLY C 102 11.88 -4.73 -18.96
CA GLY C 102 11.46 -3.72 -18.03
C GLY C 102 12.49 -3.45 -16.96
N PRO C 103 12.06 -2.81 -15.87
CA PRO C 103 13.00 -2.44 -14.81
C PRO C 103 13.59 -3.66 -14.14
N VAL C 104 14.83 -3.50 -13.69
CA VAL C 104 15.52 -4.52 -12.90
C VAL C 104 15.41 -4.10 -11.43
N ASN C 105 14.68 -4.88 -10.65
CA ASN C 105 14.51 -4.61 -9.22
C ASN C 105 15.60 -5.38 -8.46
N ALA C 106 16.52 -4.65 -7.84
CA ALA C 106 17.60 -5.30 -7.10
C ALA C 106 17.09 -5.86 -5.77
N ILE C 107 16.15 -5.18 -5.12
CA ILE C 107 15.69 -5.61 -3.81
C ILE C 107 14.93 -6.94 -3.92
N ASN C 108 14.01 -7.04 -4.86
CA ASN C 108 13.24 -8.27 -5.05
C ASN C 108 13.95 -9.31 -5.90
N MET C 109 15.12 -8.97 -6.45
CA MET C 109 15.91 -9.90 -7.28
C MET C 109 15.10 -10.38 -8.48
N GLU C 110 14.61 -9.42 -9.26
CA GLU C 110 13.79 -9.76 -10.42
C GLU C 110 13.87 -8.65 -11.45
N TYR C 111 13.37 -8.97 -12.65
CA TYR C 111 13.25 -8.01 -13.73
C TYR C 111 11.98 -8.32 -14.50
N THR C 112 11.50 -7.34 -15.26
CA THR C 112 10.30 -7.47 -16.05
C THR C 112 10.66 -7.60 -17.52
N ILE C 113 9.96 -8.47 -18.23
CA ILE C 113 10.16 -8.61 -19.67
C ILE C 113 8.80 -8.79 -20.33
N ASP C 114 8.61 -8.10 -21.45
CA ASP C 114 7.41 -8.22 -22.26
C ASP C 114 7.80 -8.86 -23.58
N ILE C 115 7.15 -9.97 -23.93
CA ILE C 115 7.52 -10.73 -25.11
C ILE C 115 6.29 -11.09 -25.92
N PHE C 116 6.52 -11.39 -27.19
CA PHE C 116 5.58 -12.14 -28.01
C PHE C 116 6.15 -13.55 -28.13
N PHE C 117 5.52 -14.50 -27.46
CA PHE C 117 6.02 -15.87 -27.38
C PHE C 117 5.33 -16.71 -28.44
N ALA C 118 6.11 -17.26 -29.37
CA ALA C 118 5.58 -18.03 -30.49
C ALA C 118 6.00 -19.49 -30.37
N GLN C 119 5.06 -20.39 -30.64
CA GLN C 119 5.30 -21.82 -30.57
C GLN C 119 4.74 -22.49 -31.81
N THR C 120 5.52 -23.40 -32.39
CA THR C 120 5.15 -24.08 -33.61
C THR C 120 5.32 -25.58 -33.43
N TRP C 121 4.35 -26.35 -33.92
CA TRP C 121 4.42 -27.81 -33.85
C TRP C 121 3.50 -28.37 -34.91
N TYR C 122 3.59 -29.68 -35.11
CA TYR C 122 2.78 -30.40 -36.08
C TYR C 122 1.73 -31.22 -35.36
N ASP C 123 0.49 -31.13 -35.84
CA ASP C 123 -0.62 -31.95 -35.35
C ASP C 123 -1.29 -32.56 -36.57
N ARG C 124 -1.05 -33.86 -36.79
CA ARG C 124 -1.60 -34.53 -37.97
C ARG C 124 -3.12 -34.59 -37.95
N ARG C 125 -3.74 -34.43 -36.78
CA ARG C 125 -5.20 -34.37 -36.70
C ARG C 125 -5.76 -33.08 -37.28
N LEU C 126 -4.90 -32.10 -37.59
CA LEU C 126 -5.34 -30.81 -38.13
C LEU C 126 -4.95 -30.63 -39.59
N LYS C 127 -4.60 -31.71 -40.28
CA LYS C 127 -4.42 -31.65 -41.73
C LYS C 127 -5.76 -31.50 -42.44
N PHE C 128 -5.75 -30.77 -43.55
CA PHE C 128 -6.95 -30.61 -44.35
C PHE C 128 -6.59 -30.39 -45.81
N ASN C 129 -7.40 -30.93 -46.71
CA ASN C 129 -7.25 -30.74 -48.15
C ASN C 129 -8.23 -29.68 -48.61
N SER C 130 -7.71 -28.57 -49.12
CA SER C 130 -8.56 -27.46 -49.54
C SER C 130 -7.77 -26.55 -50.45
N THR C 131 -8.48 -25.65 -51.13
CA THR C 131 -7.83 -24.63 -51.94
C THR C 131 -7.03 -23.67 -51.07
N ILE C 132 -7.56 -23.32 -49.89
CA ILE C 132 -6.85 -22.44 -48.99
C ILE C 132 -5.70 -23.20 -48.33
N LYS C 133 -4.61 -22.49 -48.08
CA LYS C 133 -3.40 -23.12 -47.55
C LYS C 133 -3.22 -22.93 -46.05
N VAL C 134 -3.67 -21.81 -45.49
CA VAL C 134 -3.50 -21.53 -44.07
C VAL C 134 -4.80 -20.98 -43.51
N LEU C 135 -5.21 -21.49 -42.35
CA LEU C 135 -6.31 -20.93 -41.59
C LEU C 135 -5.76 -19.92 -40.60
N ARG C 136 -6.16 -18.66 -40.76
CA ARG C 136 -5.72 -17.58 -39.87
C ARG C 136 -6.86 -17.26 -38.92
N LEU C 137 -6.66 -17.57 -37.64
CA LEU C 137 -7.74 -17.53 -36.67
C LEU C 137 -7.34 -16.71 -35.45
N ASN C 138 -8.36 -16.22 -34.75
CA ASN C 138 -8.16 -15.49 -33.51
C ASN C 138 -8.03 -16.48 -32.35
N SER C 139 -8.16 -15.98 -31.13
CA SER C 139 -7.99 -16.81 -29.94
C SER C 139 -9.18 -17.72 -29.66
N ASN C 140 -10.27 -17.63 -30.42
CA ASN C 140 -11.43 -18.49 -30.16
C ASN C 140 -11.07 -19.96 -30.28
N MET C 141 -10.29 -20.32 -31.30
CA MET C 141 -9.94 -21.71 -31.56
C MET C 141 -8.85 -22.23 -30.62
N VAL C 142 -8.17 -21.34 -29.89
CA VAL C 142 -7.02 -21.75 -29.09
C VAL C 142 -7.41 -22.79 -28.05
N GLY C 143 -8.55 -22.61 -27.41
CA GLY C 143 -8.97 -23.53 -26.38
C GLY C 143 -9.54 -24.84 -26.87
N LYS C 144 -9.71 -25.02 -28.18
CA LYS C 144 -10.33 -26.22 -28.71
C LYS C 144 -9.34 -27.26 -29.20
N ILE C 145 -8.10 -26.88 -29.49
CA ILE C 145 -7.09 -27.82 -29.93
C ILE C 145 -6.10 -28.05 -28.78
N TRP C 146 -5.19 -29.01 -28.98
CA TRP C 146 -4.15 -29.24 -28.01
C TRP C 146 -3.10 -28.15 -28.06
N ILE C 147 -2.68 -27.70 -26.88
CA ILE C 147 -1.72 -26.62 -26.76
C ILE C 147 -0.62 -27.09 -25.81
N PRO C 148 0.65 -26.78 -26.08
CA PRO C 148 1.70 -27.12 -25.12
C PRO C 148 1.47 -26.43 -23.79
N ASP C 149 1.84 -27.11 -22.71
CA ASP C 149 1.74 -26.56 -21.37
C ASP C 149 3.03 -25.87 -20.95
N THR C 150 3.52 -24.97 -21.80
CA THR C 150 4.74 -24.25 -21.53
C THR C 150 4.55 -23.31 -20.35
N PHE C 151 5.47 -23.35 -19.40
CA PHE C 151 5.49 -22.43 -18.28
C PHE C 151 6.92 -21.92 -18.13
N PHE C 152 7.07 -20.82 -17.41
CA PHE C 152 8.38 -20.21 -17.22
C PHE C 152 8.88 -20.52 -15.81
N ARG C 153 10.03 -21.19 -15.74
CA ARG C 153 10.44 -21.84 -14.49
C ARG C 153 10.88 -20.83 -13.44
N ASN C 154 11.45 -19.70 -13.84
CA ASN C 154 11.91 -18.69 -12.91
C ASN C 154 11.02 -17.45 -12.91
N SER C 155 9.75 -17.58 -13.29
CA SER C 155 8.83 -16.45 -13.33
C SER C 155 8.14 -16.34 -11.98
N LYS C 156 8.39 -15.23 -11.28
CA LYS C 156 7.66 -14.96 -10.04
C LYS C 156 6.21 -14.62 -10.32
N LYS C 157 5.97 -13.73 -11.27
CA LYS C 157 4.64 -13.40 -11.74
C LYS C 157 4.66 -13.35 -13.26
N ALA C 158 3.54 -13.72 -13.87
CA ALA C 158 3.42 -13.67 -15.32
C ALA C 158 1.96 -13.56 -15.67
N ASP C 159 1.63 -12.65 -16.57
CA ASP C 159 0.26 -12.46 -17.03
C ASP C 159 0.24 -12.48 -18.55
N ALA C 160 -0.82 -13.04 -19.11
CA ALA C 160 -1.12 -12.80 -20.51
C ALA C 160 -1.86 -11.47 -20.64
N HIS C 161 -2.23 -11.12 -21.86
CA HIS C 161 -2.91 -9.86 -22.11
C HIS C 161 -4.30 -10.12 -22.68
N TRP C 162 -5.27 -9.35 -22.21
CA TRP C 162 -6.68 -9.61 -22.50
C TRP C 162 -7.42 -8.40 -23.03
N ILE C 163 -6.73 -7.29 -23.28
CA ILE C 163 -7.34 -6.06 -23.77
C ILE C 163 -6.94 -5.87 -25.22
N THR C 164 -7.91 -5.72 -26.11
CA THR C 164 -9.35 -5.72 -25.85
C THR C 164 -9.92 -7.13 -25.86
N THR C 165 -9.15 -8.04 -26.45
CA THR C 165 -9.44 -9.46 -26.52
C THR C 165 -8.19 -10.19 -26.10
N PRO C 166 -8.26 -11.50 -25.88
CA PRO C 166 -7.03 -12.26 -25.62
C PRO C 166 -6.00 -12.03 -26.72
N ASN C 167 -4.80 -11.63 -26.30
CA ASN C 167 -3.72 -11.29 -27.22
C ASN C 167 -3.05 -12.57 -27.75
N ARG C 168 -3.85 -13.36 -28.45
CA ARG C 168 -3.41 -14.67 -28.92
C ARG C 168 -3.76 -14.83 -30.40
N MET C 169 -2.91 -15.57 -31.10
CA MET C 169 -3.05 -15.81 -32.53
C MET C 169 -2.83 -17.28 -32.81
N LEU C 170 -3.65 -17.85 -33.68
CA LEU C 170 -3.55 -19.25 -34.05
C LEU C 170 -3.60 -19.39 -35.57
N ARG C 171 -2.58 -20.01 -36.14
CA ARG C 171 -2.54 -20.25 -37.58
C ARG C 171 -2.28 -21.72 -37.85
N ILE C 172 -3.10 -22.30 -38.73
CA ILE C 172 -3.03 -23.72 -39.04
C ILE C 172 -2.80 -23.88 -40.54
N TRP C 173 -1.75 -24.60 -40.91
CA TRP C 173 -1.48 -24.89 -42.31
C TRP C 173 -2.11 -26.21 -42.70
N ASN C 174 -2.21 -26.43 -44.02
CA ASN C 174 -2.90 -27.61 -44.53
C ASN C 174 -2.16 -28.90 -44.23
N ASP C 175 -0.86 -28.84 -43.95
CA ASP C 175 -0.09 -30.03 -43.61
C ASP C 175 -0.03 -30.25 -42.10
N GLY C 176 -0.89 -29.58 -41.32
CA GLY C 176 -0.99 -29.80 -39.91
C GLY C 176 -0.11 -28.93 -39.05
N ARG C 177 0.74 -28.10 -39.63
CA ARG C 177 1.60 -27.23 -38.85
C ARG C 177 0.76 -26.15 -38.17
N VAL C 178 1.02 -25.93 -36.88
CA VAL C 178 0.27 -24.98 -36.07
C VAL C 178 1.23 -23.94 -35.53
N LEU C 179 0.90 -22.66 -35.75
CA LEU C 179 1.64 -21.56 -35.16
C LEU C 179 0.76 -20.92 -34.09
N TYR C 180 1.25 -20.93 -32.85
CA TYR C 180 0.55 -20.34 -31.72
C TYR C 180 1.42 -19.26 -31.11
N THR C 181 0.88 -18.05 -31.01
CA THR C 181 1.59 -16.91 -30.46
C THR C 181 0.71 -16.18 -29.47
N LEU C 182 1.31 -15.69 -28.40
CA LEU C 182 0.60 -14.88 -27.42
C LEU C 182 1.56 -13.87 -26.82
N ARG C 183 1.00 -12.82 -26.24
CA ARG C 183 1.78 -11.77 -25.62
C ARG C 183 1.84 -12.01 -24.12
N LEU C 184 3.04 -11.91 -23.55
CA LEU C 184 3.28 -12.20 -22.14
C LEU C 184 4.08 -11.07 -21.50
N THR C 185 3.72 -10.75 -20.26
CA THR C 185 4.56 -9.94 -19.39
C THR C 185 5.00 -10.83 -18.23
N ILE C 186 6.32 -10.96 -18.05
CA ILE C 186 6.90 -11.91 -17.11
C ILE C 186 7.76 -11.16 -16.11
N ASP C 187 7.49 -11.39 -14.83
CA ASP C 187 8.42 -10.99 -13.76
C ASP C 187 9.30 -12.20 -13.46
N ALA C 188 10.53 -12.16 -13.94
CA ALA C 188 11.43 -13.29 -13.87
C ALA C 188 12.41 -13.12 -12.74
N GLU C 189 12.66 -14.20 -12.00
CA GLU C 189 13.59 -14.16 -10.89
C GLU C 189 15.03 -14.16 -11.39
N CYS C 190 15.81 -13.18 -10.93
CA CYS C 190 17.22 -13.07 -11.28
C CYS C 190 17.99 -12.85 -9.99
N GLN C 191 18.65 -13.89 -9.50
CA GLN C 191 19.48 -13.79 -8.30
C GLN C 191 20.75 -13.02 -8.64
N LEU C 192 20.79 -11.75 -8.25
CA LEU C 192 21.92 -10.87 -8.55
C LEU C 192 23.00 -11.04 -7.50
N GLN C 193 24.24 -11.17 -7.94
CA GLN C 193 25.40 -11.13 -7.04
C GLN C 193 25.91 -9.69 -7.03
N LEU C 194 25.69 -9.00 -5.92
CA LEU C 194 25.90 -7.56 -5.85
C LEU C 194 27.28 -7.18 -5.32
N HIS C 195 28.23 -8.10 -5.35
CA HIS C 195 29.62 -7.69 -5.19
C HIS C 195 30.00 -6.81 -6.37
N ASN C 196 30.92 -5.88 -6.14
CA ASN C 196 31.36 -4.87 -7.11
C ASN C 196 30.28 -3.85 -7.42
N PHE C 197 29.14 -3.89 -6.73
CA PHE C 197 28.12 -2.86 -6.92
C PHE C 197 28.68 -1.50 -6.54
N PRO C 198 28.40 -0.45 -7.33
CA PRO C 198 27.53 -0.37 -8.49
C PRO C 198 28.23 -0.58 -9.84
N MET C 199 29.28 -1.38 -9.88
CA MET C 199 30.00 -1.69 -11.12
C MET C 199 29.85 -3.16 -11.47
N ASP C 200 28.63 -3.66 -11.37
CA ASP C 200 28.33 -5.07 -11.48
C ASP C 200 27.62 -5.40 -12.79
N GLU C 201 27.89 -6.59 -13.30
CA GLU C 201 27.27 -7.11 -14.51
C GLU C 201 26.58 -8.42 -14.19
N HIS C 202 25.39 -8.62 -14.76
CA HIS C 202 24.59 -9.80 -14.48
C HIS C 202 24.10 -10.41 -15.78
N SER C 203 23.92 -11.73 -15.76
CA SER C 203 23.25 -12.45 -16.84
C SER C 203 21.95 -12.97 -16.26
N CYS C 204 20.85 -12.31 -16.59
CA CYS C 204 19.55 -12.66 -16.04
C CYS C 204 18.85 -13.65 -16.95
N PRO C 205 18.54 -14.85 -16.48
CA PRO C 205 17.95 -15.88 -17.34
C PRO C 205 16.44 -15.76 -17.48
N LEU C 206 15.92 -16.49 -18.46
CA LEU C 206 14.48 -16.70 -18.65
C LEU C 206 14.32 -18.13 -19.16
N GLU C 207 13.89 -19.02 -18.29
CA GLU C 207 13.81 -20.44 -18.59
C GLU C 207 12.36 -20.87 -18.74
N PHE C 208 12.10 -21.75 -19.71
CA PHE C 208 10.77 -22.31 -19.86
C PHE C 208 10.87 -23.77 -20.26
N SER C 209 9.81 -24.51 -19.94
CA SER C 209 9.69 -25.93 -20.27
C SER C 209 8.22 -26.29 -20.17
N SER C 210 7.91 -27.54 -20.48
CA SER C 210 6.56 -28.04 -20.26
C SER C 210 6.40 -28.42 -18.79
N TYR C 211 5.21 -28.18 -18.26
CA TYR C 211 5.00 -28.53 -16.85
C TYR C 211 4.90 -30.03 -16.66
N GLY C 212 4.14 -30.72 -17.51
CA GLY C 212 3.84 -32.11 -17.26
C GLY C 212 4.37 -33.12 -18.26
N TYR C 213 4.94 -32.66 -19.37
CA TYR C 213 5.40 -33.56 -20.41
C TYR C 213 6.91 -33.68 -20.37
N PRO C 214 7.46 -34.85 -20.04
CA PRO C 214 8.92 -34.99 -20.00
C PRO C 214 9.54 -35.03 -21.40
N ARG C 215 10.85 -35.23 -21.47
CA ARG C 215 11.55 -35.20 -22.76
C ARG C 215 11.06 -36.28 -23.70
N GLU C 216 10.56 -37.39 -23.16
CA GLU C 216 10.03 -38.45 -24.00
C GLU C 216 8.72 -38.09 -24.67
N GLU C 217 8.11 -36.97 -24.27
CA GLU C 217 6.82 -36.57 -24.81
C GLU C 217 6.81 -35.20 -25.45
N ILE C 218 7.59 -34.24 -24.97
CA ILE C 218 7.69 -32.92 -25.57
C ILE C 218 9.16 -32.51 -25.65
N VAL C 219 9.57 -32.02 -26.81
CA VAL C 219 10.91 -31.50 -27.03
C VAL C 219 10.79 -30.09 -27.57
N TYR C 220 11.54 -29.16 -26.98
CA TYR C 220 11.61 -27.80 -27.48
C TYR C 220 12.90 -27.62 -28.27
N GLN C 221 12.84 -26.72 -29.24
CA GLN C 221 13.99 -26.46 -30.11
C GLN C 221 13.94 -25.02 -30.58
N TRP C 222 15.07 -24.32 -30.46
CA TRP C 222 15.16 -22.95 -30.94
C TRP C 222 15.16 -22.92 -32.46
N LYS C 223 14.44 -21.95 -33.03
CA LYS C 223 14.40 -21.78 -34.47
C LYS C 223 15.65 -21.05 -34.95
N ARG C 224 15.69 -20.73 -36.24
CA ARG C 224 16.85 -20.05 -36.80
C ARG C 224 17.00 -18.65 -36.22
N SER C 225 15.92 -17.88 -36.22
CA SER C 225 15.89 -16.54 -35.64
C SER C 225 15.03 -16.62 -34.39
N SER C 226 15.66 -17.00 -33.27
CA SER C 226 14.93 -17.43 -32.08
C SER C 226 14.55 -16.26 -31.17
N VAL C 227 15.50 -15.43 -30.79
CA VAL C 227 15.23 -14.31 -29.88
C VAL C 227 15.52 -13.02 -30.63
N GLU C 228 14.51 -12.18 -30.74
CA GLU C 228 14.62 -10.90 -31.43
C GLU C 228 14.26 -9.78 -30.48
N VAL C 229 15.03 -8.70 -30.55
CA VAL C 229 14.80 -7.53 -29.71
C VAL C 229 14.38 -6.36 -30.60
N GLY C 230 13.75 -5.37 -29.98
CA GLY C 230 13.29 -4.20 -30.69
C GLY C 230 14.36 -3.14 -30.85
N ASP C 231 14.01 -1.88 -30.60
CA ASP C 231 14.96 -0.79 -30.70
C ASP C 231 15.86 -0.67 -29.48
N THR C 232 15.53 -1.35 -28.38
CA THR C 232 16.27 -1.30 -27.14
C THR C 232 16.44 0.12 -26.61
N ARG C 233 15.60 1.05 -27.07
CA ARG C 233 15.60 2.42 -26.61
C ARG C 233 14.32 2.81 -25.88
N SER C 234 13.20 2.19 -26.22
CA SER C 234 11.97 2.35 -25.45
C SER C 234 11.94 1.42 -24.25
N TRP C 235 12.99 0.63 -24.04
CA TRP C 235 13.05 -0.28 -22.91
C TRP C 235 13.23 0.50 -21.61
N ARG C 236 12.67 -0.05 -20.54
CA ARG C 236 12.74 0.58 -19.22
C ARG C 236 13.96 0.11 -18.43
N LEU C 237 15.13 0.16 -19.07
CA LEU C 237 16.39 -0.15 -18.42
C LEU C 237 17.02 1.19 -18.02
N TYR C 238 16.73 1.62 -16.80
CA TYR C 238 17.23 2.90 -16.33
C TYR C 238 18.66 2.79 -15.82
N GLN C 239 18.96 1.74 -15.08
CA GLN C 239 20.27 1.58 -14.47
C GLN C 239 21.18 0.61 -15.20
N PHE C 240 20.65 -0.18 -16.14
CA PHE C 240 21.43 -1.19 -16.82
C PHE C 240 21.38 -0.96 -18.33
N SER C 241 22.43 -1.40 -19.00
CA SER C 241 22.49 -1.41 -20.45
C SER C 241 22.53 -2.85 -20.93
N PHE C 242 21.62 -3.19 -21.85
CA PHE C 242 21.58 -4.52 -22.41
C PHE C 242 22.72 -4.69 -23.40
N VAL C 243 23.61 -5.65 -23.14
CA VAL C 243 24.79 -5.83 -23.99
C VAL C 243 24.67 -7.03 -24.91
N GLY C 244 23.78 -7.97 -24.63
CA GLY C 244 23.61 -9.12 -25.50
C GLY C 244 22.83 -10.22 -24.81
N LEU C 245 22.54 -11.25 -25.60
CA LEU C 245 21.78 -12.40 -25.12
C LEU C 245 22.32 -13.67 -25.75
N ARG C 246 22.07 -14.79 -25.08
CA ARG C 246 22.38 -16.11 -25.60
C ARG C 246 21.28 -17.06 -25.18
N ASN C 247 21.04 -18.08 -25.99
CA ASN C 247 19.99 -19.06 -25.73
C ASN C 247 20.60 -20.46 -25.64
N THR C 248 20.16 -21.20 -24.63
CA THR C 248 20.67 -22.54 -24.37
C THR C 248 19.53 -23.53 -24.24
N THR C 249 19.87 -24.81 -24.37
CA THR C 249 18.94 -25.91 -24.17
C THR C 249 19.62 -26.96 -23.31
N GLU C 250 18.90 -27.48 -22.32
CA GLU C 250 19.43 -28.51 -21.45
C GLU C 250 18.29 -29.39 -20.95
N VAL C 251 18.65 -30.44 -20.23
CA VAL C 251 17.69 -31.37 -19.63
C VAL C 251 17.83 -31.27 -18.11
N VAL C 252 16.71 -31.10 -17.43
CA VAL C 252 16.67 -30.98 -15.98
C VAL C 252 15.88 -32.16 -15.43
N LYS C 253 16.46 -32.85 -14.45
CA LYS C 253 15.83 -34.01 -13.84
C LYS C 253 15.06 -33.56 -12.59
N THR C 254 13.75 -33.69 -12.64
CA THR C 254 12.89 -33.47 -11.49
C THR C 254 12.43 -34.81 -10.95
N THR C 255 11.58 -34.76 -9.92
CA THR C 255 11.07 -36.00 -9.34
C THR C 255 10.03 -36.67 -10.24
N SER C 256 9.43 -35.92 -11.15
CA SER C 256 8.42 -36.45 -12.06
C SER C 256 8.96 -36.70 -13.46
N GLY C 257 10.28 -36.63 -13.65
CA GLY C 257 10.87 -36.95 -14.93
C GLY C 257 11.97 -36.02 -15.37
N ASP C 258 12.48 -36.24 -16.58
CA ASP C 258 13.49 -35.38 -17.19
C ASP C 258 12.82 -34.48 -18.22
N TYR C 259 13.10 -33.19 -18.14
CA TYR C 259 12.42 -32.20 -18.96
C TYR C 259 13.42 -31.39 -19.76
N VAL C 260 13.05 -31.06 -21.00
CA VAL C 260 13.83 -30.17 -21.83
C VAL C 260 13.55 -28.74 -21.37
N VAL C 261 14.61 -28.02 -21.01
CA VAL C 261 14.50 -26.66 -20.48
C VAL C 261 15.22 -25.72 -21.42
N MET C 262 14.51 -24.69 -21.89
CA MET C 262 15.05 -23.69 -22.79
C MET C 262 15.32 -22.41 -22.02
N SER C 263 16.54 -21.90 -22.13
CA SER C 263 16.98 -20.76 -21.34
C SER C 263 17.43 -19.64 -22.27
N VAL C 264 17.01 -18.42 -21.96
CA VAL C 264 17.51 -17.21 -22.59
C VAL C 264 18.21 -16.39 -21.52
N TYR C 265 19.48 -16.10 -21.73
CA TYR C 265 20.25 -15.29 -20.80
C TYR C 265 20.41 -13.89 -21.37
N PHE C 266 20.05 -12.88 -20.58
CA PHE C 266 20.23 -11.48 -20.94
C PHE C 266 21.37 -10.91 -20.12
N ASP C 267 22.38 -10.40 -20.79
CA ASP C 267 23.55 -9.80 -20.13
C ASP C 267 23.27 -8.33 -19.89
N LEU C 268 23.39 -7.89 -18.64
CA LEU C 268 23.12 -6.51 -18.25
C LEU C 268 24.31 -5.96 -17.49
N SER C 269 24.75 -4.77 -17.88
CA SER C 269 25.83 -4.08 -17.19
C SER C 269 25.28 -2.79 -16.59
N ARG C 270 25.53 -2.58 -15.31
CA ARG C 270 24.95 -1.44 -14.61
C ARG C 270 25.62 -0.14 -15.04
N ARG C 271 24.80 0.90 -15.20
CA ARG C 271 25.28 2.25 -15.40
C ARG C 271 25.45 2.90 -14.02
N MET C 272 26.67 3.30 -13.70
CA MET C 272 26.97 3.90 -12.40
C MET C 272 26.73 5.40 -12.37
N GLY C 273 26.11 5.96 -13.42
CA GLY C 273 25.90 7.39 -13.45
C GLY C 273 25.00 7.89 -12.34
N TYR C 274 23.93 7.14 -12.04
CA TYR C 274 23.06 7.54 -10.96
C TYR C 274 23.75 7.50 -9.61
N PHE C 275 24.57 6.47 -9.38
CA PHE C 275 25.19 6.29 -8.08
C PHE C 275 26.35 7.26 -7.87
N THR C 276 27.00 7.69 -8.95
CA THR C 276 28.02 8.72 -8.83
C THR C 276 27.42 10.03 -8.33
N ILE C 277 26.25 10.41 -8.87
CA ILE C 277 25.57 11.62 -8.43
C ILE C 277 25.04 11.45 -7.02
N GLN C 278 24.56 10.25 -6.69
CA GLN C 278 23.84 10.03 -5.44
C GLN C 278 24.75 9.68 -4.27
N THR C 279 25.82 8.93 -4.51
CA THR C 279 26.65 8.44 -3.41
C THR C 279 28.11 8.83 -3.50
N TYR C 280 28.73 8.75 -4.68
CA TYR C 280 30.17 8.95 -4.76
C TYR C 280 30.56 10.41 -4.62
N ILE C 281 29.84 11.30 -5.26
CA ILE C 281 30.17 12.72 -5.24
C ILE C 281 29.80 13.34 -3.89
N PRO C 282 28.59 13.12 -3.34
CA PRO C 282 28.32 13.67 -2.00
C PRO C 282 29.26 13.16 -0.93
N CYS C 283 29.65 11.89 -0.97
CA CYS C 283 30.58 11.38 0.03
C CYS C 283 31.96 12.00 -0.11
N THR C 284 32.42 12.20 -1.35
CA THR C 284 33.72 12.80 -1.58
C THR C 284 33.76 14.25 -1.10
N LEU C 285 32.68 15.00 -1.35
CA LEU C 285 32.65 16.41 -0.95
C LEU C 285 32.74 16.56 0.56
N ILE C 286 32.13 15.63 1.30
CA ILE C 286 32.20 15.66 2.76
C ILE C 286 33.62 15.38 3.23
N VAL C 287 34.31 14.46 2.55
CA VAL C 287 35.71 14.21 2.88
C VAL C 287 36.54 15.47 2.64
N VAL C 288 36.28 16.16 1.54
CA VAL C 288 36.95 17.42 1.26
C VAL C 288 36.58 18.46 2.31
N LEU C 289 35.32 18.44 2.76
CA LEU C 289 34.86 19.39 3.77
C LEU C 289 35.66 19.26 5.07
N SER C 290 35.93 18.02 5.49
CA SER C 290 36.67 17.81 6.72
C SER C 290 38.13 18.24 6.60
N TRP C 291 38.64 18.42 5.39
CA TRP C 291 40.01 18.93 5.21
C TRP C 291 40.09 20.44 5.37
N VAL C 292 38.96 21.13 5.29
CA VAL C 292 38.97 22.58 5.47
C VAL C 292 39.44 22.95 6.86
N SER C 293 39.18 22.09 7.85
CA SER C 293 39.58 22.38 9.21
C SER C 293 41.10 22.45 9.35
N PHE C 294 41.85 21.72 8.51
CA PHE C 294 43.30 21.74 8.62
C PHE C 294 43.88 23.13 8.35
N TRP C 295 43.14 23.99 7.65
CA TRP C 295 43.60 25.34 7.37
C TRP C 295 43.06 26.38 8.34
N ILE C 296 42.04 26.03 9.14
CA ILE C 296 41.55 26.94 10.16
C ILE C 296 42.52 26.98 11.32
N ASN C 297 42.65 28.15 11.95
CA ASN C 297 43.55 28.28 13.09
C ASN C 297 43.14 27.33 14.21
N LYS C 298 44.14 26.68 14.81
CA LYS C 298 43.86 25.69 15.84
C LYS C 298 43.31 26.29 17.12
N ASP C 299 43.49 27.60 17.33
CA ASP C 299 42.92 28.23 18.50
C ASP C 299 41.40 28.33 18.43
N ALA C 300 40.82 28.13 17.25
CA ALA C 300 39.37 28.15 17.08
C ALA C 300 38.81 26.77 17.38
N VAL C 301 38.80 26.43 18.68
CA VAL C 301 38.36 25.11 19.11
C VAL C 301 36.91 24.84 18.74
N PRO C 302 35.94 25.74 18.98
CA PRO C 302 34.57 25.45 18.56
C PRO C 302 34.42 25.29 17.05
N ALA C 303 35.21 26.00 16.26
CA ALA C 303 35.10 25.89 14.81
C ALA C 303 35.60 24.54 14.30
N ARG C 304 36.79 24.12 14.76
CA ARG C 304 37.36 22.86 14.31
C ARG C 304 36.51 21.68 14.77
N THR C 305 36.02 21.73 16.01
CA THR C 305 35.27 20.60 16.56
C THR C 305 33.89 20.48 15.91
N SER C 306 33.18 21.60 15.76
CA SER C 306 31.87 21.55 15.13
C SER C 306 31.98 21.09 13.68
N LEU C 307 33.01 21.56 12.98
CA LEU C 307 33.27 21.07 11.62
C LEU C 307 33.56 19.57 11.63
N GLY C 308 34.35 19.11 12.58
CA GLY C 308 34.75 17.70 12.58
C GLY C 308 33.60 16.75 12.87
N ILE C 309 32.77 17.07 13.86
CA ILE C 309 31.77 16.10 14.29
C ILE C 309 30.53 16.14 13.41
N THR C 310 30.18 17.30 12.85
CA THR C 310 29.03 17.37 11.96
C THR C 310 29.33 16.70 10.62
N THR C 311 30.58 16.74 10.19
CA THR C 311 30.98 16.01 9.00
C THR C 311 30.81 14.51 9.20
N VAL C 312 31.16 14.00 10.40
CA VAL C 312 30.96 12.59 10.70
C VAL C 312 29.47 12.26 10.75
N LEU C 313 28.66 13.16 11.31
CA LEU C 313 27.22 12.93 11.38
C LEU C 313 26.62 12.80 9.98
N THR C 314 27.10 13.60 9.03
CA THR C 314 26.55 13.53 7.68
C THR C 314 26.94 12.25 6.97
N MET C 315 28.16 11.74 7.20
CA MET C 315 28.54 10.46 6.62
C MET C 315 27.66 9.33 7.12
N THR C 316 27.21 9.41 8.38
CA THR C 316 26.30 8.39 8.90
C THR C 316 24.98 8.40 8.13
N THR C 317 24.45 9.59 7.84
CA THR C 317 23.24 9.69 7.03
C THR C 317 23.48 9.20 5.61
N LEU C 318 24.63 9.54 5.03
CA LEU C 318 24.91 9.15 3.65
C LEU C 318 25.06 7.64 3.51
N SER C 319 25.63 6.98 4.52
CA SER C 319 25.78 5.53 4.46
C SER C 319 24.44 4.83 4.36
N THR C 320 23.44 5.32 5.10
CA THR C 320 22.11 4.69 5.07
C THR C 320 21.45 4.88 3.70
N ILE C 321 21.57 6.07 3.12
CA ILE C 321 20.93 6.33 1.83
C ILE C 321 21.53 5.47 0.73
N ALA C 322 22.82 5.12 0.85
CA ALA C 322 23.47 4.35 -0.20
C ALA C 322 22.84 2.97 -0.36
N ARG C 323 22.45 2.33 0.74
CA ARG C 323 21.93 0.97 0.73
C ARG C 323 20.41 0.89 0.66
N LYS C 324 19.71 2.01 0.49
CA LYS C 324 18.25 1.95 0.50
C LYS C 324 17.70 1.18 -0.69
N SER C 325 18.40 1.18 -1.81
CA SER C 325 17.92 0.54 -3.03
C SER C 325 18.39 -0.90 -3.17
N LEU C 326 19.12 -1.43 -2.19
CA LEU C 326 19.67 -2.78 -2.29
C LEU C 326 18.98 -3.72 -1.33
N PRO C 327 18.96 -5.02 -1.63
CA PRO C 327 18.58 -5.99 -0.61
C PRO C 327 19.59 -6.01 0.52
N LYS C 328 19.14 -6.39 1.70
CA LYS C 328 19.97 -6.33 2.91
C LYS C 328 20.98 -7.49 2.93
N VAL C 329 21.82 -7.53 1.90
CA VAL C 329 22.85 -8.55 1.83
C VAL C 329 23.89 -8.31 2.92
N SER C 330 24.51 -9.39 3.38
CA SER C 330 25.42 -9.33 4.52
C SER C 330 26.89 -9.36 4.11
N TYR C 331 27.20 -9.16 2.83
CA TYR C 331 28.57 -9.00 2.38
C TYR C 331 28.82 -7.55 1.98
N VAL C 332 30.09 -7.21 1.87
CA VAL C 332 30.51 -5.85 1.56
C VAL C 332 30.54 -5.67 0.05
N THR C 333 29.83 -4.66 -0.45
CA THR C 333 29.91 -4.30 -1.85
C THR C 333 31.01 -3.26 -2.05
N ALA C 334 31.24 -2.86 -3.30
CA ALA C 334 32.21 -1.80 -3.57
C ALA C 334 31.75 -0.47 -2.98
N MET C 335 30.45 -0.18 -3.07
CA MET C 335 29.93 1.07 -2.53
C MET C 335 30.06 1.11 -1.01
N ASP C 336 29.87 -0.03 -0.34
CA ASP C 336 30.08 -0.09 1.10
C ASP C 336 31.53 0.21 1.45
N LEU C 337 32.46 -0.34 0.68
CA LEU C 337 33.88 -0.10 0.93
C LEU C 337 34.23 1.37 0.78
N PHE C 338 33.66 2.03 -0.23
CA PHE C 338 33.95 3.44 -0.44
C PHE C 338 33.36 4.29 0.68
N VAL C 339 32.11 4.04 1.05
CA VAL C 339 31.47 4.80 2.11
C VAL C 339 32.18 4.56 3.44
N SER C 340 32.62 3.32 3.69
CA SER C 340 33.36 3.03 4.91
C SER C 340 34.69 3.76 4.96
N VAL C 341 35.41 3.80 3.84
CA VAL C 341 36.71 4.48 3.82
C VAL C 341 36.53 5.98 3.98
N CYS C 342 35.49 6.55 3.37
CA CYS C 342 35.19 7.96 3.58
C CYS C 342 34.86 8.23 5.04
N PHE C 343 34.24 7.27 5.72
CA PHE C 343 33.97 7.41 7.15
C PHE C 343 35.26 7.44 7.95
N ILE C 344 36.23 6.60 7.59
CA ILE C 344 37.50 6.56 8.32
C ILE C 344 38.27 7.86 8.13
N PHE C 345 38.15 8.48 6.94
CA PHE C 345 38.83 9.74 6.69
C PHE C 345 38.26 10.87 7.54
N VAL C 346 36.93 10.98 7.60
CA VAL C 346 36.33 12.04 8.38
C VAL C 346 36.48 11.78 9.88
N PHE C 347 36.50 10.51 10.28
CA PHE C 347 36.81 10.17 11.66
C PHE C 347 38.22 10.62 12.03
N SER C 348 39.18 10.39 11.14
CA SER C 348 40.57 10.73 11.42
C SER C 348 40.79 12.23 11.45
N ALA C 349 40.03 13.00 10.67
CA ALA C 349 40.21 14.45 10.66
C ALA C 349 39.88 15.05 12.02
N LEU C 350 38.84 14.55 12.68
CA LEU C 350 38.50 15.03 14.01
C LEU C 350 39.51 14.56 15.04
N VAL C 351 39.97 13.31 14.95
CA VAL C 351 41.00 12.82 15.85
C VAL C 351 42.30 13.56 15.62
N GLU C 352 42.57 13.96 14.38
CA GLU C 352 43.77 14.76 14.10
C GLU C 352 43.75 16.06 14.88
N TYR C 353 42.61 16.75 14.89
CA TYR C 353 42.53 18.00 15.64
C TYR C 353 42.56 17.75 17.14
N GLY C 354 41.85 16.71 17.60
CA GLY C 354 41.87 16.38 19.01
C GLY C 354 43.26 16.07 19.52
N THR C 355 44.08 15.46 18.69
CA THR C 355 45.48 15.23 19.04
C THR C 355 46.25 16.53 19.09
N LEU C 356 46.09 17.38 18.06
CA LEU C 356 46.83 18.63 18.00
C LEU C 356 46.41 19.56 19.14
N HIS C 357 45.11 19.68 19.39
CA HIS C 357 44.63 20.56 20.45
C HIS C 357 45.15 20.11 21.82
N TYR C 358 45.22 18.80 22.05
CA TYR C 358 45.66 18.31 23.34
C TYR C 358 47.14 18.59 23.57
N PHE C 359 47.97 18.35 22.56
CA PHE C 359 49.42 18.48 22.73
C PHE C 359 49.90 19.92 22.70
N VAL C 360 49.10 20.86 22.22
CA VAL C 360 49.51 22.25 22.15
C VAL C 360 49.11 23.02 23.40
N SER C 361 47.87 22.83 23.87
CA SER C 361 47.45 23.44 25.13
C SER C 361 48.29 22.92 26.29
N ASN C 362 48.58 21.63 26.29
CA ASN C 362 49.44 21.03 27.31
C ASN C 362 50.90 21.10 26.88
N ARG C 445 57.88 17.76 13.86
CA ARG C 445 57.43 18.03 15.21
C ARG C 445 55.91 17.91 15.33
N ILE C 446 55.45 17.64 16.55
CA ILE C 446 54.03 17.34 16.77
C ILE C 446 53.18 18.59 16.55
N ALA C 447 53.69 19.77 16.92
CA ALA C 447 52.93 21.00 16.72
C ALA C 447 52.71 21.30 15.24
N LYS C 448 53.53 20.74 14.35
CA LYS C 448 53.37 20.90 12.92
C LYS C 448 52.41 19.89 12.32
N MET C 449 51.50 19.33 13.13
CA MET C 449 50.59 18.31 12.65
C MET C 449 49.65 18.85 11.58
N ASP C 450 49.27 20.12 11.67
CA ASP C 450 48.38 20.71 10.67
C ASP C 450 49.03 20.72 9.29
N SER C 451 50.32 21.06 9.22
CA SER C 451 51.01 21.07 7.94
C SER C 451 51.04 19.69 7.31
N TYR C 452 51.30 18.65 8.12
CA TYR C 452 51.31 17.30 7.60
C TYR C 452 49.92 16.88 7.13
N ALA C 453 48.90 17.18 7.93
CA ALA C 453 47.53 16.77 7.58
C ALA C 453 47.06 17.44 6.29
N ARG C 454 47.53 18.64 6.01
CA ARG C 454 47.19 19.30 4.76
C ARG C 454 47.72 18.55 3.55
N ILE C 455 48.78 17.77 3.71
CA ILE C 455 49.37 17.01 2.62
C ILE C 455 48.97 15.54 2.67
N PHE C 456 49.01 14.94 3.87
CA PHE C 456 48.76 13.50 4.00
C PHE C 456 47.33 13.15 3.60
N PHE C 457 46.35 13.86 4.15
CA PHE C 457 44.95 13.49 3.92
C PHE C 457 44.54 13.60 2.46
N PRO C 458 44.79 14.71 1.74
CA PRO C 458 44.47 14.70 0.30
C PRO C 458 45.25 13.67 -0.49
N THR C 459 46.48 13.38 -0.11
CA THR C 459 47.28 12.40 -0.85
C THR C 459 46.79 10.98 -0.59
N ALA C 460 46.46 10.67 0.66
CA ALA C 460 45.95 9.34 0.98
C ALA C 460 44.61 9.08 0.31
N PHE C 461 43.72 10.08 0.29
CA PHE C 461 42.42 9.90 -0.32
C PHE C 461 42.52 9.74 -1.83
N CYS C 462 43.40 10.51 -2.47
CA CYS C 462 43.66 10.29 -3.89
C CYS C 462 44.27 8.93 -4.15
N LEU C 463 45.16 8.49 -3.25
CA LEU C 463 45.76 7.17 -3.39
C LEU C 463 44.73 6.06 -3.24
N PHE C 464 43.81 6.21 -2.26
CA PHE C 464 42.73 5.24 -2.13
C PHE C 464 41.87 5.23 -3.38
N ASN C 465 41.56 6.39 -3.93
CA ASN C 465 40.75 6.45 -5.14
C ASN C 465 41.47 5.81 -6.32
N LEU C 466 42.80 5.95 -6.39
CA LEU C 466 43.54 5.31 -7.47
C LEU C 466 43.43 3.80 -7.40
N VAL C 467 43.63 3.24 -6.21
CA VAL C 467 43.53 1.79 -6.04
C VAL C 467 42.09 1.32 -6.17
N TYR C 468 41.15 2.09 -5.64
CA TYR C 468 39.75 1.65 -5.62
C TYR C 468 39.18 1.55 -7.03
N TRP C 469 39.36 2.59 -7.84
CA TRP C 469 38.76 2.59 -9.17
C TRP C 469 39.53 1.69 -10.14
N VAL C 470 40.83 1.54 -9.96
CA VAL C 470 41.59 0.61 -10.79
C VAL C 470 41.16 -0.82 -10.52
N SER C 471 40.99 -1.18 -9.25
CA SER C 471 40.65 -2.55 -8.90
C SER C 471 39.26 -2.93 -9.43
N TYR C 472 38.30 -2.03 -9.31
CA TYR C 472 36.91 -2.37 -9.63
C TYR C 472 36.54 -2.12 -11.08
N LEU C 473 37.34 -1.36 -11.83
CA LEU C 473 37.05 -1.14 -13.24
C LEU C 473 37.91 -2.00 -14.16
N TYR C 474 39.18 -2.22 -13.83
CA TYR C 474 40.11 -2.95 -14.68
C TYR C 474 40.43 -4.33 -14.14
N LEU C 475 40.86 -4.43 -12.89
CA LEU C 475 41.19 -5.71 -12.29
C LEU C 475 39.94 -6.56 -12.11
N THR D 47 -42.39 -9.22 -27.59
CA THR D 47 -41.03 -9.03 -28.10
C THR D 47 -40.52 -10.32 -28.74
N THR D 48 -41.44 -11.26 -28.99
CA THR D 48 -41.07 -12.50 -29.64
C THR D 48 -40.59 -12.26 -31.08
N VAL D 49 -41.01 -11.14 -31.69
CA VAL D 49 -40.56 -10.81 -33.02
C VAL D 49 -39.05 -10.57 -33.03
N PHE D 50 -38.54 -9.83 -32.05
CA PHE D 50 -37.11 -9.55 -32.01
C PHE D 50 -36.31 -10.76 -31.54
N THR D 51 -36.92 -11.63 -30.74
CA THR D 51 -36.23 -12.86 -30.36
C THR D 51 -35.98 -13.75 -31.55
N ARG D 52 -36.97 -13.86 -32.45
CA ARG D 52 -36.77 -14.63 -33.67
C ARG D 52 -35.68 -14.03 -34.54
N ILE D 53 -35.65 -12.71 -34.67
CA ILE D 53 -34.65 -12.04 -35.51
C ILE D 53 -33.25 -12.35 -35.00
N LEU D 54 -33.05 -12.23 -33.69
CA LEU D 54 -31.73 -12.55 -33.13
C LEU D 54 -31.40 -14.02 -33.26
N ASP D 55 -32.38 -14.90 -33.05
CA ASP D 55 -32.15 -16.33 -33.23
C ASP D 55 -31.81 -16.64 -34.67
N ARG D 56 -32.50 -15.99 -35.61
CA ARG D 56 -32.21 -16.22 -37.03
C ARG D 56 -30.84 -15.72 -37.42
N LEU D 57 -30.43 -14.56 -36.88
CA LEU D 57 -29.11 -14.02 -37.21
C LEU D 57 -28.00 -14.93 -36.72
N LEU D 58 -28.11 -15.43 -35.50
CA LEU D 58 -27.06 -16.25 -34.91
C LEU D 58 -27.08 -17.69 -35.40
N ASP D 59 -28.12 -18.10 -36.10
CA ASP D 59 -28.19 -19.46 -36.62
C ASP D 59 -27.22 -19.61 -37.79
N GLY D 60 -26.28 -20.54 -37.67
CA GLY D 60 -25.28 -20.73 -38.69
C GLY D 60 -24.16 -19.71 -38.72
N TYR D 61 -24.10 -18.82 -37.73
CA TYR D 61 -23.08 -17.78 -37.70
C TYR D 61 -21.82 -18.31 -37.05
N ASP D 62 -20.70 -18.21 -37.76
CA ASP D 62 -19.41 -18.66 -37.26
C ASP D 62 -18.62 -17.44 -36.83
N ASN D 63 -18.53 -17.22 -35.52
CA ASN D 63 -17.79 -16.08 -35.01
C ASN D 63 -16.28 -16.27 -35.09
N ARG D 64 -15.82 -17.46 -35.46
CA ARG D 64 -14.39 -17.70 -35.65
C ARG D 64 -13.86 -17.07 -36.93
N LEU D 65 -14.74 -16.64 -37.84
CA LEU D 65 -14.35 -16.13 -39.14
C LEU D 65 -14.68 -14.65 -39.24
N ARG D 66 -13.71 -13.87 -39.71
CA ARG D 66 -13.91 -12.44 -39.88
C ARG D 66 -14.87 -12.17 -41.04
N PRO D 67 -15.61 -11.07 -40.99
CA PRO D 67 -16.56 -10.76 -42.07
C PRO D 67 -15.85 -10.56 -43.39
N GLY D 68 -16.49 -11.03 -44.46
CA GLY D 68 -15.90 -10.90 -45.78
C GLY D 68 -14.65 -11.74 -45.99
N LEU D 69 -14.47 -12.80 -45.21
CA LEU D 69 -13.30 -13.64 -45.35
C LEU D 69 -13.26 -14.29 -46.73
N GLY D 70 -12.11 -14.19 -47.40
CA GLY D 70 -11.94 -14.71 -48.73
C GLY D 70 -12.51 -13.86 -49.84
N GLU D 71 -13.08 -12.71 -49.52
CA GLU D 71 -13.66 -11.82 -50.52
C GLU D 71 -13.13 -10.41 -50.43
N ARG D 72 -12.85 -9.90 -49.23
CA ARG D 72 -12.44 -8.53 -49.06
C ARG D 72 -11.70 -8.40 -47.74
N VAL D 73 -10.97 -7.30 -47.60
CA VAL D 73 -10.32 -6.94 -46.34
C VAL D 73 -11.37 -6.36 -45.41
N THR D 74 -11.40 -6.83 -44.17
CA THR D 74 -12.31 -6.29 -43.18
C THR D 74 -11.83 -4.91 -42.75
N GLU D 75 -12.66 -3.90 -42.97
CA GLU D 75 -12.32 -2.52 -42.67
C GLU D 75 -12.98 -2.11 -41.36
N VAL D 76 -12.17 -1.72 -40.38
CA VAL D 76 -12.65 -1.33 -39.06
C VAL D 76 -12.40 0.16 -38.86
N LYS D 77 -13.46 0.93 -38.66
CA LYS D 77 -13.35 2.35 -38.43
C LYS D 77 -13.36 2.60 -36.92
N THR D 78 -12.28 3.18 -36.42
CA THR D 78 -12.06 3.35 -34.99
C THR D 78 -12.24 4.80 -34.58
N ASP D 79 -12.38 4.99 -33.27
CA ASP D 79 -12.76 6.28 -32.71
C ASP D 79 -12.51 6.22 -31.21
N ILE D 80 -11.77 7.18 -30.68
CA ILE D 80 -11.43 7.22 -29.27
C ILE D 80 -11.98 8.48 -28.65
N PHE D 81 -12.75 8.33 -27.56
CA PHE D 81 -13.19 9.46 -26.75
C PHE D 81 -12.55 9.32 -25.38
N VAL D 82 -11.67 10.26 -25.04
CA VAL D 82 -10.95 10.24 -23.77
C VAL D 82 -11.82 10.94 -22.74
N THR D 83 -12.35 10.18 -21.78
CA THR D 83 -13.11 10.76 -20.69
C THR D 83 -12.21 11.35 -19.62
N SER D 84 -10.96 10.90 -19.53
CA SER D 84 -10.02 11.46 -18.58
C SER D 84 -8.61 11.07 -19.00
N PHE D 85 -7.73 12.05 -19.11
CA PHE D 85 -6.30 11.77 -19.35
C PHE D 85 -5.64 11.68 -17.98
N GLY D 86 -5.45 10.45 -17.50
CA GLY D 86 -5.06 10.22 -16.14
C GLY D 86 -3.64 10.66 -15.88
N PRO D 87 -3.18 10.42 -14.66
CA PRO D 87 -1.85 10.89 -14.26
C PRO D 87 -0.74 10.22 -15.05
N VAL D 88 0.38 10.92 -15.14
CA VAL D 88 1.58 10.42 -15.79
C VAL D 88 2.56 10.02 -14.70
N SER D 89 3.04 8.78 -14.77
CA SER D 89 3.98 8.25 -13.79
C SER D 89 5.39 8.36 -14.33
N ASP D 90 6.23 9.15 -13.66
CA ASP D 90 7.62 9.29 -14.09
C ASP D 90 8.45 8.09 -13.67
N HIS D 91 8.16 7.49 -12.52
CA HIS D 91 8.92 6.34 -12.05
C HIS D 91 8.81 5.17 -13.02
N ASP D 92 7.59 4.89 -13.50
CA ASP D 92 7.35 3.79 -14.41
C ASP D 92 7.39 4.19 -15.87
N MET D 93 7.53 5.49 -16.16
CA MET D 93 7.48 6.02 -17.52
C MET D 93 6.21 5.54 -18.23
N GLU D 94 5.08 5.73 -17.56
CA GLU D 94 3.79 5.31 -18.09
C GLU D 94 2.75 6.37 -17.77
N TYR D 95 1.67 6.36 -18.52
CA TYR D 95 0.54 7.23 -18.25
C TYR D 95 -0.75 6.42 -18.32
N THR D 96 -1.75 6.87 -17.58
CA THR D 96 -3.06 6.26 -17.57
C THR D 96 -4.01 7.10 -18.42
N ILE D 97 -5.03 6.45 -18.96
CA ILE D 97 -6.02 7.13 -19.79
C ILE D 97 -7.31 6.33 -19.79
N ASP D 98 -8.44 7.00 -19.55
CA ASP D 98 -9.75 6.37 -19.55
C ASP D 98 -10.47 6.79 -20.82
N VAL D 99 -10.90 5.81 -21.63
CA VAL D 99 -11.41 6.09 -22.95
C VAL D 99 -12.71 5.32 -23.19
N PHE D 100 -13.49 5.84 -24.12
CA PHE D 100 -14.51 5.08 -24.82
C PHE D 100 -13.89 4.65 -26.15
N PHE D 101 -13.58 3.37 -26.27
CA PHE D 101 -12.97 2.83 -27.49
C PHE D 101 -14.08 2.34 -28.40
N ARG D 102 -14.27 3.02 -29.53
CA ARG D 102 -15.36 2.72 -30.46
C ARG D 102 -14.80 2.06 -31.70
N GLN D 103 -15.41 0.95 -32.10
CA GLN D 103 -15.05 0.24 -33.32
C GLN D 103 -16.29 -0.01 -34.14
N SER D 104 -16.16 0.12 -35.45
CA SER D 104 -17.29 -0.05 -36.36
C SER D 104 -16.82 -0.79 -37.59
N TRP D 105 -17.63 -1.74 -38.05
CA TRP D 105 -17.31 -2.53 -39.23
C TRP D 105 -18.63 -3.06 -39.79
N LYS D 106 -18.55 -3.66 -40.96
CA LYS D 106 -19.72 -4.21 -41.63
C LYS D 106 -19.65 -5.72 -41.65
N ASP D 107 -20.77 -6.36 -41.33
CA ASP D 107 -20.89 -7.82 -41.34
C ASP D 107 -22.19 -8.18 -42.04
N GLU D 108 -22.10 -8.64 -43.29
CA GLU D 108 -23.28 -8.96 -44.07
C GLU D 108 -24.08 -10.11 -43.49
N ARG D 109 -23.47 -10.95 -42.66
CA ARG D 109 -24.20 -12.04 -42.01
C ARG D 109 -25.22 -11.53 -41.01
N LEU D 110 -25.12 -10.26 -40.59
CA LEU D 110 -25.98 -9.71 -39.55
C LEU D 110 -27.02 -8.75 -40.10
N LYS D 111 -27.25 -8.76 -41.41
CA LYS D 111 -28.35 -7.99 -41.98
C LYS D 111 -29.68 -8.55 -41.52
N PHE D 112 -30.62 -7.66 -41.19
CA PHE D 112 -31.94 -8.06 -40.75
C PHE D 112 -32.97 -7.08 -41.26
N LYS D 113 -34.21 -7.55 -41.32
CA LYS D 113 -35.36 -6.70 -41.66
C LYS D 113 -36.38 -6.84 -40.55
N GLY D 114 -36.93 -5.71 -40.11
CA GLY D 114 -37.88 -5.71 -39.03
C GLY D 114 -38.41 -4.32 -38.73
N PRO D 115 -39.04 -4.17 -37.57
CA PRO D 115 -39.61 -2.85 -37.22
C PRO D 115 -38.56 -1.80 -36.93
N MET D 116 -37.53 -2.15 -36.16
CA MET D 116 -36.49 -1.21 -35.77
C MET D 116 -35.30 -1.33 -36.70
N THR D 117 -34.77 -0.18 -37.12
CA THR D 117 -33.63 -0.16 -38.01
C THR D 117 -32.32 -0.49 -37.30
N VAL D 118 -32.24 -0.18 -36.00
CA VAL D 118 -31.03 -0.39 -35.21
C VAL D 118 -31.40 -1.24 -34.00
N LEU D 119 -30.63 -2.29 -33.75
CA LEU D 119 -30.81 -3.14 -32.59
C LEU D 119 -29.76 -2.75 -31.54
N ARG D 120 -30.22 -2.07 -30.49
CA ARG D 120 -29.35 -1.70 -29.38
C ARG D 120 -29.46 -2.79 -28.34
N LEU D 121 -28.49 -3.71 -28.36
CA LEU D 121 -28.59 -4.98 -27.64
C LEU D 121 -27.74 -4.97 -26.38
N ASN D 122 -27.98 -5.97 -25.54
CA ASN D 122 -27.13 -6.24 -24.40
C ASN D 122 -25.74 -6.65 -24.87
N ASN D 123 -24.72 -6.26 -24.10
CA ASN D 123 -23.34 -6.54 -24.48
C ASN D 123 -23.02 -8.03 -24.42
N LEU D 124 -23.88 -8.85 -23.84
CA LEU D 124 -23.69 -10.30 -23.87
C LEU D 124 -23.73 -10.83 -25.29
N MET D 125 -24.44 -10.14 -26.19
CA MET D 125 -24.53 -10.55 -27.58
C MET D 125 -23.19 -10.42 -28.30
N ALA D 126 -22.32 -9.51 -27.85
CA ALA D 126 -21.07 -9.26 -28.55
C ALA D 126 -20.15 -10.48 -28.54
N SER D 127 -20.21 -11.30 -27.49
CA SER D 127 -19.35 -12.47 -27.42
C SER D 127 -19.77 -13.54 -28.41
N LYS D 128 -21.01 -13.51 -28.91
CA LYS D 128 -21.48 -14.50 -29.86
C LYS D 128 -21.07 -14.20 -31.30
N ILE D 129 -20.59 -12.99 -31.59
CA ILE D 129 -20.27 -12.61 -32.95
C ILE D 129 -18.78 -12.31 -33.03
N TRP D 130 -18.29 -12.18 -34.26
CA TRP D 130 -16.90 -11.80 -34.47
C TRP D 130 -16.70 -10.32 -34.13
N THR D 131 -15.65 -10.03 -33.38
CA THR D 131 -15.24 -8.67 -33.11
C THR D 131 -13.75 -8.56 -33.38
N PRO D 132 -13.27 -7.36 -33.72
CA PRO D 132 -11.84 -7.17 -33.94
C PRO D 132 -11.03 -7.47 -32.69
N ASP D 133 -9.86 -8.07 -32.87
CA ASP D 133 -8.97 -8.38 -31.76
C ASP D 133 -7.93 -7.27 -31.57
N THR D 134 -8.44 -6.07 -31.36
CA THR D 134 -7.58 -4.91 -31.21
C THR D 134 -6.84 -4.96 -29.88
N PHE D 135 -5.54 -4.70 -29.91
CA PHE D 135 -4.73 -4.63 -28.71
C PHE D 135 -3.85 -3.39 -28.80
N PHE D 136 -3.41 -2.91 -27.64
CA PHE D 136 -2.55 -1.74 -27.58
C PHE D 136 -1.09 -2.19 -27.56
N HIS D 137 -0.34 -1.76 -28.57
CA HIS D 137 1.04 -2.24 -28.74
C HIS D 137 1.92 -1.82 -27.58
N ASN D 138 1.77 -0.58 -27.11
CA ASN D 138 2.56 -0.09 -26.00
C ASN D 138 1.82 -0.15 -24.68
N GLY D 139 0.65 -0.79 -24.64
CA GLY D 139 -0.08 -0.93 -23.39
C GLY D 139 0.63 -1.88 -22.44
N LYS D 140 0.41 -1.66 -21.14
CA LYS D 140 1.04 -2.49 -20.12
C LYS D 140 0.03 -3.33 -19.35
N LYS D 141 -0.91 -2.70 -18.67
CA LYS D 141 -1.90 -3.44 -17.88
C LYS D 141 -3.19 -2.61 -17.92
N SER D 142 -4.02 -2.93 -18.89
CA SER D 142 -5.28 -2.22 -19.10
C SER D 142 -6.41 -2.96 -18.41
N VAL D 143 -7.49 -2.22 -18.14
CA VAL D 143 -8.64 -2.73 -17.43
C VAL D 143 -9.88 -2.50 -18.29
N ALA D 144 -10.63 -3.56 -18.52
CA ALA D 144 -11.98 -3.45 -19.05
C ALA D 144 -12.94 -3.43 -17.87
N HIS D 145 -13.69 -2.36 -17.73
CA HIS D 145 -14.55 -2.19 -16.56
C HIS D 145 -15.75 -3.11 -16.62
N ASN D 146 -16.06 -3.73 -15.49
CA ASN D 146 -17.10 -4.75 -15.38
C ASN D 146 -18.14 -4.39 -14.33
N MET D 147 -18.19 -3.14 -13.89
CA MET D 147 -19.11 -2.68 -12.86
C MET D 147 -20.09 -1.69 -13.47
N THR D 148 -21.40 -1.94 -13.27
CA THR D 148 -21.98 -3.07 -12.56
C THR D 148 -22.13 -4.25 -13.51
N MET D 149 -21.93 -3.97 -14.78
CA MET D 149 -21.97 -4.95 -15.86
C MET D 149 -20.80 -4.67 -16.79
N PRO D 150 -20.49 -5.55 -17.75
CA PRO D 150 -19.47 -5.21 -18.75
C PRO D 150 -19.76 -3.88 -19.44
N ASN D 151 -18.81 -2.95 -19.34
CA ASN D 151 -18.97 -1.60 -19.89
C ASN D 151 -18.80 -1.64 -21.41
N LYS D 152 -19.78 -2.25 -22.07
CA LYS D 152 -19.75 -2.46 -23.51
C LYS D 152 -21.13 -2.20 -24.09
N LEU D 153 -21.15 -1.82 -25.37
CA LEU D 153 -22.40 -1.73 -26.12
C LEU D 153 -22.18 -2.32 -27.50
N LEU D 154 -23.26 -2.83 -28.08
CA LEU D 154 -23.24 -3.40 -29.42
C LEU D 154 -24.52 -3.00 -30.13
N ARG D 155 -24.39 -2.31 -31.25
CA ARG D 155 -25.54 -1.86 -32.02
C ARG D 155 -25.43 -2.42 -33.44
N ILE D 156 -26.50 -3.08 -33.88
CA ILE D 156 -26.57 -3.65 -35.22
C ILE D 156 -27.59 -2.85 -36.01
N THR D 157 -27.15 -2.19 -37.06
CA THR D 157 -28.09 -1.59 -38.00
C THR D 157 -28.62 -2.65 -38.95
N GLU D 158 -29.70 -2.33 -39.65
CA GLU D 158 -30.36 -3.32 -40.49
C GLU D 158 -29.51 -3.77 -41.67
N ASP D 159 -28.52 -2.97 -42.08
CA ASP D 159 -27.68 -3.29 -43.22
C ASP D 159 -26.45 -4.09 -42.84
N GLY D 160 -26.30 -4.46 -41.58
CA GLY D 160 -25.17 -5.24 -41.13
C GLY D 160 -24.03 -4.45 -40.52
N THR D 161 -24.13 -3.12 -40.48
CA THR D 161 -23.10 -2.32 -39.84
C THR D 161 -23.18 -2.48 -38.33
N LEU D 162 -22.02 -2.62 -37.69
CA LEU D 162 -21.92 -2.87 -36.26
C LEU D 162 -21.22 -1.71 -35.57
N LEU D 163 -21.80 -1.24 -34.48
CA LEU D 163 -21.12 -0.29 -33.59
C LEU D 163 -20.78 -1.02 -32.31
N TYR D 164 -19.52 -0.93 -31.89
CA TYR D 164 -19.01 -1.69 -30.76
C TYR D 164 -18.08 -0.79 -29.97
N THR D 165 -18.55 -0.29 -28.84
CA THR D 165 -17.75 0.56 -27.96
C THR D 165 -17.55 -0.13 -26.62
N MET D 166 -16.43 0.15 -25.99
CA MET D 166 -16.13 -0.38 -24.68
C MET D 166 -15.39 0.67 -23.86
N ARG D 167 -15.53 0.58 -22.54
CA ARG D 167 -14.89 1.50 -21.63
C ARG D 167 -13.63 0.85 -21.07
N LEU D 168 -12.49 1.53 -21.21
CA LEU D 168 -11.21 0.98 -20.85
C LEU D 168 -10.41 1.98 -20.03
N THR D 169 -9.52 1.45 -19.20
CA THR D 169 -8.44 2.22 -18.61
C THR D 169 -7.14 1.66 -19.17
N VAL D 170 -6.48 2.43 -20.04
CA VAL D 170 -5.27 2.00 -20.71
C VAL D 170 -4.07 2.54 -19.96
N ARG D 171 -3.10 1.67 -19.68
CA ARG D 171 -1.81 2.07 -19.12
C ARG D 171 -0.74 1.78 -20.15
N ALA D 172 -0.19 2.82 -20.76
CA ALA D 172 0.70 2.69 -21.89
C ALA D 172 2.08 3.20 -21.52
N GLU D 173 3.10 2.61 -22.14
CA GLU D 173 4.47 3.07 -21.95
C GLU D 173 4.67 4.39 -22.65
N CYS D 174 5.29 5.34 -21.95
CA CYS D 174 5.69 6.62 -22.53
C CYS D 174 7.17 6.80 -22.25
N PRO D 175 8.04 6.46 -23.20
CA PRO D 175 9.47 6.68 -23.00
C PRO D 175 9.79 8.16 -22.87
N MET D 176 10.50 8.51 -21.80
CA MET D 176 10.78 9.90 -21.49
C MET D 176 12.28 10.15 -21.53
N HIS D 177 12.69 11.19 -22.22
CA HIS D 177 14.05 11.73 -22.14
C HIS D 177 14.03 12.85 -21.11
N LEU D 178 14.68 12.60 -19.97
CA LEU D 178 14.62 13.51 -18.83
C LEU D 178 15.83 14.44 -18.77
N GLU D 179 16.47 14.72 -19.91
CA GLU D 179 17.63 15.61 -19.90
C GLU D 179 17.26 17.01 -19.41
N ASP D 180 16.14 17.53 -19.89
CA ASP D 180 15.71 18.88 -19.56
C ASP D 180 14.78 18.93 -18.36
N PHE D 181 14.69 17.87 -17.58
CA PHE D 181 13.87 17.88 -16.39
C PHE D 181 14.34 18.98 -15.45
N PRO D 182 13.42 19.76 -14.86
CA PRO D 182 11.96 19.66 -14.95
C PRO D 182 11.32 20.50 -16.05
N MET D 183 12.08 21.04 -17.00
CA MET D 183 11.52 21.85 -18.08
C MET D 183 11.40 21.05 -19.37
N ASP D 184 11.05 19.78 -19.26
CA ASP D 184 10.99 18.88 -20.40
C ASP D 184 9.56 18.75 -20.92
N ALA D 185 9.46 18.26 -22.16
CA ALA D 185 8.18 17.98 -22.80
C ALA D 185 8.26 16.60 -23.44
N HIS D 186 7.12 15.93 -23.52
CA HIS D 186 7.07 14.56 -23.99
C HIS D 186 5.92 14.38 -24.97
N ALA D 187 6.07 13.38 -25.84
CA ALA D 187 5.03 12.99 -26.80
C ALA D 187 4.68 11.53 -26.47
N CYS D 188 3.70 11.35 -25.59
CA CYS D 188 3.31 10.01 -25.17
C CYS D 188 2.49 9.34 -26.25
N PRO D 189 2.89 8.17 -26.74
CA PRO D 189 2.17 7.52 -27.82
C PRO D 189 1.06 6.60 -27.33
N LEU D 190 0.17 6.27 -28.28
CA LEU D 190 -0.88 5.29 -28.04
C LEU D 190 -1.09 4.54 -29.35
N LYS D 191 -0.55 3.34 -29.43
CA LYS D 191 -0.58 2.53 -30.64
C LYS D 191 -1.50 1.33 -30.43
N PHE D 192 -2.34 1.05 -31.43
CA PHE D 192 -3.19 -0.13 -31.35
C PHE D 192 -3.40 -0.69 -32.75
N GLY D 193 -3.74 -1.98 -32.78
CA GLY D 193 -3.99 -2.66 -34.03
C GLY D 193 -4.37 -4.09 -33.77
N SER D 194 -4.59 -4.82 -34.86
CA SER D 194 -5.00 -6.22 -34.77
C SER D 194 -3.83 -7.09 -34.33
N TYR D 195 -4.08 -7.98 -33.37
CA TYR D 195 -3.03 -8.90 -32.95
C TYR D 195 -2.80 -10.02 -33.97
N ALA D 196 -3.87 -10.56 -34.55
CA ALA D 196 -3.78 -11.76 -35.34
C ALA D 196 -3.94 -11.54 -36.84
N TYR D 197 -4.62 -10.49 -37.25
CA TYR D 197 -4.95 -10.28 -38.65
C TYR D 197 -3.98 -9.29 -39.27
N THR D 198 -3.35 -9.71 -40.37
CA THR D 198 -2.45 -8.84 -41.11
C THR D 198 -3.24 -7.83 -41.93
N ARG D 199 -2.53 -6.86 -42.50
CA ARG D 199 -3.19 -5.81 -43.27
C ARG D 199 -3.85 -6.34 -44.54
N ALA D 200 -3.55 -7.57 -44.95
CA ALA D 200 -4.30 -8.23 -46.01
C ALA D 200 -5.66 -8.73 -45.55
N GLU D 201 -5.92 -8.71 -44.24
CA GLU D 201 -7.15 -9.23 -43.67
C GLU D 201 -7.98 -8.15 -42.98
N VAL D 202 -7.39 -7.40 -42.07
CA VAL D 202 -8.08 -6.36 -41.31
C VAL D 202 -7.29 -5.07 -41.42
N VAL D 203 -7.94 -4.00 -41.84
CA VAL D 203 -7.35 -2.66 -41.86
C VAL D 203 -8.16 -1.76 -40.95
N TYR D 204 -7.47 -0.90 -40.22
CA TYR D 204 -8.11 0.07 -39.35
C TYR D 204 -8.10 1.45 -39.99
N GLU D 205 -9.14 2.22 -39.69
CA GLU D 205 -9.28 3.58 -40.21
C GLU D 205 -9.94 4.43 -39.14
N TRP D 206 -9.65 5.72 -39.18
CA TRP D 206 -10.31 6.65 -38.26
C TRP D 206 -11.69 6.99 -38.79
N THR D 207 -12.66 7.12 -37.88
CA THR D 207 -14.06 7.29 -38.28
C THR D 207 -14.24 8.59 -39.06
N ARG D 208 -13.64 9.66 -38.60
CA ARG D 208 -13.68 10.99 -39.21
C ARG D 208 -12.27 11.35 -39.64
N GLU D 209 -12.07 12.62 -39.98
CA GLU D 209 -10.72 13.12 -40.17
C GLU D 209 -9.90 12.78 -38.93
N PRO D 210 -8.65 12.33 -39.08
CA PRO D 210 -7.91 11.77 -37.94
C PRO D 210 -7.85 12.68 -36.73
N ALA D 211 -7.71 14.00 -36.94
CA ALA D 211 -7.68 14.92 -35.81
C ALA D 211 -9.00 14.90 -35.04
N ARG D 212 -10.12 14.79 -35.74
CA ARG D 212 -11.43 14.78 -35.10
C ARG D 212 -11.84 13.40 -34.61
N SER D 213 -11.02 12.37 -34.83
CA SER D 213 -11.35 11.02 -34.41
C SER D 213 -10.86 10.70 -33.01
N VAL D 214 -9.98 11.53 -32.44
CA VAL D 214 -9.58 11.40 -31.04
C VAL D 214 -10.03 12.68 -30.33
N VAL D 215 -10.95 12.54 -29.39
CA VAL D 215 -11.54 13.67 -28.69
C VAL D 215 -11.28 13.49 -27.20
N VAL D 216 -10.76 14.54 -26.58
CA VAL D 216 -10.56 14.59 -25.14
C VAL D 216 -11.69 15.39 -24.52
N ALA D 217 -12.28 14.86 -23.46
CA ALA D 217 -13.38 15.55 -22.81
C ALA D 217 -12.92 16.89 -22.24
N GLU D 218 -13.85 17.85 -22.17
CA GLU D 218 -13.51 19.20 -21.78
C GLU D 218 -12.96 19.26 -20.36
N ASP D 219 -13.56 18.52 -19.43
CA ASP D 219 -13.18 18.61 -18.03
C ASP D 219 -12.69 17.27 -17.50
N GLY D 220 -11.84 16.59 -18.25
CA GLY D 220 -11.41 15.25 -17.87
C GLY D 220 -9.97 15.14 -17.43
N SER D 221 -9.21 16.22 -17.48
CA SER D 221 -7.79 16.17 -17.16
C SER D 221 -7.58 15.72 -15.72
N ARG D 222 -6.83 14.64 -15.55
CA ARG D 222 -6.38 14.19 -14.24
C ARG D 222 -4.88 14.40 -14.06
N LEU D 223 -4.30 15.31 -14.83
CA LEU D 223 -2.87 15.60 -14.72
C LEU D 223 -2.60 16.56 -13.57
N ASN D 224 -1.54 16.29 -12.83
CA ASN D 224 -1.05 17.20 -11.80
C ASN D 224 0.17 17.97 -12.26
N GLN D 225 1.16 17.28 -12.83
CA GLN D 225 2.44 17.86 -13.16
C GLN D 225 2.58 18.17 -14.64
N TYR D 226 1.52 18.03 -15.44
CA TYR D 226 1.63 18.18 -16.87
C TYR D 226 0.45 18.98 -17.41
N ASP D 227 0.66 19.57 -18.58
CA ASP D 227 -0.38 20.17 -19.39
C ASP D 227 -0.52 19.36 -20.68
N LEU D 228 -1.74 19.07 -21.07
CA LEU D 228 -2.02 18.39 -22.33
C LEU D 228 -2.17 19.45 -23.42
N LEU D 229 -1.15 19.59 -24.25
CA LEU D 229 -1.12 20.63 -25.27
C LEU D 229 -1.83 20.25 -26.56
N GLY D 230 -2.34 19.03 -26.65
CA GLY D 230 -2.95 18.53 -27.87
C GLY D 230 -2.34 17.21 -28.29
N GLN D 231 -2.99 16.60 -29.29
CA GLN D 231 -2.60 15.28 -29.74
C GLN D 231 -2.45 15.24 -31.25
N THR D 232 -1.55 14.39 -31.71
CA THR D 232 -1.30 14.14 -33.12
C THR D 232 -1.79 12.74 -33.45
N VAL D 233 -2.60 12.62 -34.50
CA VAL D 233 -3.24 11.37 -34.88
C VAL D 233 -2.65 10.90 -36.21
N ASP D 234 -2.29 9.62 -36.29
CA ASP D 234 -1.61 9.08 -37.44
C ASP D 234 -1.91 7.59 -37.54
N SER D 235 -1.59 7.02 -38.71
CA SER D 235 -1.72 5.59 -38.93
C SER D 235 -0.54 5.12 -39.76
N GLY D 236 -0.21 3.84 -39.63
CA GLY D 236 0.94 3.30 -40.31
C GLY D 236 0.87 1.79 -40.42
N ILE D 237 2.00 1.20 -40.82
CA ILE D 237 2.14 -0.23 -41.01
C ILE D 237 3.35 -0.68 -40.21
N VAL D 238 3.18 -1.73 -39.41
CA VAL D 238 4.30 -2.36 -38.72
C VAL D 238 4.56 -3.71 -39.36
N GLN D 239 5.83 -4.10 -39.41
CA GLN D 239 6.25 -5.38 -39.94
C GLN D 239 6.82 -6.22 -38.80
N SER D 240 6.44 -7.49 -38.76
CA SER D 240 6.98 -8.43 -37.78
C SER D 240 7.29 -9.73 -38.51
N SER D 241 7.61 -10.76 -37.75
CA SER D 241 7.88 -12.06 -38.35
C SER D 241 6.62 -12.72 -38.89
N THR D 242 5.45 -12.34 -38.39
CA THR D 242 4.19 -12.94 -38.80
C THR D 242 3.43 -12.13 -39.85
N GLY D 243 3.98 -11.02 -40.31
CA GLY D 243 3.39 -10.29 -41.41
C GLY D 243 3.37 -8.80 -41.14
N GLU D 244 2.67 -8.08 -42.01
CA GLU D 244 2.49 -6.63 -41.88
C GLU D 244 1.14 -6.33 -41.26
N TYR D 245 1.12 -5.42 -40.29
CA TYR D 245 -0.08 -5.08 -39.55
C TYR D 245 -0.31 -3.58 -39.59
N VAL D 246 -1.57 -3.19 -39.77
CA VAL D 246 -1.96 -1.79 -39.66
C VAL D 246 -1.85 -1.35 -38.20
N VAL D 247 -1.27 -0.18 -37.99
CA VAL D 247 -1.14 0.41 -36.66
C VAL D 247 -1.77 1.79 -36.68
N MET D 248 -2.53 2.10 -35.64
CA MET D 248 -3.11 3.42 -35.45
C MET D 248 -2.40 4.08 -34.28
N THR D 249 -1.85 5.27 -34.50
CA THR D 249 -1.04 5.94 -33.51
C THR D 249 -1.66 7.28 -33.12
N THR D 250 -1.57 7.61 -31.84
CA THR D 250 -1.90 8.93 -31.33
C THR D 250 -0.77 9.37 -30.41
N HIS D 251 -0.34 10.61 -30.54
CA HIS D 251 0.72 11.17 -29.71
C HIS D 251 0.14 12.31 -28.88
N PHE D 252 -0.03 12.08 -27.59
CA PHE D 252 -0.44 13.14 -26.68
C PHE D 252 0.78 13.93 -26.26
N HIS D 253 0.76 15.24 -26.49
CA HIS D 253 1.90 16.10 -26.22
C HIS D 253 1.74 16.71 -24.84
N LEU D 254 2.72 16.48 -23.97
CA LEU D 254 2.67 16.90 -22.59
C LEU D 254 3.87 17.74 -22.24
N LYS D 255 3.64 18.82 -21.51
CA LYS D 255 4.72 19.68 -21.02
C LYS D 255 4.64 19.73 -19.50
N ARG D 256 5.76 19.52 -18.83
CA ARG D 256 5.78 19.51 -17.38
C ARG D 256 5.56 20.90 -16.82
N LYS D 257 4.69 20.99 -15.83
CA LYS D 257 4.51 22.23 -15.08
C LYS D 257 5.63 22.36 -14.06
N ILE D 258 6.31 23.51 -14.08
CA ILE D 258 7.53 23.69 -13.30
C ILE D 258 7.27 24.20 -11.89
N GLY D 259 6.02 24.49 -11.55
CA GLY D 259 5.74 25.21 -10.31
C GLY D 259 6.20 24.47 -9.07
N TYR D 260 5.96 23.16 -9.02
CA TYR D 260 6.35 22.38 -7.84
C TYR D 260 7.85 22.40 -7.63
N PHE D 261 8.62 22.27 -8.70
CA PHE D 261 10.07 22.21 -8.57
C PHE D 261 10.67 23.58 -8.30
N VAL D 262 10.02 24.65 -8.75
CA VAL D 262 10.44 25.99 -8.34
C VAL D 262 10.24 26.17 -6.84
N ILE D 263 9.08 25.75 -6.34
CA ILE D 263 8.76 25.94 -4.93
C ILE D 263 9.63 25.06 -4.05
N GLN D 264 9.77 23.78 -4.40
CA GLN D 264 10.36 22.80 -3.51
C GLN D 264 11.84 22.57 -3.73
N THR D 265 12.39 22.87 -4.91
CA THR D 265 13.80 22.65 -5.14
C THR D 265 14.57 23.91 -5.46
N TYR D 266 14.16 24.66 -6.49
CA TYR D 266 14.94 25.82 -6.92
C TYR D 266 14.97 26.90 -5.85
N LEU D 267 13.82 27.20 -5.24
CA LEU D 267 13.78 28.24 -4.22
C LEU D 267 14.60 27.91 -2.98
N PRO D 268 14.54 26.70 -2.41
CA PRO D 268 15.48 26.38 -1.33
C PRO D 268 16.94 26.41 -1.74
N CYS D 269 17.26 26.02 -2.97
CA CYS D 269 18.65 26.11 -3.44
C CYS D 269 19.11 27.55 -3.52
N ILE D 270 18.25 28.45 -4.00
CA ILE D 270 18.61 29.85 -4.12
C ILE D 270 18.80 30.49 -2.74
N MET D 271 17.94 30.13 -1.79
CA MET D 271 18.04 30.72 -0.45
C MET D 271 19.24 30.19 0.33
N THR D 272 19.63 28.94 0.07
CA THR D 272 20.85 28.41 0.68
C THR D 272 22.08 29.14 0.16
N VAL D 273 22.10 29.47 -1.13
CA VAL D 273 23.23 30.20 -1.68
C VAL D 273 23.29 31.61 -1.13
N ILE D 274 22.13 32.27 -1.00
CA ILE D 274 22.09 33.60 -0.39
C ILE D 274 22.54 33.53 1.06
N LEU D 275 22.11 32.49 1.78
CA LEU D 275 22.50 32.33 3.17
C LEU D 275 24.00 32.14 3.32
N SER D 276 24.61 31.35 2.44
CA SER D 276 26.05 31.11 2.52
C SER D 276 26.85 32.38 2.30
N GLN D 277 26.31 33.32 1.52
CA GLN D 277 27.00 34.57 1.24
C GLN D 277 26.79 35.61 2.32
N VAL D 278 25.94 35.34 3.31
CA VAL D 278 25.78 36.26 4.44
C VAL D 278 27.07 36.33 5.26
N SER D 279 27.78 35.21 5.37
CA SER D 279 28.99 35.16 6.18
C SER D 279 30.07 36.13 5.70
N PHE D 280 29.99 36.58 4.44
CA PHE D 280 30.95 37.57 3.97
C PHE D 280 30.86 38.87 4.73
N TRP D 281 29.71 39.15 5.34
CA TRP D 281 29.46 40.41 6.03
C TRP D 281 29.76 40.36 7.52
N LEU D 282 30.14 39.21 8.05
CA LEU D 282 30.54 39.11 9.45
C LEU D 282 32.04 39.33 9.58
N ASN D 283 32.45 39.80 10.75
CA ASN D 283 33.87 40.08 10.96
C ASN D 283 34.67 38.79 10.94
N ARG D 284 35.92 38.91 10.49
CA ARG D 284 36.76 37.73 10.28
C ARG D 284 37.15 37.03 11.58
N GLU D 285 36.95 37.69 12.73
CA GLU D 285 37.30 37.08 14.00
C GLU D 285 36.20 36.21 14.57
N SER D 286 35.00 36.23 13.99
CA SER D 286 33.91 35.35 14.43
C SER D 286 34.02 34.02 13.71
N VAL D 287 35.11 33.31 14.02
CA VAL D 287 35.41 32.05 13.34
C VAL D 287 34.35 31.00 13.57
N PRO D 288 33.88 30.73 14.80
CA PRO D 288 32.80 29.75 14.96
C PRO D 288 31.52 30.13 14.23
N ALA D 289 31.17 31.42 14.23
CA ALA D 289 29.95 31.84 13.56
C ALA D 289 30.03 31.63 12.05
N ARG D 290 31.17 31.97 11.46
CA ARG D 290 31.31 31.83 10.01
C ARG D 290 31.54 30.38 9.59
N THR D 291 32.11 29.55 10.46
CA THR D 291 32.20 28.14 10.17
C THR D 291 30.83 27.48 10.18
N VAL D 292 29.96 27.90 11.10
CA VAL D 292 28.61 27.37 11.14
C VAL D 292 27.84 27.75 9.88
N PHE D 293 28.06 28.96 9.36
CA PHE D 293 27.45 29.36 8.10
C PHE D 293 27.88 28.44 6.96
N GLY D 294 29.18 28.21 6.84
CA GLY D 294 29.68 27.41 5.73
C GLY D 294 29.26 25.96 5.82
N VAL D 295 29.33 25.38 7.01
CA VAL D 295 29.05 23.96 7.16
C VAL D 295 27.57 23.67 6.94
N THR D 296 26.70 24.47 7.56
CA THR D 296 25.27 24.18 7.50
C THR D 296 24.72 24.35 6.08
N THR D 297 25.22 25.33 5.33
CA THR D 297 24.74 25.51 3.97
C THR D 297 25.23 24.39 3.04
N VAL D 298 26.44 23.89 3.27
CA VAL D 298 26.94 22.76 2.49
C VAL D 298 26.10 21.52 2.78
N LEU D 299 25.83 21.25 4.07
CA LEU D 299 25.01 20.10 4.42
C LEU D 299 23.58 20.25 3.90
N THR D 300 23.06 21.48 3.87
CA THR D 300 21.74 21.71 3.30
C THR D 300 21.73 21.38 1.81
N MET D 301 22.76 21.81 1.07
CA MET D 301 22.83 21.48 -0.34
C MET D 301 22.97 19.98 -0.54
N THR D 302 23.69 19.30 0.35
CA THR D 302 23.82 17.86 0.27
C THR D 302 22.47 17.18 0.43
N THR D 303 21.66 17.64 1.39
CA THR D 303 20.32 17.08 1.56
C THR D 303 19.43 17.38 0.36
N LEU D 304 19.53 18.60 -0.19
CA LEU D 304 18.70 18.97 -1.34
C LEU D 304 19.05 18.14 -2.56
N SER D 305 20.33 17.87 -2.77
CA SER D 305 20.76 17.10 -3.93
C SER D 305 20.22 15.67 -3.86
N ILE D 306 20.19 15.10 -2.66
CA ILE D 306 19.69 13.74 -2.50
C ILE D 306 18.20 13.66 -2.80
N SER D 307 17.42 14.58 -2.25
CA SER D 307 15.97 14.51 -2.35
C SER D 307 15.43 15.00 -3.69
N ALA D 308 16.25 15.65 -4.52
CA ALA D 308 15.76 16.15 -5.80
C ALA D 308 15.62 15.05 -6.84
N ARG D 309 16.23 13.88 -6.61
CA ARG D 309 16.13 12.76 -7.52
C ARG D 309 14.97 11.82 -7.20
N ASN D 310 14.28 12.04 -6.07
CA ASN D 310 13.27 11.09 -5.61
C ASN D 310 12.03 11.08 -6.49
N SER D 311 11.80 12.10 -7.29
CA SER D 311 10.63 12.18 -8.15
C SER D 311 10.84 11.51 -9.50
N LEU D 312 12.03 10.98 -9.78
CA LEU D 312 12.41 10.54 -11.10
C LEU D 312 12.88 9.10 -11.06
N PRO D 313 12.78 8.38 -12.19
CA PRO D 313 13.45 7.09 -12.30
C PRO D 313 14.96 7.29 -12.22
N LYS D 314 15.65 6.29 -11.66
CA LYS D 314 17.07 6.44 -11.40
C LYS D 314 17.86 6.34 -12.69
N VAL D 315 17.75 7.35 -13.55
CA VAL D 315 18.47 7.38 -14.81
C VAL D 315 19.92 7.76 -14.55
N ALA D 316 20.80 7.37 -15.48
CA ALA D 316 22.23 7.50 -15.30
C ALA D 316 22.79 8.85 -15.72
N TYR D 317 22.00 9.70 -16.37
CA TYR D 317 22.47 10.99 -16.80
C TYR D 317 21.98 12.09 -15.86
N ALA D 318 22.53 13.28 -16.06
CA ALA D 318 22.18 14.44 -15.24
C ALA D 318 21.02 15.19 -15.89
N THR D 319 20.11 15.66 -15.05
CA THR D 319 18.99 16.48 -15.50
C THR D 319 19.38 17.95 -15.43
N ALA D 320 18.50 18.80 -15.97
CA ALA D 320 18.73 20.24 -15.86
C ALA D 320 18.70 20.71 -14.41
N MET D 321 17.95 20.01 -13.56
CA MET D 321 17.97 20.32 -12.14
C MET D 321 19.23 19.83 -11.45
N ASP D 322 19.86 18.77 -11.98
CA ASP D 322 21.14 18.32 -11.43
C ASP D 322 22.21 19.39 -11.60
N TRP D 323 22.24 20.05 -12.76
CA TRP D 323 23.25 21.07 -13.00
C TRP D 323 23.02 22.29 -12.12
N PHE D 324 21.77 22.68 -11.91
CA PHE D 324 21.49 23.81 -11.04
C PHE D 324 21.94 23.54 -9.62
N ILE D 325 21.69 22.33 -9.12
CA ILE D 325 22.13 21.96 -7.77
C ILE D 325 23.64 21.83 -7.73
N ALA D 326 24.25 21.29 -8.79
CA ALA D 326 25.70 21.17 -8.83
C ALA D 326 26.37 22.55 -8.81
N VAL D 327 25.82 23.51 -9.54
CA VAL D 327 26.38 24.86 -9.54
C VAL D 327 26.11 25.55 -8.22
N CYS D 328 24.92 25.37 -7.66
CA CYS D 328 24.62 25.93 -6.34
C CYS D 328 25.54 25.36 -5.28
N TYR D 329 25.87 24.07 -5.39
CA TYR D 329 26.84 23.47 -4.48
C TYR D 329 28.21 24.11 -4.62
N ALA D 330 28.61 24.42 -5.86
CA ALA D 330 29.91 25.06 -6.08
C ALA D 330 29.97 26.44 -5.47
N PHE D 331 28.88 27.21 -5.57
CA PHE D 331 28.83 28.52 -4.92
C PHE D 331 28.88 28.40 -3.40
N VAL D 332 28.14 27.44 -2.84
CA VAL D 332 28.11 27.27 -1.39
C VAL D 332 29.44 26.76 -0.88
N PHE D 333 30.08 25.86 -1.62
CA PHE D 333 31.36 25.32 -1.18
C PHE D 333 32.46 26.37 -1.29
N SER D 334 32.42 27.21 -2.33
CA SER D 334 33.42 28.26 -2.47
C SER D 334 33.29 29.32 -1.37
N ALA D 335 32.07 29.55 -0.88
CA ALA D 335 31.89 30.52 0.21
C ALA D 335 32.62 30.07 1.46
N LEU D 336 32.58 28.77 1.76
CA LEU D 336 33.32 28.26 2.91
C LEU D 336 34.82 28.23 2.64
N ILE D 337 35.22 27.92 1.41
CA ILE D 337 36.64 27.97 1.05
C ILE D 337 37.14 29.41 1.12
N GLU D 338 36.29 30.37 0.75
CA GLU D 338 36.68 31.77 0.86
C GLU D 338 36.97 32.16 2.30
N PHE D 339 36.13 31.71 3.24
CA PHE D 339 36.37 32.03 4.63
C PHE D 339 37.64 31.37 5.14
N ALA D 340 37.93 30.15 4.69
CA ALA D 340 39.16 29.48 5.10
C ALA D 340 40.38 30.27 4.67
N THR D 341 40.33 30.88 3.47
CA THR D 341 41.40 31.78 3.06
C THR D 341 41.46 33.02 3.93
N VAL D 342 40.30 33.59 4.27
CA VAL D 342 40.27 34.77 5.13
C VAL D 342 40.83 34.46 6.50
N ASN D 343 40.46 33.30 7.06
CA ASN D 343 40.96 32.91 8.37
C ASN D 343 42.46 32.65 8.35
N TYR D 344 42.99 32.22 7.21
CA TYR D 344 44.42 31.96 7.10
C TYR D 344 45.25 33.23 7.24
N PHE D 345 44.70 34.37 6.80
CA PHE D 345 45.39 35.65 6.89
C PHE D 345 44.90 36.50 8.03
N THR D 346 44.14 35.94 8.97
CA THR D 346 43.75 36.62 10.18
C THR D 346 44.87 36.43 11.21
N LYS D 347 45.40 37.54 11.72
CA LYS D 347 46.56 37.48 12.60
C LYS D 347 46.20 37.43 14.08
N ARG D 348 45.05 37.99 14.44
CA ARG D 348 44.68 38.17 15.84
C ARG D 348 43.37 37.46 16.12
N GLY D 349 43.30 36.79 17.28
CA GLY D 349 42.10 36.07 17.66
C GLY D 349 41.00 36.91 18.25
N TYR D 350 41.26 38.19 18.51
CA TYR D 350 40.28 39.08 19.11
C TYR D 350 39.79 40.08 18.07
N ALA D 351 38.55 40.51 18.24
CA ALA D 351 37.94 41.46 17.32
C ALA D 351 38.15 42.88 17.82
N TRP D 352 37.71 43.84 17.00
CA TRP D 352 37.82 45.24 17.35
C TRP D 352 36.89 45.58 18.50
N ASP D 353 37.33 46.47 19.38
CA ASP D 353 36.54 46.87 20.54
C ASP D 353 35.90 48.24 20.36
N LYS D 419 47.43 48.43 21.43
CA LYS D 419 46.82 47.25 20.84
C LYS D 419 46.48 47.48 19.38
N THR D 420 46.91 46.55 18.53
CA THR D 420 46.57 46.56 17.10
C THR D 420 45.40 45.63 16.84
N PHE D 421 44.71 45.88 15.74
CA PHE D 421 43.52 45.13 15.38
C PHE D 421 43.61 44.69 13.92
N ASN D 422 42.91 43.61 13.61
CA ASN D 422 42.84 43.12 12.23
C ASN D 422 42.08 44.10 11.36
N SER D 423 42.50 44.18 10.10
CA SER D 423 41.77 44.95 9.11
C SER D 423 40.71 44.09 8.45
N VAL D 424 39.71 44.76 7.86
CA VAL D 424 38.68 44.04 7.13
C VAL D 424 39.31 43.37 5.92
N SER D 425 38.98 42.10 5.71
CA SER D 425 39.61 41.31 4.66
C SER D 425 39.26 41.88 3.29
N LYS D 426 40.27 42.00 2.42
CA LYS D 426 40.01 42.36 1.04
C LYS D 426 39.20 41.28 0.33
N ILE D 427 39.45 40.02 0.69
CA ILE D 427 38.70 38.91 0.11
C ILE D 427 37.22 39.03 0.44
N ASP D 428 36.91 39.37 1.70
CA ASP D 428 35.52 39.61 2.08
C ASP D 428 34.92 40.77 1.31
N ARG D 429 35.69 41.85 1.14
CA ARG D 429 35.18 43.01 0.41
C ARG D 429 34.85 42.66 -1.03
N LEU D 430 35.71 41.86 -1.67
CA LEU D 430 35.46 41.45 -3.05
C LEU D 430 34.39 40.36 -3.13
N SER D 431 34.34 39.46 -2.16
CA SER D 431 33.35 38.39 -2.19
C SER D 431 31.93 38.91 -2.07
N ARG D 432 31.74 40.02 -1.36
CA ARG D 432 30.40 40.60 -1.25
C ARG D 432 29.86 41.05 -2.59
N ILE D 433 30.73 41.28 -3.57
CA ILE D 433 30.33 41.69 -4.90
C ILE D 433 30.40 40.54 -5.89
N ALA D 434 31.50 39.79 -5.88
CA ALA D 434 31.69 38.74 -6.86
C ALA D 434 30.67 37.62 -6.71
N PHE D 435 30.48 37.13 -5.48
CA PHE D 435 29.57 35.99 -5.28
C PHE D 435 28.13 36.30 -5.65
N PRO D 436 27.50 37.39 -5.18
CA PRO D 436 26.15 37.69 -5.64
C PRO D 436 26.06 37.96 -7.13
N LEU D 437 27.08 38.60 -7.71
CA LEU D 437 27.03 38.93 -9.12
C LEU D 437 27.17 37.69 -9.98
N LEU D 438 28.13 36.83 -9.66
CA LEU D 438 28.33 35.61 -10.44
C LEU D 438 27.12 34.68 -10.36
N PHE D 439 26.49 34.60 -9.18
CA PHE D 439 25.29 33.79 -9.06
C PHE D 439 24.13 34.37 -9.86
N GLY D 440 23.99 35.70 -9.85
CA GLY D 440 22.95 36.32 -10.65
C GLY D 440 23.18 36.15 -12.14
N ILE D 441 24.45 36.19 -12.56
CA ILE D 441 24.77 35.93 -13.96
C ILE D 441 24.43 34.49 -14.32
N PHE D 442 24.79 33.54 -13.45
CA PHE D 442 24.50 32.14 -13.74
C PHE D 442 23.01 31.88 -13.84
N ASN D 443 22.21 32.53 -12.99
CA ASN D 443 20.78 32.33 -13.03
C ASN D 443 20.17 32.81 -14.34
N LEU D 444 20.61 33.96 -14.85
CA LEU D 444 20.11 34.45 -16.12
C LEU D 444 20.46 33.50 -17.25
N VAL D 445 21.70 33.02 -17.29
CA VAL D 445 22.11 32.11 -18.35
C VAL D 445 21.36 30.78 -18.24
N TYR D 446 21.18 30.28 -17.02
CA TYR D 446 20.49 29.02 -16.82
C TYR D 446 19.05 29.09 -17.30
N TRP D 447 18.33 30.14 -16.93
CA TRP D 447 16.91 30.23 -17.28
C TRP D 447 16.70 30.72 -18.70
N ALA D 448 17.72 31.29 -19.34
CA ALA D 448 17.64 31.56 -20.76
C ALA D 448 17.84 30.29 -21.58
N THR D 449 18.68 29.38 -21.10
CA THR D 449 18.94 28.14 -21.83
C THR D 449 17.70 27.26 -21.91
N TYR D 450 16.97 27.11 -20.81
CA TYR D 450 15.91 26.12 -20.74
C TYR D 450 14.52 26.68 -20.96
N LEU D 451 14.24 27.90 -20.52
CA LEU D 451 12.94 28.51 -20.74
C LEU D 451 12.83 29.04 -22.16
N SER E 35 -43.84 -26.42 -4.46
CA SER E 35 -43.77 -26.86 -5.86
C SER E 35 -44.42 -25.85 -6.78
N PHE E 36 -45.45 -25.17 -6.28
CA PHE E 36 -46.12 -24.15 -7.08
C PHE E 36 -45.17 -23.00 -7.41
N VAL E 37 -44.37 -22.57 -6.43
CA VAL E 37 -43.38 -21.53 -6.67
C VAL E 37 -42.36 -22.00 -7.71
N LYS E 38 -41.92 -23.25 -7.59
CA LYS E 38 -40.92 -23.77 -8.51
C LYS E 38 -41.43 -23.79 -9.95
N GLU E 39 -42.70 -24.17 -10.14
CA GLU E 39 -43.28 -24.14 -11.47
C GLU E 39 -43.47 -22.71 -11.97
N THR E 40 -43.81 -21.79 -11.06
CA THR E 40 -43.99 -20.39 -11.43
C THR E 40 -42.69 -19.78 -11.95
N VAL E 41 -41.58 -20.02 -11.24
CA VAL E 41 -40.30 -19.44 -11.65
C VAL E 41 -39.85 -20.01 -12.98
N ASP E 42 -40.07 -21.31 -13.20
CA ASP E 42 -39.67 -21.92 -14.46
C ASP E 42 -40.42 -21.34 -15.64
N LYS E 43 -41.72 -21.09 -15.48
CA LYS E 43 -42.50 -20.48 -16.55
C LYS E 43 -42.06 -19.04 -16.80
N LEU E 44 -41.67 -18.32 -15.75
CA LEU E 44 -41.18 -16.96 -15.94
C LEU E 44 -39.90 -16.94 -16.76
N LEU E 45 -38.98 -17.86 -16.48
CA LEU E 45 -37.70 -17.91 -17.18
C LEU E 45 -37.75 -18.70 -18.48
N LYS E 46 -38.87 -19.36 -18.77
CA LYS E 46 -38.99 -20.11 -20.02
C LYS E 46 -39.40 -19.16 -21.13
N GLY E 47 -38.57 -19.09 -22.18
CA GLY E 47 -38.80 -18.16 -23.25
C GLY E 47 -38.34 -16.75 -22.97
N TYR E 48 -37.78 -16.51 -21.79
CA TYR E 48 -37.25 -15.19 -21.45
C TYR E 48 -35.98 -14.92 -22.25
N ASP E 49 -35.91 -13.75 -22.86
CA ASP E 49 -34.75 -13.35 -23.67
C ASP E 49 -33.97 -12.29 -22.89
N ILE E 50 -32.79 -12.68 -22.40
CA ILE E 50 -31.97 -11.78 -21.61
C ILE E 50 -31.35 -10.68 -22.46
N ARG E 51 -31.22 -10.90 -23.76
CA ARG E 51 -30.61 -9.90 -24.64
C ARG E 51 -31.51 -8.69 -24.85
N LEU E 52 -32.80 -8.80 -24.56
CA LEU E 52 -33.76 -7.73 -24.81
C LEU E 52 -34.17 -7.09 -23.49
N ARG E 53 -34.16 -5.77 -23.45
CA ARG E 53 -34.64 -5.04 -22.29
C ARG E 53 -36.17 -5.13 -22.23
N PRO E 54 -36.76 -4.83 -21.07
CA PRO E 54 -38.23 -4.71 -21.02
C PRO E 54 -38.71 -3.62 -21.97
N ASP E 55 -39.83 -3.89 -22.64
CA ASP E 55 -40.38 -3.01 -23.67
C ASP E 55 -39.32 -2.67 -24.73
N PHE E 56 -38.76 -3.72 -25.32
CA PHE E 56 -37.58 -3.54 -26.18
C PHE E 56 -37.88 -2.63 -27.36
N GLY E 57 -39.02 -2.80 -28.00
CA GLY E 57 -39.36 -1.96 -29.13
C GLY E 57 -40.34 -0.85 -28.78
N GLY E 58 -40.49 -0.54 -27.49
CA GLY E 58 -41.45 0.42 -27.05
C GLY E 58 -40.87 1.54 -26.21
N PRO E 59 -41.66 2.03 -25.25
CA PRO E 59 -41.20 3.15 -24.43
C PRO E 59 -40.03 2.76 -23.56
N PRO E 60 -39.21 3.72 -23.15
CA PRO E 60 -38.05 3.40 -22.31
C PRO E 60 -38.46 2.85 -20.94
N VAL E 61 -37.63 1.96 -20.42
CA VAL E 61 -37.84 1.39 -19.09
C VAL E 61 -37.36 2.37 -18.04
N CYS E 62 -38.22 2.70 -17.09
CA CYS E 62 -37.88 3.61 -16.00
C CYS E 62 -37.22 2.84 -14.87
N VAL E 63 -36.03 3.28 -14.48
CA VAL E 63 -35.25 2.60 -13.44
C VAL E 63 -35.07 3.56 -12.28
N GLY E 64 -35.57 3.18 -11.11
CA GLY E 64 -35.41 3.96 -9.90
C GLY E 64 -34.24 3.45 -9.08
N MET E 65 -33.45 4.39 -8.55
CA MET E 65 -32.23 4.05 -7.84
C MET E 65 -32.22 4.70 -6.47
N ASN E 66 -31.74 3.94 -5.49
CA ASN E 66 -31.42 4.50 -4.18
C ASN E 66 -30.15 3.84 -3.67
N ILE E 67 -29.43 4.57 -2.83
CA ILE E 67 -28.12 4.15 -2.32
C ILE E 67 -28.12 4.26 -0.81
N ASP E 68 -27.69 3.21 -0.14
CA ASP E 68 -27.40 3.24 1.29
C ASP E 68 -25.89 3.25 1.45
N ILE E 69 -25.34 4.40 1.85
CA ILE E 69 -23.90 4.52 1.99
C ILE E 69 -23.46 3.84 3.27
N ALA E 70 -22.56 2.86 3.15
CA ALA E 70 -22.04 2.16 4.30
C ALA E 70 -20.85 2.88 4.92
N SER E 71 -19.96 3.43 4.09
CA SER E 71 -18.81 4.16 4.59
C SER E 71 -18.16 4.92 3.46
N ILE E 72 -17.49 6.01 3.83
CA ILE E 72 -16.54 6.69 2.96
C ILE E 72 -15.20 6.66 3.66
N ASP E 73 -14.16 6.28 2.94
CA ASP E 73 -12.82 6.22 3.52
C ASP E 73 -11.81 6.55 2.44
N MET E 74 -10.54 6.62 2.86
CA MET E 74 -9.42 6.76 1.94
C MET E 74 -9.56 7.97 1.04
N VAL E 75 -10.01 9.09 1.59
CA VAL E 75 -10.05 10.34 0.85
C VAL E 75 -8.62 10.82 0.70
N SER E 76 -8.05 10.66 -0.49
CA SER E 76 -6.62 10.84 -0.73
C SER E 76 -6.38 12.01 -1.66
N GLU E 77 -5.54 12.95 -1.23
CA GLU E 77 -5.05 13.97 -2.14
C GLU E 77 -3.92 13.45 -3.01
N VAL E 78 -3.16 12.48 -2.51
CA VAL E 78 -2.06 11.90 -3.27
C VAL E 78 -2.60 11.21 -4.52
N ASN E 79 -3.63 10.40 -4.36
CA ASN E 79 -4.23 9.69 -5.49
C ASN E 79 -5.41 10.43 -6.12
N MET E 80 -5.86 11.53 -5.51
CA MET E 80 -7.00 12.29 -6.00
C MET E 80 -8.23 11.41 -6.17
N ASP E 81 -8.60 10.70 -5.11
CA ASP E 81 -9.76 9.83 -5.16
C ASP E 81 -10.25 9.57 -3.74
N TYR E 82 -11.45 9.02 -3.66
CA TYR E 82 -12.05 8.59 -2.41
C TYR E 82 -12.68 7.23 -2.63
N THR E 83 -12.77 6.44 -1.56
CA THR E 83 -13.33 5.10 -1.60
C THR E 83 -14.71 5.11 -0.94
N LEU E 84 -15.68 4.49 -1.58
CA LEU E 84 -17.06 4.50 -1.12
C LEU E 84 -17.63 3.09 -1.14
N THR E 85 -18.18 2.67 -0.02
CA THR E 85 -18.93 1.42 0.07
C THR E 85 -20.40 1.75 0.22
N MET E 86 -21.24 1.09 -0.57
CA MET E 86 -22.65 1.44 -0.58
C MET E 86 -23.47 0.20 -0.90
N TYR E 87 -24.76 0.29 -0.60
CA TYR E 87 -25.76 -0.65 -1.08
C TYR E 87 -26.49 0.02 -2.23
N PHE E 88 -26.32 -0.51 -3.42
CA PHE E 88 -26.83 0.10 -4.65
C PHE E 88 -28.06 -0.66 -5.11
N GLN E 89 -29.23 -0.07 -4.92
CA GLN E 89 -30.51 -0.69 -5.24
C GLN E 89 -31.07 -0.09 -6.51
N GLN E 90 -31.53 -0.94 -7.42
CA GLN E 90 -32.18 -0.53 -8.65
C GLN E 90 -33.54 -1.19 -8.75
N TYR E 91 -34.55 -0.40 -9.12
CA TYR E 91 -35.92 -0.88 -9.27
C TYR E 91 -36.39 -0.62 -10.70
N TRP E 92 -37.06 -1.59 -11.28
CA TRP E 92 -37.70 -1.42 -12.57
C TRP E 92 -38.77 -2.50 -12.71
N ARG E 93 -39.69 -2.28 -13.63
CA ARG E 93 -40.78 -3.20 -13.87
C ARG E 93 -40.53 -3.95 -15.18
N ASP E 94 -40.40 -5.26 -15.09
CA ASP E 94 -40.26 -6.14 -16.24
C ASP E 94 -41.50 -7.03 -16.29
N LYS E 95 -42.40 -6.74 -17.24
CA LYS E 95 -43.67 -7.45 -17.32
C LYS E 95 -43.50 -8.93 -17.63
N ARG E 96 -42.39 -9.32 -18.26
CA ARG E 96 -42.12 -10.72 -18.50
C ARG E 96 -41.96 -11.51 -17.21
N LEU E 97 -41.70 -10.82 -16.09
CA LEU E 97 -41.51 -11.46 -14.80
C LEU E 97 -42.72 -11.35 -13.89
N ALA E 98 -43.85 -10.88 -14.42
CA ALA E 98 -45.07 -10.81 -13.62
C ALA E 98 -45.64 -12.21 -13.40
N TYR E 99 -46.01 -12.51 -12.16
CA TYR E 99 -46.53 -13.81 -11.79
C TYR E 99 -47.77 -13.64 -10.93
N SER E 100 -48.61 -14.67 -10.95
CA SER E 100 -49.88 -14.65 -10.24
C SER E 100 -50.02 -15.90 -9.38
N GLY E 101 -50.86 -15.79 -8.36
CA GLY E 101 -51.18 -16.88 -7.47
C GLY E 101 -50.38 -16.91 -6.19
N ILE E 102 -49.27 -16.17 -6.13
CA ILE E 102 -48.39 -16.15 -4.98
C ILE E 102 -48.47 -14.75 -4.35
N PRO E 103 -49.01 -14.60 -3.14
CA PRO E 103 -49.07 -13.27 -2.52
C PRO E 103 -47.76 -12.85 -1.89
N LEU E 104 -46.67 -13.53 -2.24
CA LEU E 104 -45.36 -13.26 -1.67
C LEU E 104 -44.49 -12.50 -2.66
N ASN E 105 -43.48 -11.81 -2.12
CA ASN E 105 -42.41 -11.25 -2.91
C ASN E 105 -41.29 -12.26 -2.99
N LEU E 106 -41.03 -12.77 -4.19
CA LEU E 106 -40.09 -13.88 -4.35
C LEU E 106 -38.67 -13.37 -4.25
N THR E 107 -38.06 -13.59 -3.09
CA THR E 107 -36.63 -13.34 -2.91
C THR E 107 -35.89 -14.59 -3.37
N LEU E 108 -35.17 -14.49 -4.47
CA LEU E 108 -34.53 -15.63 -5.10
C LEU E 108 -33.03 -15.64 -4.82
N ASP E 109 -32.41 -16.77 -5.13
CA ASP E 109 -30.96 -16.88 -5.04
C ASP E 109 -30.31 -15.89 -6.00
N ASN E 110 -29.21 -15.28 -5.57
CA ASN E 110 -28.62 -14.21 -6.34
C ASN E 110 -28.08 -14.66 -7.68
N ARG E 111 -27.94 -15.97 -7.91
CA ARG E 111 -27.48 -16.46 -9.21
C ARG E 111 -28.56 -16.30 -10.29
N VAL E 112 -29.82 -16.09 -9.91
CA VAL E 112 -30.85 -15.84 -10.90
C VAL E 112 -30.69 -14.48 -11.57
N ALA E 113 -29.88 -13.59 -11.01
CA ALA E 113 -29.60 -12.31 -11.67
C ALA E 113 -28.93 -12.52 -13.02
N ASP E 114 -28.08 -13.54 -13.13
CA ASP E 114 -27.43 -13.86 -14.39
C ASP E 114 -28.42 -14.35 -15.45
N GLN E 115 -29.63 -14.71 -15.06
CA GLN E 115 -30.65 -15.18 -15.98
C GLN E 115 -31.66 -14.10 -16.34
N LEU E 116 -31.56 -12.92 -15.77
CA LEU E 116 -32.50 -11.83 -16.00
C LEU E 116 -31.80 -10.67 -16.68
N TRP E 117 -32.60 -9.77 -17.25
CA TRP E 117 -32.09 -8.51 -17.72
C TRP E 117 -31.92 -7.56 -16.54
N VAL E 118 -30.75 -6.92 -16.45
CA VAL E 118 -30.52 -5.88 -15.46
C VAL E 118 -29.96 -4.66 -16.19
N PRO E 119 -30.15 -3.46 -15.68
CA PRO E 119 -29.59 -2.28 -16.34
C PRO E 119 -28.07 -2.34 -16.42
N ASP E 120 -27.53 -1.81 -17.51
CA ASP E 120 -26.09 -1.75 -17.70
C ASP E 120 -25.51 -0.51 -17.04
N THR E 121 -25.87 -0.30 -15.77
CA THR E 121 -25.45 0.88 -15.04
C THR E 121 -23.97 0.83 -14.73
N TYR E 122 -23.30 1.97 -14.84
CA TYR E 122 -21.88 2.07 -14.52
C TYR E 122 -21.59 3.44 -13.95
N PHE E 123 -20.43 3.56 -13.30
CA PHE E 123 -19.98 4.80 -12.70
C PHE E 123 -18.85 5.38 -13.55
N LEU E 124 -19.05 6.59 -14.06
CA LEU E 124 -18.10 7.16 -15.01
C LEU E 124 -16.77 7.49 -14.36
N ASN E 125 -16.79 8.09 -13.17
CA ASN E 125 -15.55 8.48 -12.51
C ASN E 125 -14.98 7.35 -11.65
N ASP E 126 -15.57 6.17 -11.71
CA ASP E 126 -15.04 5.01 -11.00
C ASP E 126 -13.70 4.60 -11.58
N LYS E 127 -12.73 4.37 -10.70
CA LYS E 127 -11.41 3.89 -11.08
C LYS E 127 -11.25 2.40 -10.83
N LYS E 128 -11.54 1.95 -9.61
CA LYS E 128 -11.52 0.54 -9.27
C LYS E 128 -12.72 0.24 -8.40
N SER E 129 -13.55 -0.71 -8.80
CA SER E 129 -14.74 -1.06 -8.05
C SER E 129 -14.97 -2.56 -8.10
N PHE E 130 -15.41 -3.12 -6.98
CA PHE E 130 -15.72 -4.54 -6.90
C PHE E 130 -17.03 -4.71 -6.16
N VAL E 131 -17.74 -5.78 -6.51
CA VAL E 131 -18.85 -6.27 -5.71
C VAL E 131 -18.28 -7.24 -4.69
N HIS E 132 -18.70 -7.08 -3.44
CA HIS E 132 -18.23 -7.99 -2.39
C HIS E 132 -18.74 -9.40 -2.66
N GLY E 133 -17.90 -10.40 -2.36
CA GLY E 133 -18.21 -11.76 -2.74
C GLY E 133 -18.07 -12.77 -1.63
N VAL E 134 -18.09 -12.32 -0.38
CA VAL E 134 -17.98 -13.19 0.79
C VAL E 134 -19.25 -13.02 1.60
N THR E 135 -19.91 -14.14 1.93
CA THR E 135 -19.56 -15.53 1.60
C THR E 135 -19.94 -15.86 0.17
N VAL E 136 -21.00 -15.23 -0.31
CA VAL E 136 -21.40 -15.31 -1.71
C VAL E 136 -21.36 -13.91 -2.28
N LYS E 137 -21.66 -13.77 -3.57
CA LYS E 137 -21.71 -12.45 -4.17
C LYS E 137 -22.80 -11.61 -3.50
N ASN E 138 -22.41 -10.42 -3.02
CA ASN E 138 -23.31 -9.56 -2.25
C ASN E 138 -24.33 -8.93 -3.19
N ARG E 139 -25.32 -9.72 -3.55
CA ARG E 139 -26.27 -9.37 -4.58
C ARG E 139 -27.63 -9.93 -4.19
N MET E 140 -28.69 -9.19 -4.49
CA MET E 140 -30.03 -9.65 -4.16
C MET E 140 -30.97 -9.40 -5.33
N ILE E 141 -31.85 -10.38 -5.57
CA ILE E 141 -32.92 -10.26 -6.54
C ILE E 141 -34.22 -10.56 -5.82
N ARG E 142 -35.14 -9.60 -5.83
CA ARG E 142 -36.44 -9.76 -5.19
C ARG E 142 -37.51 -9.41 -6.21
N LEU E 143 -38.33 -10.38 -6.58
CA LEU E 143 -39.39 -10.17 -7.54
C LEU E 143 -40.68 -9.80 -6.81
N HIS E 144 -41.59 -9.20 -7.56
CA HIS E 144 -42.90 -8.81 -7.08
C HIS E 144 -43.95 -9.27 -8.08
N PRO E 145 -45.18 -9.55 -7.62
CA PRO E 145 -46.16 -10.17 -8.53
C PRO E 145 -46.45 -9.38 -9.79
N ASP E 146 -46.44 -8.05 -9.72
CA ASP E 146 -46.75 -7.25 -10.90
C ASP E 146 -45.61 -7.20 -11.90
N GLY E 147 -44.43 -7.69 -11.54
CA GLY E 147 -43.28 -7.68 -12.42
C GLY E 147 -42.14 -6.80 -11.97
N THR E 148 -42.29 -6.07 -10.87
CA THR E 148 -41.23 -5.20 -10.39
C THR E 148 -40.05 -6.01 -9.89
N VAL E 149 -38.85 -5.55 -10.24
CA VAL E 149 -37.62 -6.22 -9.84
C VAL E 149 -36.85 -5.28 -8.92
N LEU E 150 -36.50 -5.76 -7.75
CA LEU E 150 -35.56 -5.09 -6.85
C LEU E 150 -34.23 -5.82 -6.94
N TYR E 151 -33.20 -5.09 -7.37
CA TYR E 151 -31.88 -5.66 -7.63
C TYR E 151 -30.86 -4.84 -6.84
N GLY E 152 -30.23 -5.45 -5.86
CA GLY E 152 -29.31 -4.76 -4.97
C GLY E 152 -27.92 -5.33 -5.04
N LEU E 153 -26.92 -4.45 -4.95
CA LEU E 153 -25.52 -4.84 -4.97
C LEU E 153 -24.78 -4.09 -3.88
N ARG E 154 -23.85 -4.77 -3.23
CA ARG E 154 -22.94 -4.12 -2.28
C ARG E 154 -21.62 -3.87 -3.00
N ILE E 155 -21.32 -2.59 -3.21
CA ILE E 155 -20.21 -2.17 -4.05
C ILE E 155 -19.26 -1.31 -3.24
N THR E 156 -17.97 -1.61 -3.34
CA THR E 156 -16.92 -0.69 -2.92
C THR E 156 -16.27 -0.15 -4.18
N THR E 157 -16.33 1.16 -4.37
CA THR E 157 -15.75 1.82 -5.53
C THR E 157 -14.79 2.91 -5.09
N THR E 158 -13.67 3.00 -5.79
CA THR E 158 -12.73 4.12 -5.64
C THR E 158 -12.98 5.08 -6.80
N ALA E 159 -13.58 6.22 -6.50
CA ALA E 159 -13.97 7.18 -7.52
C ALA E 159 -12.98 8.34 -7.53
N ALA E 160 -12.64 8.80 -8.73
CA ALA E 160 -11.73 9.92 -8.87
C ALA E 160 -12.38 11.20 -8.37
N CYS E 161 -11.61 11.99 -7.64
CA CYS E 161 -12.04 13.29 -7.13
C CYS E 161 -10.86 14.25 -7.27
N MET E 162 -10.86 15.05 -8.33
CA MET E 162 -9.81 16.04 -8.50
C MET E 162 -10.03 17.20 -7.53
N MET E 163 -9.07 17.38 -6.62
CA MET E 163 -9.21 18.34 -5.53
C MET E 163 -8.36 19.57 -5.83
N ASP E 164 -8.97 20.74 -5.68
CA ASP E 164 -8.24 22.01 -5.73
C ASP E 164 -7.69 22.29 -4.34
N LEU E 165 -6.36 22.30 -4.22
CA LEU E 165 -5.68 22.41 -2.94
C LEU E 165 -5.05 23.78 -2.73
N ARG E 166 -5.57 24.82 -3.40
CA ARG E 166 -4.98 26.15 -3.25
C ARG E 166 -5.18 26.70 -1.86
N ARG E 167 -6.27 26.33 -1.19
CA ARG E 167 -6.54 26.77 0.17
C ARG E 167 -6.27 25.69 1.21
N TYR E 168 -5.64 24.60 0.80
CA TYR E 168 -5.31 23.53 1.72
C TYR E 168 -4.38 24.04 2.82
N PRO E 169 -4.62 23.66 4.08
CA PRO E 169 -5.61 22.70 4.58
C PRO E 169 -6.93 23.33 4.99
N LEU E 170 -7.26 24.52 4.53
CA LEU E 170 -8.55 25.16 4.80
C LEU E 170 -9.50 25.05 3.61
N ASP E 171 -9.41 23.97 2.86
CA ASP E 171 -10.11 23.82 1.60
C ASP E 171 -11.39 23.02 1.77
N GLU E 172 -12.36 23.31 0.91
CA GLU E 172 -13.61 22.57 0.82
C GLU E 172 -13.62 21.83 -0.51
N GLN E 173 -13.79 20.52 -0.46
CA GLN E 173 -13.77 19.70 -1.65
C GLN E 173 -15.18 19.24 -1.99
N ASN E 174 -15.37 18.88 -3.26
CA ASN E 174 -16.65 18.42 -3.77
C ASN E 174 -16.39 17.14 -4.57
N CYS E 175 -16.73 16.01 -3.97
CA CYS E 175 -16.53 14.69 -4.59
C CYS E 175 -17.88 14.15 -5.03
N THR E 176 -17.93 13.65 -6.26
CA THR E 176 -19.17 13.21 -6.88
C THR E 176 -19.08 11.75 -7.29
N LEU E 177 -20.25 11.15 -7.48
CA LEU E 177 -20.38 9.83 -8.09
C LEU E 177 -21.34 9.95 -9.26
N GLU E 178 -20.86 9.65 -10.46
CA GLU E 178 -21.62 9.81 -11.69
C GLU E 178 -22.18 8.46 -12.11
N ILE E 179 -23.49 8.34 -12.13
CA ILE E 179 -24.18 7.09 -12.43
C ILE E 179 -24.82 7.24 -13.80
N GLU E 180 -24.48 6.34 -14.72
CA GLU E 180 -24.91 6.47 -16.11
C GLU E 180 -25.22 5.10 -16.69
N SER E 181 -26.10 5.09 -17.69
CA SER E 181 -26.32 3.90 -18.50
C SER E 181 -25.28 3.84 -19.60
N TYR E 182 -24.72 2.65 -19.83
CA TYR E 182 -23.65 2.56 -20.81
C TYR E 182 -24.18 2.48 -22.23
N GLY E 183 -25.08 1.55 -22.50
CA GLY E 183 -25.46 1.29 -23.87
C GLY E 183 -26.85 1.71 -24.25
N TYR E 184 -27.68 2.07 -23.26
CA TYR E 184 -29.05 2.46 -23.51
C TYR E 184 -29.16 3.98 -23.42
N THR E 185 -29.66 4.59 -24.49
CA THR E 185 -29.87 6.03 -24.51
C THR E 185 -31.17 6.37 -23.79
N THR E 186 -31.52 7.66 -23.80
CA THR E 186 -32.74 8.09 -23.14
C THR E 186 -34.00 7.57 -23.83
N ASP E 187 -33.88 7.05 -25.05
CA ASP E 187 -35.00 6.41 -25.71
C ASP E 187 -35.23 4.98 -25.24
N ASP E 188 -34.27 4.37 -24.55
CA ASP E 188 -34.38 3.02 -24.07
C ASP E 188 -34.48 2.90 -22.55
N ILE E 189 -33.93 3.85 -21.81
CA ILE E 189 -33.86 3.74 -20.35
C ILE E 189 -33.93 5.13 -19.75
N GLU E 190 -34.55 5.23 -18.58
CA GLU E 190 -34.63 6.46 -17.83
C GLU E 190 -34.27 6.19 -16.38
N PHE E 191 -33.38 7.00 -15.83
CA PHE E 191 -32.98 6.91 -14.43
C PHE E 191 -33.70 7.96 -13.61
N TYR E 192 -33.99 7.63 -12.37
CA TYR E 192 -34.47 8.62 -11.41
C TYR E 192 -34.07 8.19 -10.01
N TRP E 193 -34.04 9.17 -9.11
CA TRP E 193 -33.75 8.91 -7.71
C TRP E 193 -35.03 8.45 -7.03
N ARG E 194 -35.06 7.19 -6.62
CA ARG E 194 -36.26 6.61 -6.03
C ARG E 194 -36.41 7.12 -4.60
N GLY E 195 -37.43 7.94 -4.36
CA GLY E 195 -37.59 8.63 -3.11
C GLY E 195 -37.19 10.09 -3.13
N GLY E 196 -36.79 10.62 -4.28
CA GLY E 196 -36.45 12.03 -4.36
C GLY E 196 -35.16 12.33 -3.60
N ASP E 197 -35.20 13.37 -2.77
CA ASP E 197 -34.03 13.75 -2.00
C ASP E 197 -33.69 12.77 -0.88
N LYS E 198 -34.58 11.83 -0.58
CA LYS E 198 -34.32 10.80 0.41
C LYS E 198 -33.87 9.49 -0.23
N ALA E 199 -33.38 9.53 -1.46
CA ALA E 199 -32.93 8.34 -2.14
C ALA E 199 -31.54 7.88 -1.70
N VAL E 200 -30.81 8.71 -0.97
CA VAL E 200 -29.50 8.35 -0.44
C VAL E 200 -29.52 8.52 1.06
N THR E 201 -29.17 7.47 1.78
CA THR E 201 -29.16 7.47 3.23
C THR E 201 -27.78 7.10 3.74
N GLY E 202 -27.56 7.35 5.02
CA GLY E 202 -26.32 7.00 5.68
C GLY E 202 -25.26 8.07 5.71
N VAL E 203 -25.49 9.20 5.03
CA VAL E 203 -24.49 10.27 5.02
C VAL E 203 -24.32 10.85 6.42
N GLU E 204 -25.43 11.01 7.16
CA GLU E 204 -25.36 11.54 8.51
C GLU E 204 -24.61 10.62 9.47
N ARG E 205 -24.48 9.34 9.15
CA ARG E 205 -23.75 8.41 9.99
C ARG E 205 -22.27 8.30 9.63
N ILE E 206 -21.83 8.96 8.57
CA ILE E 206 -20.43 8.89 8.15
C ILE E 206 -19.60 9.79 9.04
N GLU E 207 -18.46 9.29 9.50
CA GLU E 207 -17.55 10.03 10.35
C GLU E 207 -16.15 9.93 9.75
N LEU E 208 -15.73 10.97 9.05
CA LEU E 208 -14.41 10.99 8.44
C LEU E 208 -13.39 11.59 9.40
N PRO E 209 -12.25 10.94 9.61
CA PRO E 209 -11.28 11.47 10.58
C PRO E 209 -10.74 12.84 10.24
N GLN E 210 -10.64 13.16 8.95
CA GLN E 210 -10.02 14.40 8.51
C GLN E 210 -10.99 15.35 7.81
N PHE E 211 -12.18 14.90 7.48
CA PHE E 211 -13.15 15.70 6.76
C PHE E 211 -14.48 15.72 7.51
N SER E 212 -15.28 16.73 7.21
CA SER E 212 -16.65 16.83 7.67
C SER E 212 -17.53 17.02 6.44
N ILE E 213 -18.60 16.23 6.35
CA ILE E 213 -19.51 16.35 5.21
C ILE E 213 -20.50 17.47 5.51
N VAL E 214 -20.53 18.47 4.64
CA VAL E 214 -21.41 19.62 4.83
C VAL E 214 -22.78 19.37 4.23
N GLU E 215 -22.83 18.85 3.02
CA GLU E 215 -24.09 18.54 2.37
C GLU E 215 -23.85 17.53 1.26
N HIS E 216 -24.93 16.88 0.82
CA HIS E 216 -24.91 16.04 -0.35
C HIS E 216 -26.10 16.40 -1.23
N ARG E 217 -25.95 16.23 -2.53
CA ARG E 217 -26.98 16.58 -3.49
C ARG E 217 -27.23 15.44 -4.45
N LEU E 218 -28.45 15.39 -4.98
CA LEU E 218 -28.85 14.43 -5.98
C LEU E 218 -29.26 15.19 -7.24
N VAL E 219 -28.60 14.88 -8.34
CA VAL E 219 -28.82 15.55 -9.61
C VAL E 219 -29.19 14.50 -10.65
N SER E 220 -30.25 14.78 -11.41
CA SER E 220 -30.65 13.96 -12.54
C SER E 220 -30.59 14.82 -13.80
N ARG E 221 -29.93 14.31 -14.84
CA ARG E 221 -29.77 15.07 -16.07
C ARG E 221 -29.42 14.11 -17.20
N ASN E 222 -29.15 14.67 -18.37
CA ASN E 222 -28.75 13.92 -19.55
C ASN E 222 -27.36 14.35 -20.00
N VAL E 223 -26.61 13.40 -20.55
CA VAL E 223 -25.29 13.66 -21.10
C VAL E 223 -25.28 13.16 -22.53
N VAL E 224 -24.80 13.98 -23.46
CA VAL E 224 -24.79 13.66 -24.87
C VAL E 224 -23.37 13.27 -25.27
N PHE E 225 -23.25 12.11 -25.90
CA PHE E 225 -22.01 11.65 -26.51
C PHE E 225 -22.23 11.52 -28.01
N ALA E 226 -21.19 11.10 -28.72
CA ALA E 226 -21.31 10.88 -30.16
C ALA E 226 -22.23 9.72 -30.48
N THR E 227 -22.52 8.85 -29.51
CA THR E 227 -23.38 7.70 -29.71
C THR E 227 -24.81 7.93 -29.21
N GLY E 228 -25.12 9.10 -28.69
CA GLY E 228 -26.47 9.43 -28.28
C GLY E 228 -26.48 10.16 -26.96
N ALA E 229 -27.69 10.38 -26.44
CA ALA E 229 -27.89 11.03 -25.16
C ALA E 229 -28.19 9.99 -24.10
N TYR E 230 -27.55 10.11 -22.95
CA TYR E 230 -27.68 9.07 -21.94
C TYR E 230 -28.16 9.65 -20.62
N PRO E 231 -29.00 8.93 -19.89
CA PRO E 231 -29.43 9.41 -18.57
C PRO E 231 -28.29 9.31 -17.57
N ARG E 232 -28.17 10.33 -16.72
CA ARG E 232 -27.15 10.37 -15.70
C ARG E 232 -27.76 10.80 -14.38
N LEU E 233 -27.36 10.11 -13.30
CA LEU E 233 -27.68 10.52 -11.95
C LEU E 233 -26.37 10.87 -11.25
N SER E 234 -26.39 11.97 -10.49
CA SER E 234 -25.20 12.46 -9.82
C SER E 234 -25.43 12.46 -8.32
N LEU E 235 -24.43 11.98 -7.58
CA LEU E 235 -24.40 12.04 -6.13
C LEU E 235 -23.13 12.77 -5.73
N SER E 236 -23.27 13.99 -5.25
CA SER E 236 -22.14 14.82 -4.90
C SER E 236 -22.15 15.12 -3.40
N PHE E 237 -20.96 15.11 -2.81
CA PHE E 237 -20.77 15.47 -1.42
C PHE E 237 -19.85 16.68 -1.33
N ARG E 238 -20.06 17.49 -0.31
CA ARG E 238 -19.17 18.62 -0.04
C ARG E 238 -18.42 18.31 1.25
N LEU E 239 -17.09 18.30 1.17
CA LEU E 239 -16.24 17.90 2.27
C LEU E 239 -15.46 19.11 2.77
N LYS E 240 -15.48 19.33 4.08
CA LYS E 240 -14.74 20.40 4.72
C LYS E 240 -13.64 19.77 5.57
N ARG E 241 -12.40 20.17 5.31
CA ARG E 241 -11.27 19.59 6.02
C ARG E 241 -11.18 20.14 7.43
N ASN E 242 -10.92 19.25 8.39
CA ASN E 242 -10.70 19.66 9.77
C ASN E 242 -9.29 20.24 9.92
N ILE E 243 -9.20 21.39 10.59
CA ILE E 243 -7.91 22.06 10.74
C ILE E 243 -7.14 21.60 11.97
N GLY E 244 -7.76 20.83 12.86
CA GLY E 244 -7.13 20.53 14.13
C GLY E 244 -5.83 19.78 14.01
N TYR E 245 -5.76 18.84 13.06
CA TYR E 245 -4.54 18.07 12.87
C TYR E 245 -3.38 18.96 12.44
N PHE E 246 -3.63 19.89 11.52
CA PHE E 246 -2.55 20.69 10.96
C PHE E 246 -2.06 21.77 11.92
N ILE E 247 -2.88 22.15 12.90
CA ILE E 247 -2.42 23.09 13.92
C ILE E 247 -1.31 22.47 14.75
N LEU E 248 -1.49 21.23 15.18
CA LEU E 248 -0.48 20.55 15.96
C LEU E 248 0.70 20.11 15.12
N GLN E 249 0.51 19.90 13.82
CA GLN E 249 1.51 19.29 12.96
C GLN E 249 2.42 20.31 12.30
N THR E 250 1.85 21.39 11.75
CA THR E 250 2.64 22.36 11.00
C THR E 250 2.56 23.78 11.52
N TYR E 251 1.36 24.25 11.91
CA TYR E 251 1.22 25.66 12.26
C TYR E 251 1.89 25.99 13.58
N MET E 252 1.65 25.18 14.63
CA MET E 252 2.21 25.51 15.93
C MET E 252 3.73 25.38 15.98
N PRO E 253 4.35 24.30 15.49
CA PRO E 253 5.82 24.27 15.47
C PRO E 253 6.43 25.39 14.66
N SER E 254 5.76 25.87 13.62
CA SER E 254 6.27 27.00 12.85
C SER E 254 6.14 28.30 13.62
N ILE E 255 5.02 28.49 14.33
CA ILE E 255 4.84 29.70 15.13
C ILE E 255 5.86 29.75 16.25
N LEU E 256 6.08 28.62 16.93
CA LEU E 256 6.98 28.60 18.08
C LEU E 256 8.43 28.76 17.66
N ILE E 257 8.80 28.23 16.49
CA ILE E 257 10.15 28.44 15.97
C ILE E 257 10.36 29.88 15.57
N THR E 258 9.35 30.51 14.95
CA THR E 258 9.46 31.92 14.60
C THR E 258 9.63 32.78 15.84
N ILE E 259 8.86 32.48 16.89
CA ILE E 259 9.02 33.22 18.15
C ILE E 259 10.41 33.02 18.72
N LEU E 260 10.92 31.79 18.65
CA LEU E 260 12.22 31.49 19.24
C LEU E 260 13.35 32.24 18.55
N SER E 261 13.18 32.58 17.27
CA SER E 261 14.22 33.32 16.57
C SER E 261 14.35 34.76 17.05
N TRP E 262 13.32 35.29 17.73
CA TRP E 262 13.40 36.62 18.29
C TRP E 262 14.27 36.68 19.53
N VAL E 263 14.62 35.54 20.13
CA VAL E 263 15.43 35.52 21.33
C VAL E 263 16.79 36.15 21.07
N SER E 264 17.30 36.03 19.84
CA SER E 264 18.59 36.60 19.50
C SER E 264 18.60 38.12 19.64
N PHE E 265 17.43 38.76 19.53
CA PHE E 265 17.38 40.21 19.69
C PHE E 265 17.69 40.64 21.11
N TRP E 266 17.67 39.72 22.07
CA TRP E 266 17.94 40.00 23.46
C TRP E 266 19.35 39.56 23.87
N ILE E 267 20.17 39.17 22.92
CA ILE E 267 21.54 38.73 23.18
C ILE E 267 22.48 39.81 22.64
N ASN E 268 23.64 39.95 23.31
CA ASN E 268 24.59 41.00 22.94
C ASN E 268 25.10 40.80 21.51
N TYR E 269 25.39 41.92 20.86
CA TYR E 269 25.81 41.88 19.45
C TYR E 269 27.11 41.10 19.28
N ASP E 270 28.01 41.17 20.25
CA ASP E 270 29.30 40.49 20.12
C ASP E 270 29.20 38.98 20.31
N ALA E 271 28.05 38.46 20.74
CA ALA E 271 27.86 37.01 20.85
C ALA E 271 27.47 36.46 19.48
N SER E 272 28.45 36.49 18.57
CA SER E 272 28.20 36.08 17.19
C SER E 272 27.93 34.59 17.10
N ALA E 273 28.68 33.77 17.85
CA ALA E 273 28.48 32.33 17.81
C ALA E 273 27.08 31.95 18.28
N ALA E 274 26.61 32.58 19.35
CA ALA E 274 25.30 32.25 19.89
C ALA E 274 24.16 32.70 18.98
N ARG E 275 24.27 33.90 18.41
CA ARG E 275 23.19 34.42 17.58
C ARG E 275 23.15 33.78 16.20
N VAL E 276 24.31 33.41 15.65
CA VAL E 276 24.32 32.68 14.39
C VAL E 276 23.79 31.26 14.58
N ALA E 277 24.19 30.60 15.67
CA ALA E 277 23.69 29.25 15.94
C ALA E 277 22.17 29.25 16.09
N LEU E 278 21.64 30.22 16.82
CA LEU E 278 20.20 30.34 16.97
C LEU E 278 19.52 30.67 15.65
N GLY E 279 20.11 31.58 14.88
CA GLY E 279 19.50 31.98 13.62
C GLY E 279 19.49 30.88 12.57
N ILE E 280 20.59 30.14 12.46
CA ILE E 280 20.68 29.09 11.46
C ILE E 280 19.84 27.89 11.86
N THR E 281 19.78 27.58 13.15
CA THR E 281 18.99 26.44 13.60
C THR E 281 17.51 26.67 13.35
N THR E 282 17.04 27.90 13.52
CA THR E 282 15.63 28.19 13.20
C THR E 282 15.37 28.11 11.70
N VAL E 283 16.35 28.45 10.87
CA VAL E 283 16.21 28.26 9.43
C VAL E 283 16.16 26.78 9.10
N LEU E 284 17.04 25.98 9.71
CA LEU E 284 17.04 24.55 9.48
C LEU E 284 15.75 23.90 9.96
N THR E 285 15.21 24.38 11.09
CA THR E 285 13.98 23.80 11.63
C THR E 285 12.80 24.01 10.69
N MET E 286 12.72 25.20 10.07
CA MET E 286 11.65 25.47 9.13
C MET E 286 11.72 24.54 7.93
N THR E 287 12.93 24.15 7.52
CA THR E 287 13.07 23.23 6.41
C THR E 287 12.56 21.83 6.78
N THR E 288 12.81 21.40 8.01
CA THR E 288 12.34 20.08 8.44
C THR E 288 10.82 20.02 8.47
N ILE E 289 10.17 21.11 8.92
CA ILE E 289 8.72 21.13 8.98
C ILE E 289 8.12 21.03 7.58
N ASN E 290 8.69 21.77 6.62
CA ASN E 290 8.19 21.73 5.25
C ASN E 290 8.49 20.39 4.60
N THR E 291 9.66 19.82 4.86
CA THR E 291 10.03 18.54 4.25
C THR E 291 9.04 17.44 4.64
N HIS E 292 8.71 17.36 5.94
CA HIS E 292 7.75 16.36 6.38
CA HIS E 292 7.75 16.37 6.39
C HIS E 292 6.39 16.58 5.75
N LEU E 293 5.94 17.83 5.69
CA LEU E 293 4.66 18.14 5.07
C LEU E 293 4.70 17.84 3.57
N ARG E 294 5.84 18.11 2.93
CA ARG E 294 5.96 17.86 1.49
C ARG E 294 5.83 16.37 1.17
N GLU E 295 6.39 15.51 2.01
CA GLU E 295 6.38 14.07 1.76
C GLU E 295 4.99 13.44 1.89
N THR E 296 4.01 14.16 2.44
CA THR E 296 2.67 13.63 2.62
C THR E 296 1.68 14.16 1.60
N LEU E 297 2.16 14.83 0.55
CA LEU E 297 1.27 15.54 -0.36
C LEU E 297 1.65 15.23 -1.80
N PRO E 298 0.69 15.33 -2.72
CA PRO E 298 1.01 15.21 -4.14
C PRO E 298 1.77 16.43 -4.65
N LYS E 299 2.55 16.21 -5.70
CA LYS E 299 3.36 17.27 -6.30
C LYS E 299 2.45 18.16 -7.14
N ILE E 300 1.96 19.22 -6.52
CA ILE E 300 1.07 20.16 -7.21
C ILE E 300 1.87 21.38 -7.66
N PRO E 301 1.50 22.01 -8.77
CA PRO E 301 2.34 23.09 -9.31
C PRO E 301 2.11 24.46 -8.68
N TYR E 302 1.04 24.65 -7.92
CA TYR E 302 0.71 25.96 -7.38
C TYR E 302 1.08 26.03 -5.89
N VAL E 303 0.79 27.17 -5.28
CA VAL E 303 1.05 27.41 -3.88
C VAL E 303 -0.23 27.13 -3.10
N LYS E 304 -0.12 26.28 -2.09
CA LYS E 304 -1.22 26.01 -1.17
C LYS E 304 -1.20 27.02 -0.02
N ALA E 305 -2.30 27.06 0.73
CA ALA E 305 -2.37 28.01 1.84
C ALA E 305 -1.31 27.70 2.89
N ILE E 306 -1.08 26.42 3.18
CA ILE E 306 -0.07 26.04 4.16
C ILE E 306 1.32 26.39 3.65
N ASP E 307 1.57 26.29 2.35
CA ASP E 307 2.84 26.72 1.79
C ASP E 307 3.07 28.21 2.01
N MET E 308 2.00 29.00 1.83
CA MET E 308 2.10 30.44 2.04
C MET E 308 2.49 30.77 3.48
N TYR E 309 2.02 29.97 4.44
CA TYR E 309 2.35 30.23 5.83
C TYR E 309 3.80 29.88 6.14
N LEU E 310 4.27 28.73 5.66
CA LEU E 310 5.64 28.31 5.93
C LEU E 310 6.64 29.23 5.23
N MET E 311 6.30 29.71 4.04
CA MET E 311 7.14 30.72 3.40
C MET E 311 7.15 32.01 4.21
N GLY E 312 6.00 32.41 4.74
CA GLY E 312 5.96 33.58 5.60
C GLY E 312 6.78 33.41 6.85
N CYS E 313 6.66 32.26 7.51
CA CYS E 313 7.46 32.01 8.70
C CYS E 313 8.94 31.90 8.36
N PHE E 314 9.28 31.34 7.19
CA PHE E 314 10.67 31.24 6.79
C PHE E 314 11.28 32.62 6.55
N VAL E 315 10.52 33.52 5.93
CA VAL E 315 11.02 34.88 5.69
C VAL E 315 11.28 35.59 7.01
N PHE E 316 10.36 35.46 7.97
CA PHE E 316 10.58 36.06 9.28
C PHE E 316 11.81 35.49 9.97
N VAL E 317 12.00 34.18 9.87
CA VAL E 317 13.17 33.54 10.46
C VAL E 317 14.43 33.94 9.72
N PHE E 318 14.35 34.04 8.39
CA PHE E 318 15.48 34.47 7.59
C PHE E 318 15.85 35.93 7.86
N LEU E 319 14.84 36.80 8.01
CA LEU E 319 15.12 38.21 8.25
C LEU E 319 15.71 38.44 9.64
N ALA E 320 15.33 37.62 10.63
CA ALA E 320 15.94 37.75 11.95
C ALA E 320 17.42 37.42 11.89
N LEU E 321 17.80 36.39 11.13
CA LEU E 321 19.20 36.05 10.98
C LEU E 321 19.95 37.14 10.21
N LEU E 322 19.34 37.67 9.16
CA LEU E 322 19.96 38.77 8.41
C LEU E 322 20.06 40.02 9.27
N GLU E 323 19.18 40.19 10.24
CA GLU E 323 19.25 41.35 11.12
C GLU E 323 20.54 41.35 11.92
N TYR E 324 20.97 40.19 12.41
CA TYR E 324 22.24 40.15 13.14
C TYR E 324 23.41 40.47 12.23
N ALA E 325 23.38 39.98 10.99
CA ALA E 325 24.44 40.30 10.04
C ALA E 325 24.53 41.81 9.81
N PHE E 326 23.38 42.48 9.75
CA PHE E 326 23.36 43.93 9.65
C PHE E 326 23.98 44.56 10.90
N VAL E 327 23.62 44.05 12.08
CA VAL E 327 24.17 44.57 13.33
C VAL E 327 25.67 44.32 13.40
N ASN E 328 26.12 43.13 13.00
CA ASN E 328 27.54 42.80 13.04
C ASN E 328 28.33 43.66 12.07
N TYR E 329 27.79 43.90 10.87
CA TYR E 329 28.49 44.72 9.89
C TYR E 329 28.59 46.16 10.34
N ILE E 330 27.52 46.69 10.95
CA ILE E 330 27.54 48.08 11.39
C ILE E 330 28.57 48.30 12.48
N PHE E 331 28.64 47.39 13.45
CA PHE E 331 29.58 47.56 14.55
C PHE E 331 31.02 47.31 14.09
N PHE E 332 31.25 46.22 13.36
CA PHE E 332 32.61 45.79 13.05
C PHE E 332 33.11 46.32 11.71
N GLY E 333 32.30 46.20 10.65
CA GLY E 333 32.73 46.67 9.36
C GLY E 333 32.56 48.15 9.12
N ARG E 334 31.80 48.83 9.97
CA ARG E 334 31.53 50.25 9.81
C ARG E 334 31.84 51.09 11.04
N GLY E 335 31.91 50.49 12.23
CA GLY E 335 32.25 51.22 13.44
C GLY E 335 33.61 51.89 13.39
N PRO E 336 34.66 51.16 12.95
CA PRO E 336 35.96 51.81 12.75
C PRO E 336 35.92 52.88 11.68
N ASP E 444 23.33 53.48 15.88
CA ASP E 444 23.54 52.77 17.14
C ASP E 444 23.33 51.28 16.97
N VAL E 445 24.26 50.50 17.52
CA VAL E 445 24.16 49.05 17.45
C VAL E 445 23.03 48.55 18.34
N ASN E 446 22.88 49.14 19.53
CA ASN E 446 21.84 48.71 20.45
C ASN E 446 20.46 49.19 20.04
N ALA E 447 20.38 50.25 19.24
CA ALA E 447 19.07 50.71 18.77
C ALA E 447 18.42 49.69 17.86
N ILE E 448 19.20 49.06 16.98
CA ILE E 448 18.64 48.13 16.00
C ILE E 448 18.05 46.90 16.70
N ASP E 449 18.76 46.36 17.69
CA ASP E 449 18.25 45.22 18.43
C ASP E 449 16.98 45.60 19.20
N ARG E 450 16.99 46.76 19.85
CA ARG E 450 15.80 47.20 20.58
C ARG E 450 14.64 47.44 19.62
N TRP E 451 14.93 47.98 18.43
CA TRP E 451 13.89 48.18 17.43
C TRP E 451 13.30 46.86 16.96
N SER E 452 14.15 45.84 16.80
CA SER E 452 13.69 44.55 16.30
C SER E 452 12.81 43.82 17.32
N ARG E 453 13.02 44.07 18.61
CA ARG E 453 12.22 43.42 19.64
C ARG E 453 10.75 43.78 19.54
N ILE E 454 10.42 44.88 18.86
CA ILE E 454 9.04 45.29 18.67
C ILE E 454 8.53 44.94 17.29
N VAL E 455 9.34 45.20 16.26
CA VAL E 455 8.88 45.09 14.88
C VAL E 455 8.62 43.63 14.51
N PHE E 456 9.56 42.74 14.83
CA PHE E 456 9.37 41.33 14.48
C PHE E 456 8.15 40.72 15.15
N PRO E 457 7.93 40.87 16.47
CA PRO E 457 6.66 40.38 17.03
C PRO E 457 5.44 41.07 16.46
N PHE E 458 5.53 42.37 16.16
CA PHE E 458 4.37 43.11 15.67
C PHE E 458 4.05 42.76 14.23
N THR E 459 5.07 42.63 13.38
CA THR E 459 4.83 42.30 11.98
C THR E 459 4.38 40.85 11.83
N PHE E 460 4.90 39.95 12.66
CA PHE E 460 4.50 38.55 12.58
C PHE E 460 3.06 38.36 13.04
N SER E 461 2.64 39.07 14.09
CA SER E 461 1.25 39.03 14.50
C SER E 461 0.36 39.68 13.45
N LEU E 462 0.84 40.75 12.82
CA LEU E 462 0.11 41.37 11.73
C LEU E 462 -0.01 40.44 10.54
N PHE E 463 1.05 39.66 10.27
CA PHE E 463 0.99 38.68 9.19
C PHE E 463 -0.04 37.61 9.48
N ASN E 464 -0.11 37.13 10.72
CA ASN E 464 -1.12 36.14 11.09
C ASN E 464 -2.52 36.71 10.95
N LEU E 465 -2.69 38.01 11.22
CA LEU E 465 -3.99 38.63 11.08
C LEU E 465 -4.48 38.59 9.63
N VAL E 466 -3.62 38.98 8.69
CA VAL E 466 -4.00 38.98 7.28
C VAL E 466 -4.19 37.57 6.78
N TYR E 467 -3.37 36.63 7.24
CA TYR E 467 -3.46 35.25 6.77
C TYR E 467 -4.76 34.59 7.20
N TRP E 468 -5.09 34.66 8.49
CA TRP E 468 -6.24 33.92 8.98
C TRP E 468 -7.55 34.57 8.56
N LEU E 469 -7.57 35.90 8.38
CA LEU E 469 -8.76 36.54 7.85
C LEU E 469 -9.00 36.17 6.39
N TYR E 470 -7.93 35.95 5.63
CA TYR E 470 -8.09 35.62 4.21
C TYR E 470 -8.53 34.17 4.00
N TYR E 471 -8.17 33.26 4.90
CA TYR E 471 -8.44 31.84 4.69
C TYR E 471 -9.52 31.26 5.59
N VAL E 472 -9.78 31.86 6.75
CA VAL E 472 -10.84 31.37 7.62
C VAL E 472 -12.13 32.13 7.34
N GLN F 1 -19.30 21.09 27.69
CA GLN F 1 -19.15 19.78 28.32
C GLN F 1 -20.24 18.84 27.82
N VAL F 2 -19.98 17.54 27.92
CA VAL F 2 -20.93 16.53 27.44
C VAL F 2 -22.10 16.44 28.40
N GLN F 3 -23.31 16.57 27.86
CA GLN F 3 -24.53 16.42 28.65
C GLN F 3 -25.55 15.62 27.86
N LEU F 4 -26.22 14.71 28.54
CA LEU F 4 -27.32 13.94 27.98
C LEU F 4 -28.59 14.28 28.75
N GLN F 5 -29.64 14.64 28.05
CA GLN F 5 -30.89 15.10 28.67
C GLN F 5 -32.04 14.22 28.17
N GLU F 6 -32.59 13.41 29.06
CA GLU F 6 -33.78 12.65 28.75
C GLU F 6 -35.01 13.56 28.76
N SER F 7 -36.00 13.19 27.96
CA SER F 7 -37.29 13.89 27.94
C SER F 7 -38.39 12.86 27.89
N GLY F 8 -39.62 13.32 28.05
CA GLY F 8 -40.76 12.44 28.12
C GLY F 8 -40.91 11.83 29.51
N GLY F 9 -41.80 10.85 29.60
CA GLY F 9 -42.01 10.16 30.85
C GLY F 9 -43.18 10.68 31.66
N GLY F 10 -43.06 10.66 32.98
CA GLY F 10 -44.14 11.07 33.85
C GLY F 10 -45.00 9.90 34.25
N LEU F 11 -46.32 10.06 34.15
CA LEU F 11 -47.27 9.01 34.46
C LEU F 11 -47.98 8.59 33.18
N VAL F 12 -48.17 7.28 33.01
CA VAL F 12 -48.84 6.73 31.84
C VAL F 12 -49.81 5.64 32.29
N GLN F 13 -51.00 5.64 31.73
CA GLN F 13 -51.99 4.61 32.02
C GLN F 13 -51.52 3.26 31.47
N LYS F 14 -51.96 2.18 32.12
CA LYS F 14 -51.54 0.84 31.73
C LYS F 14 -51.89 0.57 30.28
N TYR F 15 -50.92 0.01 29.54
CA TYR F 15 -51.08 -0.20 28.12
C TYR F 15 -50.86 1.04 27.28
N GLY F 16 -50.56 2.18 27.90
CA GLY F 16 -50.33 3.39 27.15
C GLY F 16 -49.00 3.40 26.44
N SER F 17 -48.91 4.25 25.42
CA SER F 17 -47.71 4.40 24.61
C SER F 17 -46.96 5.65 25.05
N LEU F 18 -45.68 5.48 25.36
CA LEU F 18 -44.83 6.58 25.80
C LEU F 18 -43.56 6.59 24.97
N ARG F 19 -43.11 7.77 24.57
CA ARG F 19 -41.88 7.93 23.82
C ARG F 19 -40.89 8.73 24.66
N VAL F 20 -39.71 8.17 24.88
CA VAL F 20 -38.67 8.77 25.71
C VAL F 20 -37.52 9.15 24.80
N SER F 21 -37.14 10.43 24.81
CA SER F 21 -36.11 10.96 23.93
C SER F 21 -34.94 11.48 24.73
N CYS F 22 -33.75 11.34 24.17
CA CYS F 22 -32.51 11.79 24.80
C CYS F 22 -31.80 12.74 23.87
N ALA F 23 -31.37 13.88 24.40
CA ALA F 23 -30.65 14.89 23.64
C ALA F 23 -29.21 14.95 24.14
N ALA F 24 -28.26 14.84 23.22
CA ALA F 24 -26.84 14.85 23.56
C ALA F 24 -26.20 16.13 23.05
N SER F 25 -25.26 16.66 23.82
CA SER F 25 -24.53 17.85 23.44
C SER F 25 -23.14 17.80 24.05
N GLY F 26 -22.24 18.59 23.47
CA GLY F 26 -20.87 18.64 23.92
C GLY F 26 -19.93 17.67 23.25
N ARG F 27 -20.46 16.72 22.47
CA ARG F 27 -19.67 15.72 21.77
C ARG F 27 -20.57 15.01 20.78
N THR F 28 -20.04 14.75 19.58
CA THR F 28 -20.77 14.02 18.56
C THR F 28 -20.65 12.53 18.82
N PHE F 29 -21.80 11.87 18.99
CA PHE F 29 -21.85 10.44 19.30
C PHE F 29 -22.19 9.59 18.09
N THR F 30 -21.78 10.01 16.90
CA THR F 30 -22.07 9.24 15.69
C THR F 30 -21.40 7.88 15.73
N THR F 31 -20.16 7.82 16.19
CA THR F 31 -19.41 6.57 16.26
C THR F 31 -19.59 5.84 17.58
N TYR F 32 -20.37 6.38 18.51
CA TYR F 32 -20.60 5.74 19.80
C TYR F 32 -21.88 4.92 19.77
N ILE F 33 -22.07 4.13 20.83
CA ILE F 33 -23.27 3.34 21.03
C ILE F 33 -24.14 4.07 22.03
N MET F 34 -25.33 4.47 21.60
CA MET F 34 -26.28 5.16 22.47
C MET F 34 -27.30 4.16 22.97
N ALA F 35 -27.41 4.02 24.29
CA ALA F 35 -28.19 2.97 24.92
C ALA F 35 -29.22 3.56 25.88
N TRP F 36 -30.12 2.70 26.34
CA TRP F 36 -31.10 3.04 27.35
C TRP F 36 -31.05 2.01 28.47
N PHE F 37 -31.11 2.50 29.71
CA PHE F 37 -31.14 1.66 30.89
C PHE F 37 -32.27 2.11 31.78
N ARG F 38 -32.75 1.21 32.63
CA ARG F 38 -33.74 1.54 33.63
C ARG F 38 -33.31 0.95 34.97
N GLN F 39 -33.77 1.58 36.05
CA GLN F 39 -33.40 1.17 37.40
C GLN F 39 -34.66 1.14 38.26
N ALA F 40 -35.21 -0.05 38.45
CA ALA F 40 -36.32 -0.20 39.38
C ALA F 40 -35.83 0.08 40.79
N PRO F 41 -36.69 0.60 41.66
CA PRO F 41 -36.27 0.93 43.04
C PRO F 41 -35.76 -0.30 43.76
N GLY F 42 -34.65 -0.13 44.46
CA GLY F 42 -34.01 -1.27 45.13
C GLY F 42 -33.59 -2.35 44.16
N LYS F 43 -32.99 -1.97 43.04
CA LYS F 43 -32.59 -2.93 42.02
C LYS F 43 -31.48 -2.32 41.18
N GLU F 44 -30.70 -3.19 40.55
CA GLU F 44 -29.58 -2.76 39.72
C GLU F 44 -30.08 -2.27 38.37
N ARG F 45 -29.21 -1.53 37.68
CA ARG F 45 -29.53 -1.03 36.35
C ARG F 45 -29.70 -2.19 35.38
N GLU F 46 -30.76 -2.14 34.58
CA GLU F 46 -31.09 -3.18 33.63
C GLU F 46 -30.94 -2.65 32.21
N PHE F 47 -30.13 -3.32 31.41
CA PHE F 47 -30.00 -2.96 30.01
C PHE F 47 -31.34 -3.11 29.30
N LEU F 48 -31.71 -2.12 28.50
CA LEU F 48 -32.95 -2.16 27.73
C LEU F 48 -32.70 -2.24 26.24
N ALA F 49 -31.96 -1.29 25.67
CA ALA F 49 -31.76 -1.25 24.23
C ALA F 49 -30.48 -0.50 23.93
N ALA F 50 -29.96 -0.73 22.73
CA ALA F 50 -28.76 -0.06 22.26
C ALA F 50 -28.84 0.03 20.74
N MET F 51 -28.04 0.94 20.18
CA MET F 51 -28.01 1.13 18.73
C MET F 51 -26.67 1.74 18.38
N ASP F 52 -25.88 1.03 17.58
CA ASP F 52 -24.53 1.47 17.25
C ASP F 52 -24.54 2.32 15.98
N GLN F 53 -23.34 2.62 15.46
CA GLN F 53 -23.23 3.48 14.28
C GLN F 53 -23.86 2.84 13.05
N GLY F 54 -23.89 1.51 12.99
CA GLY F 54 -24.48 0.81 11.86
C GLY F 54 -25.97 0.60 11.93
N ARG F 55 -26.64 1.27 12.86
CA ARG F 55 -28.10 1.17 13.04
C ARG F 55 -28.54 -0.22 13.47
N ILE F 56 -27.68 -0.94 14.19
CA ILE F 56 -28.01 -2.26 14.69
C ILE F 56 -28.62 -2.12 16.07
N GLN F 57 -29.79 -2.72 16.26
CA GLN F 57 -30.54 -2.59 17.50
C GLN F 57 -30.35 -3.85 18.35
N TYR F 58 -29.91 -3.65 19.58
CA TYR F 58 -29.81 -4.70 20.57
C TYR F 58 -30.87 -4.48 21.64
N TYR F 59 -31.40 -5.57 22.19
CA TYR F 59 -32.47 -5.47 23.16
C TYR F 59 -32.25 -6.46 24.29
N GLY F 60 -32.78 -6.11 25.46
CA GLY F 60 -32.91 -7.09 26.52
C GLY F 60 -34.10 -7.99 26.28
N ASP F 61 -34.05 -9.17 26.90
CA ASP F 61 -35.09 -10.18 26.66
C ASP F 61 -36.44 -9.70 27.17
N SER F 62 -36.48 -9.04 28.33
CA SER F 62 -37.75 -8.66 28.93
C SER F 62 -38.47 -7.58 28.13
N VAL F 63 -37.76 -6.81 27.30
CA VAL F 63 -38.36 -5.72 26.54
C VAL F 63 -38.33 -5.97 25.05
N ARG F 64 -37.71 -7.05 24.59
CA ARG F 64 -37.62 -7.32 23.16
C ARG F 64 -39.01 -7.51 22.57
N GLY F 65 -39.28 -6.81 21.46
CA GLY F 65 -40.57 -6.82 20.84
C GLY F 65 -41.56 -5.83 21.40
N ARG F 66 -41.23 -5.14 22.49
CA ARG F 66 -42.10 -4.14 23.10
C ARG F 66 -41.55 -2.73 22.95
N PHE F 67 -40.30 -2.51 23.36
CA PHE F 67 -39.66 -1.21 23.21
C PHE F 67 -38.86 -1.17 21.91
N THR F 68 -38.79 0.02 21.32
CA THR F 68 -38.05 0.24 20.10
C THR F 68 -37.08 1.39 20.29
N ILE F 69 -35.84 1.21 19.86
CA ILE F 69 -34.82 2.24 19.96
C ILE F 69 -34.53 2.76 18.56
N SER F 70 -34.49 4.09 18.43
CA SER F 70 -34.13 4.74 17.17
C SER F 70 -33.15 5.86 17.47
N ARG F 71 -32.37 6.22 16.46
CA ARG F 71 -31.39 7.29 16.58
C ARG F 71 -31.57 8.28 15.44
N ASP F 72 -31.44 9.55 15.77
CA ASP F 72 -31.42 10.62 14.80
C ASP F 72 -29.97 11.11 14.75
N TYR F 73 -29.18 10.49 13.86
CA TYR F 73 -27.75 10.79 13.81
C TYR F 73 -27.50 12.24 13.44
N ALA F 74 -28.39 12.85 12.64
CA ALA F 74 -28.27 14.27 12.35
C ALA F 74 -28.43 15.11 13.60
N LYS F 75 -29.42 14.78 14.44
CA LYS F 75 -29.70 15.51 15.67
C LYS F 75 -28.90 15.02 16.86
N ASN F 76 -28.08 13.98 16.69
CA ASN F 76 -27.26 13.42 17.77
C ASN F 76 -28.13 12.96 18.94
N SER F 77 -29.28 12.36 18.64
CA SER F 77 -30.25 11.98 19.64
C SER F 77 -30.60 10.51 19.51
N VAL F 78 -31.02 9.92 20.62
CA VAL F 78 -31.52 8.55 20.67
C VAL F 78 -32.88 8.54 21.33
N ASP F 79 -33.83 7.83 20.73
CA ASP F 79 -35.20 7.76 21.23
C ASP F 79 -35.57 6.32 21.55
N LEU F 80 -36.42 6.16 22.56
CA LEU F 80 -36.89 4.84 22.99
C LEU F 80 -38.41 4.87 23.06
N GLN F 81 -39.06 4.20 22.12
CA GLN F 81 -40.51 4.09 22.12
C GLN F 81 -40.95 2.98 23.07
N LEU F 82 -41.87 3.31 23.97
CA LEU F 82 -42.36 2.38 24.98
C LEU F 82 -43.79 1.99 24.64
N ASP F 83 -44.02 0.70 24.44
CA ASP F 83 -45.33 0.17 24.11
C ASP F 83 -45.59 -1.09 24.94
N GLY F 84 -46.87 -1.38 25.17
CA GLY F 84 -47.21 -2.45 26.08
C GLY F 84 -46.70 -2.21 27.47
N LEU F 85 -46.84 -0.99 27.98
CA LEU F 85 -46.34 -0.65 29.29
C LEU F 85 -47.15 -1.33 30.39
N ARG F 86 -46.45 -1.80 31.41
CA ARG F 86 -47.05 -2.46 32.56
C ARG F 86 -46.48 -1.85 33.82
N PRO F 87 -47.18 -1.97 34.95
CA PRO F 87 -46.65 -1.42 36.21
C PRO F 87 -45.28 -1.95 36.58
N GLU F 88 -44.91 -3.14 36.11
CA GLU F 88 -43.57 -3.66 36.35
C GLU F 88 -42.51 -2.84 35.63
N ASP F 89 -42.89 -2.06 34.62
CA ASP F 89 -41.96 -1.24 33.86
C ASP F 89 -41.68 0.11 34.50
N THR F 90 -42.30 0.40 35.64
CA THR F 90 -42.07 1.67 36.34
C THR F 90 -40.67 1.68 36.94
N ALA F 91 -39.87 2.65 36.53
CA ALA F 91 -38.49 2.79 36.99
C ALA F 91 -37.98 4.15 36.55
N VAL F 92 -36.69 4.39 36.75
CA VAL F 92 -36.00 5.56 36.23
C VAL F 92 -35.22 5.14 34.99
N TYR F 93 -35.53 5.75 33.86
CA TYR F 93 -34.92 5.39 32.59
C TYR F 93 -33.75 6.32 32.29
N TYR F 94 -32.61 5.74 31.98
CA TYR F 94 -31.36 6.47 31.81
C TYR F 94 -30.88 6.38 30.37
N CYS F 95 -30.43 7.50 29.83
CA CYS F 95 -29.75 7.55 28.55
C CYS F 95 -28.26 7.38 28.78
N ALA F 96 -27.60 6.64 27.89
CA ALA F 96 -26.18 6.39 28.02
C ALA F 96 -25.52 6.37 26.66
N ALA F 97 -24.22 6.63 26.65
CA ALA F 97 -23.42 6.56 25.43
C ALA F 97 -22.03 6.06 25.80
N GLY F 98 -21.45 5.25 24.92
CA GLY F 98 -20.13 4.70 25.20
C GLY F 98 -19.64 3.88 24.02
N ALA F 99 -18.40 3.41 24.16
CA ALA F 99 -17.73 2.64 23.13
C ALA F 99 -17.99 1.14 23.23
N GLY F 100 -18.74 0.70 24.23
CA GLY F 100 -19.08 -0.70 24.37
C GLY F 100 -17.92 -1.65 24.62
N PHE F 101 -16.94 -1.21 25.41
CA PHE F 101 -15.80 -2.06 25.73
C PHE F 101 -16.20 -3.08 26.79
N TRP F 102 -15.84 -4.34 26.54
CA TRP F 102 -16.27 -5.49 27.35
C TRP F 102 -17.79 -5.67 27.36
N GLY F 103 -18.45 -5.28 26.27
CA GLY F 103 -19.87 -5.54 26.12
C GLY F 103 -20.75 -4.31 26.15
N LEU F 104 -21.63 -4.18 25.16
CA LEU F 104 -22.55 -3.06 25.09
C LEU F 104 -23.74 -3.23 26.02
N ARG F 105 -23.92 -4.40 26.63
CA ARG F 105 -25.00 -4.60 27.58
C ARG F 105 -24.59 -4.31 29.02
N THR F 106 -23.29 -4.26 29.29
CA THR F 106 -22.82 -3.90 30.62
C THR F 106 -22.85 -2.39 30.79
N ALA F 107 -23.32 -1.94 31.96
CA ALA F 107 -23.40 -0.50 32.22
C ALA F 107 -22.03 0.13 32.46
N SER F 108 -21.02 -0.66 32.81
CA SER F 108 -19.69 -0.10 33.04
C SER F 108 -19.00 0.30 31.74
N SER F 109 -19.53 -0.07 30.58
CA SER F 109 -18.91 0.29 29.32
C SER F 109 -19.31 1.66 28.82
N TYR F 110 -20.28 2.32 29.45
CA TYR F 110 -20.76 3.61 29.03
C TYR F 110 -20.19 4.70 29.93
N HIS F 111 -19.54 5.68 29.31
CA HIS F 111 -18.91 6.75 30.06
C HIS F 111 -19.83 7.94 30.32
N TYR F 112 -20.84 8.13 29.49
CA TYR F 112 -21.73 9.28 29.58
C TYR F 112 -23.14 8.81 29.93
N TRP F 113 -23.72 9.43 30.94
CA TRP F 113 -25.06 9.06 31.41
C TRP F 113 -25.90 10.31 31.54
N GLY F 114 -27.19 10.16 31.26
CA GLY F 114 -28.13 11.22 31.54
C GLY F 114 -28.52 11.24 33.01
N GLN F 115 -29.24 12.29 33.39
CA GLN F 115 -29.70 12.39 34.76
C GLN F 115 -30.74 11.31 35.09
N GLY F 116 -31.66 11.06 34.17
CA GLY F 116 -32.68 10.05 34.36
C GLY F 116 -34.09 10.59 34.32
N THR F 117 -34.98 9.87 33.65
CA THR F 117 -36.38 10.25 33.52
C THR F 117 -37.24 9.23 34.26
N GLN F 118 -38.10 9.71 35.14
CA GLN F 118 -39.02 8.84 35.86
C GLN F 118 -40.19 8.46 34.96
N VAL F 119 -40.44 7.18 34.82
CA VAL F 119 -41.60 6.65 34.11
C VAL F 119 -42.40 5.82 35.07
N THR F 120 -43.69 6.13 35.20
CA THR F 120 -44.56 5.44 36.14
C THR F 120 -45.83 4.99 35.43
N VAL F 121 -46.27 3.77 35.75
CA VAL F 121 -47.49 3.20 35.20
C VAL F 121 -48.42 2.90 36.37
N SER F 122 -49.60 3.50 36.37
CA SER F 122 -50.54 3.39 37.47
C SER F 122 -51.69 2.47 37.08
N SER F 123 -51.91 1.43 37.89
CA SER F 123 -52.95 0.44 37.63
C SER F 123 -54.08 0.54 38.64
#